data_8XM7
#
_entry.id   8XM7
#
_cell.length_a   1.00
_cell.length_b   1.00
_cell.length_c   1.00
_cell.angle_alpha   90.00
_cell.angle_beta   90.00
_cell.angle_gamma   90.00
#
_symmetry.space_group_name_H-M   'P 1'
#
loop_
_entity.id
_entity.type
_entity.pdbx_description
1 polymer 'Engulfment and cell motility protein 1'
2 polymer 'Dedicator of cytokinesis protein 5'
3 polymer 'Rho-related GTP-binding protein RhoG'
4 non-polymer 'MAGNESIUM ION'
5 non-polymer "GUANOSINE-5'-TRIPHOSPHATE"
#
loop_
_entity_poly.entity_id
_entity_poly.type
_entity_poly.pdbx_seq_one_letter_code
_entity_poly.pdbx_strand_id
1 'polypeptide(L)'
;GGSGGSMPPPADIVKVAIEWPGAYPKLMEIDQKKPLSAIIKEVCDGWSLANHEYFALQHADSSNFYITEKNRNEIKNGTI
LRLTTSPAQNAQQLHERIQSSSMDAKLEALKDLASLSRDVTFAQEFINLDGISLLTQMVESGTERYQKLQKIMKPCFGDM
LSFTLTAFVELMDHGIVSWDTFSVAFIKKIASFVNKSAIDISILQRSLAILESMVLNSHDLYQKVAQEITIGQLIPHLQG
SDQEIQTYTIAVINALFLKAPDERRQEMANILAQKQLRSIILTHVIRAQRAINNEMAHQLYVLQVLTFNLLEDRMMTKMD
PQDQAQRDIIFELRRIAFDAESEPNNSSGSMEKRKSMYTRDYKKLGFINHVNPAMDFTQTPPGMLALDNMLYFAKHHQDA
YIRIVLENSSREDKHECPFGRSSIELTKMLCEILKVGELPSETCNDFHPMFFTHDRSFEEFFCICIQLLNKTWKEMRATS
EDFNKVMQVVKEQVMRALTTKPSSLDQFKSKLQNLSYTEILKIRQSERMNQEDFQSRPILELKEKIQPEILELIKQQRLN
RLVEGTCFRKLNARRRQDKFWYCRLSPNHKVLHYGDLEESPQGEVPHDSLQDKLPVADIKAVVTGKDCPHMKEKGALKQN
KEVLELAFSILYDSNCQLNFIAPDKHEYCIWTDGLNALLGKDMMSDLTRNDLDTLLSMEIKLRLLDLENIQIPDAPPPIP
KEPSNYDFVYDCN
;
A
2 'polypeptide(L)'
;GGSGGSMARWIPTKRQKYGVAIYNYNASQDVELSLQIGDTVHILEMYEGWYRGYTLQNKSKKGIFPETYIHLKEATVEDL
GQHETVIPGELPLVQELTSTLREWAVIWRKLYVNNKLTLFRQLQQMTYSLIEWRSQILSGTLPKDELAELKKKVTAKIDH
GNRMLGLDLVVRDDNGNILDPDETSTIALFKAHEVASKRIEEKIQEEKSILQNLDLRGQSIFSTIHTYGLYVNFKNFVCN
IGEDAELFMALYDPDQSTFISENYLIRWGSNGMPKEIEKLNNLQAVFTDLSSMDLIRPRVSLVCQIVRVGHMELKEGKKH
TCGLRRPFGVAVMDITDIIHGKVDDEEKQHFIPFQQIAMETYIRQRQLIMSPLITSHVIGENEPLTSVLNKVIAAKEVNH
KGQGLWVSLKLLPGDLTQVQKNFSHLVDRSTAIARKMGFPEIILPGDVRNDIYVTLIHGEFDKGKKKTPKNVEVTMSVHD
EEGKLLEKAIHPGAGYEGISEYKSVVYYQVKQPCWYETVKVSIAIEEVTRCHIRFTFRHRSSQETRDKSERAFGVAFVKL
MNPDGTTLQDGRHDLVVYKGDNKKMEDAKFYLTLPGTKMEMEEKELQASKNLVTFTPSKDSTKDSFQIATLICSTKLTQN
VDLLGLLNWRSNSQNIKHNLKKLMEVDGGEIVKFLQDTLDALFNIMMEMSDSETYDFLVFDALVFIISLIGDIKFQHFNP
VLETYIYKHFSATLAYVKLSKVLNFYVANADDSSKTELLFAALKALKYLFRFIIQSRVLYLRFYGQSKDGDEFNNSIRQL
FLAFNMLMDRPLEEAVKIKGAALKYLPSIINDVKLVFDPVELSVLFCKFIQSIPDNQLVRQKLNCMTKIVESTLFRQSEC
REVLLPLLTDQLSGQLDDNSNKPDHEASSQLLSNILEVLDRKDVGATAVHIQLIMERLLRRINRTVIGMNRQSPHIGSFV
ACMIALLQQMDDSHYSHYISTFKTRQDIIDFLMETFIMFKDLIGKNVYAKDWMVMNMTQNRVFLRAINQFAEVLTRFFMD
QASFELQLWNNYFHLAVAFLTHESLQLETFSQAKRNKIVKKYGDMRKEIGFRIRDMWYNLGPHKIKFIPSMVGPILEVTL
TPEVELRKATIPIFFDMMQCEFNFSGNGNFHMFENELITKLDQEVEGGRGDEQYKVLLEKLLLEHCRKHKYLSSSGEVFA
LLVSSLLENLLDYRTIIMQDESKENRMSCTVNVLNFYKEKKREDIYIRYLYKLRDLHRDCENYTEAAYTLLLHAELLQWS
DKPCVPHLLQRDSYYVYTQQELKEKLYQEIISYFDKGKMWEKAIKLSKELAETYESKVFDYEGLGNLLKKRASFYENIIK
AMRPQPEYFAVGYYGQGFPSFLRNKIFIYRGKEYERREDFSLRLLTQFPNAEKMTSTTPPGEDIKSSPKQYMQCFTVKPV
MSLPPSYKDKPVPEQILNYYRANEVQQFRYSRPFRKGEKDPDNEFATMWIERTTYTTAYTFPGILKWFEVKQISTEEISP
LENAIETMELTNERISNCVQQHAWDRSLSVHPLSMLLSGIVDPAVMGGFSNYEKAFFTEKYLQEHPEDQEKVELLKRLIA
LQMPLLTEGIRIHGEKLTEQLKPLHERLSSCFRELKEKVEKHYGVITL
;
B
3 'polypeptide(L)'
;GSSGSSGMQSIKCVVVGDGAVGKTCLLICYTTNAFPKEYIPTVFDNYSAQSAVDGRTVNLNLWDTAGLEEYDRLRTLSYP
QTNVFVICFSIASPPSYENVRHKWHPEVCHHCPDVPILLVGTKKDLRAQPDTLRRLKEQGQAPITPQQGQALAKQIHAVR
YLECSALQQDGVKEVFAEAVRAVLNPTPIKRSGPSSGENLYFQ
;
D
#
loop_
_chem_comp.id
_chem_comp.type
_chem_comp.name
_chem_comp.formula
GTP non-polymer GUANOSINE-5'-TRIPHOSPHATE 'C10 H16 N5 O14 P3'
MG non-polymer 'MAGNESIUM ION' 'Mg 2'
#
# COMPACT_ATOMS: atom_id res chain seq x y z
N MET A 7 29.65 -22.70 -2.83
CA MET A 7 30.12 -23.81 -3.67
C MET A 7 31.25 -23.42 -4.64
N PRO A 8 31.12 -22.29 -5.36
CA PRO A 8 32.17 -21.90 -6.31
C PRO A 8 33.50 -21.68 -5.60
N PRO A 9 34.61 -21.95 -6.29
CA PRO A 9 35.92 -21.49 -5.81
C PRO A 9 36.06 -20.00 -6.01
N PRO A 10 37.13 -19.37 -5.50
CA PRO A 10 37.26 -17.91 -5.65
C PRO A 10 37.57 -17.50 -7.08
N ALA A 11 37.85 -16.21 -7.28
CA ALA A 11 38.29 -15.76 -8.60
C ALA A 11 39.69 -16.29 -8.83
N ASP A 12 39.78 -17.38 -9.59
CA ASP A 12 41.03 -18.13 -9.73
C ASP A 12 42.14 -17.31 -10.36
N ILE A 13 41.82 -16.25 -11.09
CA ILE A 13 42.81 -15.38 -11.71
C ILE A 13 42.69 -14.02 -11.05
N VAL A 14 43.61 -13.72 -10.14
CA VAL A 14 43.49 -12.54 -9.30
C VAL A 14 44.64 -11.57 -9.62
N LYS A 15 44.29 -10.31 -9.84
CA LYS A 15 45.23 -9.28 -10.30
C LYS A 15 45.93 -8.70 -9.08
N VAL A 16 47.04 -9.33 -8.69
CA VAL A 16 47.69 -8.97 -7.43
C VAL A 16 49.16 -8.67 -7.67
N ALA A 17 49.72 -7.86 -6.79
CA ALA A 17 51.14 -7.64 -6.73
C ALA A 17 51.84 -8.81 -6.06
N ILE A 18 52.98 -9.19 -6.60
CA ILE A 18 53.86 -10.16 -5.96
C ILE A 18 55.17 -9.46 -5.63
N GLU A 19 55.57 -9.60 -4.36
CA GLU A 19 56.74 -8.91 -3.83
C GLU A 19 57.73 -9.92 -3.30
N TRP A 20 58.88 -9.42 -2.89
CA TRP A 20 59.94 -10.19 -2.28
C TRP A 20 60.96 -9.19 -1.78
N PRO A 21 61.54 -9.42 -0.59
CA PRO A 21 62.65 -8.56 -0.14
C PRO A 21 63.68 -8.32 -1.21
N GLY A 22 63.83 -7.05 -1.58
CA GLY A 22 64.68 -6.66 -2.68
C GLY A 22 63.99 -6.65 -4.02
N ALA A 23 62.84 -7.30 -4.15
CA ALA A 23 62.18 -7.47 -5.44
C ALA A 23 61.15 -6.38 -5.69
N TYR A 24 61.29 -5.71 -6.82
CA TYR A 24 60.23 -4.85 -7.33
C TYR A 24 58.97 -5.68 -7.55
N PRO A 25 57.85 -5.30 -6.93
CA PRO A 25 56.61 -6.07 -7.10
C PRO A 25 56.18 -6.09 -8.55
N LYS A 26 55.60 -7.22 -8.96
CA LYS A 26 55.01 -7.30 -10.30
C LYS A 26 53.55 -7.63 -10.12
N LEU A 27 52.67 -6.82 -10.71
CA LEU A 27 51.23 -7.07 -10.59
C LEU A 27 50.81 -7.99 -11.72
N MET A 28 50.78 -9.26 -11.40
CA MET A 28 50.40 -10.32 -12.32
C MET A 28 49.05 -10.89 -11.92
N GLU A 29 48.46 -11.63 -12.86
CA GLU A 29 47.15 -12.21 -12.68
C GLU A 29 47.34 -13.67 -12.29
N ILE A 30 47.58 -13.88 -10.99
CA ILE A 30 47.95 -15.19 -10.48
C ILE A 30 46.79 -16.18 -10.59
N ASP A 31 47.10 -17.39 -11.04
CA ASP A 31 46.19 -18.54 -11.04
C ASP A 31 46.24 -19.20 -9.67
N GLN A 32 45.08 -19.67 -9.19
CA GLN A 32 44.99 -20.10 -7.79
C GLN A 32 44.59 -21.56 -7.63
N LYS A 33 44.02 -22.19 -8.66
CA LYS A 33 43.74 -23.62 -8.56
C LYS A 33 45.01 -24.45 -8.66
N LYS A 34 46.06 -23.90 -9.26
CA LYS A 34 47.31 -24.61 -9.35
C LYS A 34 47.83 -24.91 -7.94
N PRO A 35 48.49 -26.05 -7.75
CA PRO A 35 49.17 -26.27 -6.47
C PRO A 35 50.13 -25.13 -6.18
N LEU A 36 50.09 -24.66 -4.94
CA LEU A 36 50.77 -23.41 -4.62
C LEU A 36 52.29 -23.55 -4.71
N SER A 37 52.80 -24.77 -4.66
CA SER A 37 54.25 -24.97 -4.80
C SER A 37 54.74 -24.41 -6.13
N ALA A 38 54.01 -24.68 -7.22
CA ALA A 38 54.41 -24.17 -8.53
C ALA A 38 54.26 -22.66 -8.62
N ILE A 39 53.24 -22.10 -7.97
CA ILE A 39 53.10 -20.65 -7.95
C ILE A 39 54.28 -20.02 -7.22
N ILE A 40 54.69 -20.62 -6.11
CA ILE A 40 55.90 -20.17 -5.43
C ILE A 40 57.10 -20.30 -6.37
N LYS A 41 57.15 -21.39 -7.13
CA LYS A 41 58.24 -21.57 -8.07
C LYS A 41 58.31 -20.42 -9.07
N GLU A 42 57.19 -20.10 -9.70
CA GLU A 42 57.19 -19.03 -10.70
C GLU A 42 57.48 -17.68 -10.06
N VAL A 43 56.99 -17.47 -8.83
CA VAL A 43 57.29 -16.22 -8.13
C VAL A 43 58.79 -16.10 -7.88
N CYS A 44 59.40 -17.18 -7.41
CA CYS A 44 60.84 -17.19 -7.20
C CYS A 44 61.58 -16.90 -8.49
N ASP A 45 61.20 -17.63 -9.55
CA ASP A 45 61.75 -17.41 -10.87
C ASP A 45 61.66 -15.95 -11.28
N GLY A 46 60.58 -15.27 -10.90
CA GLY A 46 60.45 -13.86 -11.18
C GLY A 46 61.57 -13.02 -10.59
N TRP A 47 62.09 -13.40 -9.43
CA TRP A 47 63.28 -12.76 -8.88
C TRP A 47 64.51 -13.62 -9.14
N SER A 48 64.47 -14.40 -10.23
CA SER A 48 65.59 -15.26 -10.61
C SER A 48 65.95 -16.22 -9.49
N LEU A 49 64.93 -16.78 -8.84
CA LEU A 49 65.13 -17.61 -7.67
C LEU A 49 64.65 -19.04 -7.93
N ALA A 50 65.39 -19.99 -7.36
CA ALA A 50 65.01 -21.38 -7.21
C ALA A 50 64.54 -21.62 -5.77
N ASN A 51 64.42 -22.88 -5.39
CA ASN A 51 64.17 -23.29 -3.99
C ASN A 51 62.76 -22.90 -3.53
N HIS A 52 61.74 -23.20 -4.34
CA HIS A 52 60.40 -22.71 -4.03
C HIS A 52 59.89 -23.28 -2.71
N GLU A 53 60.12 -24.57 -2.45
CA GLU A 53 59.65 -25.12 -1.18
C GLU A 53 60.43 -24.54 -0.01
N TYR A 54 61.58 -23.94 -0.29
CA TYR A 54 62.38 -23.30 0.74
C TYR A 54 61.90 -21.89 1.03
N PHE A 55 60.86 -21.42 0.37
CA PHE A 55 60.41 -20.05 0.51
C PHE A 55 58.88 -19.99 0.36
N ALA A 56 58.26 -19.06 1.05
CA ALA A 56 56.81 -18.95 1.07
C ALA A 56 56.37 -17.56 0.66
N LEU A 57 55.36 -17.51 -0.20
CA LEU A 57 54.61 -16.27 -0.37
C LEU A 57 53.75 -16.04 0.85
N GLN A 58 53.42 -14.77 1.09
CA GLN A 58 52.55 -14.42 2.19
C GLN A 58 51.82 -13.14 1.83
N HIS A 59 50.75 -12.86 2.55
CA HIS A 59 50.13 -11.54 2.46
C HIS A 59 51.16 -10.49 2.78
N ALA A 60 51.50 -9.66 1.77
CA ALA A 60 52.31 -8.48 2.06
C ALA A 60 51.56 -7.52 2.96
N ASP A 61 50.26 -7.76 3.13
CA ASP A 61 49.42 -7.10 4.10
C ASP A 61 49.78 -7.58 5.51
N SER A 62 48.99 -7.14 6.49
CA SER A 62 49.35 -7.22 7.90
C SER A 62 49.72 -8.62 8.37
N SER A 63 49.05 -9.65 7.86
CA SER A 63 49.21 -10.98 8.44
C SER A 63 50.65 -11.44 8.41
N ASN A 64 51.33 -11.23 7.28
CA ASN A 64 52.56 -11.92 6.96
C ASN A 64 52.40 -13.43 7.01
N PHE A 65 51.16 -13.91 6.86
CA PHE A 65 50.88 -15.34 6.99
C PHE A 65 51.27 -16.03 5.70
N TYR A 66 52.24 -16.94 5.79
CA TYR A 66 52.80 -17.59 4.62
C TYR A 66 51.70 -18.35 3.92
N ILE A 67 51.34 -17.87 2.74
CA ILE A 67 50.20 -18.44 2.03
C ILE A 67 50.49 -19.90 1.74
N THR A 68 49.61 -20.77 2.21
CA THR A 68 49.61 -22.18 1.86
C THR A 68 48.50 -22.43 0.86
N GLU A 69 48.25 -23.70 0.59
CA GLU A 69 47.15 -24.11 -0.28
C GLU A 69 45.82 -23.68 0.34
N LYS A 70 45.81 -23.45 1.65
CA LYS A 70 44.60 -23.21 2.44
C LYS A 70 44.05 -21.80 2.32
N ASN A 71 44.88 -20.78 2.49
CA ASN A 71 44.41 -19.39 2.58
C ASN A 71 44.57 -18.61 1.28
N ARG A 72 44.88 -19.27 0.17
CA ARG A 72 45.02 -18.58 -1.10
C ARG A 72 43.68 -18.07 -1.64
N ASN A 73 42.58 -18.44 -1.00
CA ASN A 73 41.29 -17.83 -1.30
C ASN A 73 41.19 -16.41 -0.74
N GLU A 74 42.15 -15.99 0.08
CA GLU A 74 42.04 -14.69 0.76
C GLU A 74 42.85 -13.59 0.08
N ILE A 75 43.29 -13.79 -1.16
CA ILE A 75 44.02 -12.75 -1.89
C ILE A 75 43.08 -12.00 -2.82
N LYS A 76 42.77 -10.76 -2.46
CA LYS A 76 41.86 -9.91 -3.21
C LYS A 76 42.60 -9.18 -4.34
N ASN A 77 41.82 -8.65 -5.28
CA ASN A 77 42.41 -7.81 -6.32
C ASN A 77 43.00 -6.57 -5.69
N GLY A 78 44.33 -6.50 -5.67
CA GLY A 78 45.05 -5.48 -4.95
C GLY A 78 45.75 -5.98 -3.70
N THR A 79 45.41 -7.18 -3.23
CA THR A 79 46.13 -7.78 -2.12
C THR A 79 47.55 -8.09 -2.54
N ILE A 80 48.50 -7.32 -2.04
CA ILE A 80 49.90 -7.51 -2.38
C ILE A 80 50.38 -8.81 -1.77
N LEU A 81 51.08 -9.61 -2.57
CA LEU A 81 51.77 -10.80 -2.09
C LEU A 81 53.26 -10.52 -2.04
N ARG A 82 53.89 -10.96 -0.95
CA ARG A 82 55.32 -10.78 -0.76
C ARG A 82 55.97 -12.13 -0.55
N LEU A 83 57.02 -12.39 -1.31
CA LEU A 83 57.80 -13.60 -1.10
C LEU A 83 58.68 -13.43 0.13
N THR A 84 59.04 -14.54 0.76
CA THR A 84 59.99 -14.54 1.86
C THR A 84 60.44 -15.97 2.09
N THR A 85 61.26 -16.17 3.12
CA THR A 85 61.62 -17.53 3.49
C THR A 85 60.38 -18.30 3.93
N SER A 86 60.37 -19.60 3.63
CA SER A 86 59.20 -20.43 3.90
C SER A 86 58.98 -20.53 5.40
N PRO A 87 57.76 -20.84 5.84
CA PRO A 87 57.51 -20.89 7.28
C PRO A 87 58.46 -21.83 7.99
N ALA A 88 58.85 -22.91 7.31
CA ALA A 88 59.92 -23.77 7.82
C ALA A 88 61.25 -23.05 7.85
N GLN A 89 61.56 -22.26 6.81
CA GLN A 89 62.85 -21.57 6.79
C GLN A 89 62.87 -20.39 7.75
N ASN A 90 61.77 -19.67 7.87
CA ASN A 90 61.68 -18.68 8.94
C ASN A 90 61.81 -19.37 10.30
N ALA A 91 61.11 -20.49 10.47
CA ALA A 91 61.17 -21.22 11.73
C ALA A 91 62.60 -21.62 12.06
N GLN A 92 63.33 -22.11 11.07
CA GLN A 92 64.68 -22.56 11.36
C GLN A 92 65.60 -21.37 11.62
N GLN A 93 65.70 -20.44 10.67
CA GLN A 93 66.46 -19.22 10.89
C GLN A 93 66.25 -18.71 12.31
N LEU A 94 64.98 -18.57 12.70
CA LEU A 94 64.67 -18.33 14.10
C LEU A 94 65.44 -19.27 15.02
N HIS A 95 65.21 -20.58 14.91
CA HIS A 95 65.64 -21.45 16.00
C HIS A 95 67.15 -21.43 16.19
N GLU A 96 67.93 -21.47 15.10
CA GLU A 96 69.37 -21.39 15.30
C GLU A 96 69.80 -19.98 15.69
N ARG A 97 68.93 -18.99 15.50
CA ARG A 97 69.21 -17.72 16.15
C ARG A 97 68.74 -17.70 17.60
N ILE A 98 67.86 -18.62 17.96
CA ILE A 98 67.12 -18.57 19.21
C ILE A 98 67.91 -19.28 20.31
N GLN A 99 68.30 -20.53 20.07
CA GLN A 99 69.12 -21.21 21.06
C GLN A 99 70.50 -20.58 21.18
N SER A 100 70.85 -19.70 20.24
CA SER A 100 72.13 -19.01 20.24
C SER A 100 72.22 -18.03 21.41
N SER A 101 73.32 -17.28 21.46
CA SER A 101 73.60 -16.43 22.60
C SER A 101 73.81 -14.95 22.26
N SER A 102 74.16 -14.61 21.02
CA SER A 102 74.44 -13.21 20.70
C SER A 102 73.15 -12.41 20.81
N MET A 103 73.16 -11.42 21.69
CA MET A 103 71.92 -10.92 22.27
C MET A 103 71.05 -10.19 21.26
N ASP A 104 71.52 -9.05 20.72
CA ASP A 104 70.65 -8.20 19.90
C ASP A 104 70.00 -8.99 18.77
N ALA A 105 70.74 -9.95 18.22
CA ALA A 105 70.16 -10.85 17.24
C ALA A 105 69.02 -11.66 17.85
N LYS A 106 69.20 -12.12 19.09
CA LYS A 106 68.13 -12.83 19.79
C LYS A 106 66.94 -11.90 20.01
N LEU A 107 67.21 -10.63 20.33
CA LEU A 107 66.14 -9.67 20.58
C LEU A 107 65.28 -9.51 19.34
N GLU A 108 65.91 -9.29 18.19
CA GLU A 108 65.15 -9.15 16.96
C GLU A 108 64.38 -10.44 16.64
N ALA A 109 65.08 -11.57 16.63
CA ALA A 109 64.42 -12.84 16.32
C ALA A 109 63.32 -13.16 17.32
N LEU A 110 63.41 -12.57 18.51
CA LEU A 110 62.50 -12.95 19.59
C LEU A 110 61.23 -12.11 19.55
N LYS A 111 61.39 -10.80 19.37
CA LYS A 111 60.24 -9.98 19.00
C LYS A 111 59.52 -10.58 17.81
N ASP A 112 60.27 -11.06 16.81
CA ASP A 112 59.63 -11.53 15.59
C ASP A 112 58.97 -12.89 15.80
N LEU A 113 59.56 -13.77 16.61
CA LEU A 113 58.89 -15.01 16.97
C LEU A 113 57.61 -14.73 17.74
N ALA A 114 57.66 -13.76 18.65
CA ALA A 114 56.44 -13.27 19.26
C ALA A 114 55.39 -12.95 18.21
N SER A 115 55.70 -11.99 17.33
CA SER A 115 54.71 -11.49 16.39
C SER A 115 54.21 -12.61 15.46
N LEU A 116 55.11 -13.48 15.00
CA LEU A 116 54.76 -14.51 14.02
C LEU A 116 54.21 -15.78 14.66
N SER A 117 54.19 -15.86 15.99
CA SER A 117 53.74 -17.08 16.64
C SER A 117 52.31 -17.42 16.25
N ARG A 118 51.45 -16.41 16.12
CA ARG A 118 50.05 -16.65 15.82
C ARG A 118 49.84 -17.27 14.44
N ASP A 119 50.81 -17.12 13.55
CA ASP A 119 50.76 -17.75 12.23
C ASP A 119 50.73 -19.26 12.39
N VAL A 120 49.61 -19.88 12.00
CA VAL A 120 49.53 -21.34 12.02
C VAL A 120 50.50 -21.94 11.01
N THR A 121 50.61 -21.33 9.83
CA THR A 121 51.49 -21.85 8.79
C THR A 121 52.93 -21.88 9.26
N PHE A 122 53.38 -20.82 9.95
CA PHE A 122 54.70 -20.84 10.56
C PHE A 122 54.75 -21.80 11.75
N ALA A 123 53.71 -21.79 12.58
CA ALA A 123 53.72 -22.59 13.80
C ALA A 123 53.90 -24.06 13.51
N GLN A 124 53.40 -24.55 12.37
CA GLN A 124 53.53 -25.96 12.06
C GLN A 124 54.99 -26.41 12.12
N GLU A 125 55.87 -25.70 11.41
CA GLU A 125 57.27 -26.11 11.33
C GLU A 125 58.11 -25.56 12.47
N PHE A 126 57.70 -24.45 13.11
CA PHE A 126 58.44 -24.07 14.30
C PHE A 126 58.14 -24.97 15.48
N ILE A 127 57.00 -25.69 15.45
CA ILE A 127 56.65 -26.64 16.50
C ILE A 127 57.20 -28.02 16.18
N ASN A 128 57.15 -28.41 14.90
CA ASN A 128 57.92 -29.54 14.42
C ASN A 128 59.39 -29.36 14.79
N LEU A 129 59.86 -28.12 14.74
CA LEU A 129 61.27 -27.82 14.96
C LEU A 129 61.68 -27.97 16.42
N ASP A 130 60.81 -27.56 17.35
CA ASP A 130 61.15 -27.38 18.77
C ASP A 130 62.13 -26.22 18.99
N GLY A 131 61.77 -25.03 18.50
CA GLY A 131 62.53 -23.83 18.78
C GLY A 131 62.07 -23.13 20.05
N ILE A 132 60.93 -23.55 20.58
CA ILE A 132 60.47 -22.99 21.85
C ILE A 132 61.35 -23.48 23.00
N SER A 133 61.77 -24.75 22.95
CA SER A 133 62.79 -25.20 23.88
C SER A 133 64.10 -24.48 23.63
N LEU A 134 64.31 -23.99 22.40
CA LEU A 134 65.47 -23.15 22.16
C LEU A 134 65.30 -21.79 22.85
N LEU A 135 64.06 -21.29 22.94
CA LEU A 135 63.79 -20.18 23.85
C LEU A 135 64.15 -20.55 25.28
N THR A 136 63.76 -21.75 25.69
CA THR A 136 64.08 -22.23 27.03
C THR A 136 65.59 -22.11 27.28
N GLN A 137 66.40 -22.56 26.32
CA GLN A 137 67.84 -22.27 26.37
C GLN A 137 68.10 -20.78 26.52
N MET A 138 67.70 -19.97 25.54
CA MET A 138 68.17 -18.59 25.48
C MET A 138 67.83 -17.79 26.73
N VAL A 139 66.78 -18.16 27.47
CA VAL A 139 66.41 -17.39 28.65
C VAL A 139 66.57 -18.14 29.97
N GLU A 140 67.03 -19.39 29.96
CA GLU A 140 67.41 -19.98 31.25
C GLU A 140 68.89 -20.32 31.33
N SER A 141 69.50 -20.74 30.22
CA SER A 141 70.95 -20.82 30.15
C SER A 141 71.53 -19.49 29.69
N GLY A 142 70.88 -18.84 28.72
CA GLY A 142 71.41 -17.63 28.11
C GLY A 142 71.65 -16.50 29.08
N THR A 143 70.99 -16.53 30.23
CA THR A 143 71.37 -15.62 31.32
C THR A 143 72.75 -15.97 31.87
N GLU A 144 72.96 -17.24 32.21
CA GLU A 144 74.17 -17.64 32.91
C GLU A 144 75.39 -17.74 32.00
N ARG A 145 75.19 -17.86 30.68
CA ARG A 145 76.33 -17.73 29.78
C ARG A 145 76.94 -16.33 29.84
N TYR A 146 76.17 -15.34 30.29
CA TYR A 146 76.48 -13.95 30.02
C TYR A 146 76.28 -13.03 31.22
N GLN A 147 75.86 -13.57 32.38
CA GLN A 147 75.26 -12.72 33.41
C GLN A 147 76.21 -11.64 33.92
N LYS A 148 77.51 -11.79 33.67
CA LYS A 148 78.47 -10.78 34.15
C LYS A 148 78.17 -9.41 33.54
N LEU A 149 77.87 -9.37 32.25
CA LEU A 149 77.44 -8.14 31.61
C LEU A 149 75.93 -7.97 31.63
N GLN A 150 75.18 -9.06 31.79
CA GLN A 150 73.76 -8.94 32.04
C GLN A 150 73.48 -8.15 33.31
N LYS A 151 74.41 -8.15 34.26
CA LYS A 151 74.24 -7.42 35.52
C LYS A 151 73.84 -5.97 35.27
N ILE A 152 74.44 -5.34 34.26
CA ILE A 152 74.06 -3.99 33.87
C ILE A 152 73.10 -3.97 32.69
N MET A 153 73.16 -4.95 31.79
CA MET A 153 72.30 -4.93 30.60
C MET A 153 70.86 -5.34 30.92
N LYS A 154 70.58 -5.77 32.16
CA LYS A 154 69.30 -6.34 32.58
C LYS A 154 68.06 -5.53 32.23
N PRO A 155 68.13 -4.21 31.99
CA PRO A 155 67.01 -3.59 31.25
C PRO A 155 66.75 -4.29 29.93
N CYS A 156 67.79 -4.42 29.11
CA CYS A 156 67.63 -5.03 27.79
C CYS A 156 67.51 -6.55 27.89
N PHE A 157 68.12 -7.18 28.90
CA PHE A 157 67.88 -8.62 29.08
C PHE A 157 66.46 -8.87 29.60
N GLY A 158 65.93 -7.96 30.39
CA GLY A 158 64.54 -8.07 30.78
C GLY A 158 63.62 -7.94 29.58
N ASP A 159 63.93 -6.99 28.69
CA ASP A 159 63.20 -6.90 27.43
C ASP A 159 63.33 -8.19 26.63
N MET A 160 64.54 -8.79 26.67
CA MET A 160 64.76 -10.10 26.06
C MET A 160 63.77 -11.13 26.59
N LEU A 161 63.88 -11.42 27.89
CA LEU A 161 63.09 -12.50 28.47
C LEU A 161 61.59 -12.19 28.36
N SER A 162 61.21 -10.91 28.37
CA SER A 162 59.81 -10.58 28.17
C SER A 162 59.35 -10.91 26.74
N PHE A 163 60.17 -10.59 25.73
CA PHE A 163 59.84 -11.02 24.39
C PHE A 163 59.81 -12.53 24.29
N THR A 164 60.66 -13.21 25.06
CA THR A 164 60.59 -14.67 25.11
C THR A 164 59.27 -15.12 25.70
N LEU A 165 58.81 -14.45 26.75
CA LEU A 165 57.53 -14.76 27.34
C LEU A 165 56.43 -14.62 26.30
N THR A 166 56.49 -13.53 25.53
CA THR A 166 55.54 -13.30 24.44
C THR A 166 55.58 -14.43 23.42
N ALA A 167 56.74 -14.69 22.84
CA ALA A 167 56.84 -15.71 21.80
C ALA A 167 56.43 -17.09 22.33
N PHE A 168 56.90 -17.44 23.52
CA PHE A 168 56.54 -18.67 24.19
C PHE A 168 55.03 -18.83 24.27
N VAL A 169 54.32 -17.91 24.92
CA VAL A 169 52.89 -18.09 25.14
C VAL A 169 52.11 -17.96 23.83
N GLU A 170 52.56 -17.06 22.95
CA GLU A 170 51.90 -16.87 21.66
C GLU A 170 52.10 -18.05 20.74
N LEU A 171 53.01 -18.96 21.09
CA LEU A 171 53.01 -20.28 20.48
C LEU A 171 52.22 -21.29 21.31
N MET A 172 52.22 -21.12 22.64
CA MET A 172 51.52 -22.03 23.52
C MET A 172 50.02 -22.05 23.22
N ASP A 173 49.44 -20.87 23.00
CA ASP A 173 48.00 -20.75 22.77
C ASP A 173 47.50 -21.57 21.59
N HIS A 174 48.37 -21.87 20.62
CA HIS A 174 47.95 -22.69 19.50
C HIS A 174 47.86 -24.16 19.88
N GLY A 175 48.62 -24.57 20.89
CA GLY A 175 48.48 -25.91 21.45
C GLY A 175 49.19 -27.00 20.70
N ILE A 176 49.67 -26.74 19.48
CA ILE A 176 50.44 -27.76 18.77
C ILE A 176 51.77 -28.00 19.48
N VAL A 177 52.34 -26.93 20.06
CA VAL A 177 53.45 -27.07 20.98
C VAL A 177 52.91 -27.25 22.38
N SER A 178 53.54 -28.15 23.13
CA SER A 178 53.10 -28.47 24.47
C SER A 178 53.24 -27.28 25.40
N TRP A 179 52.35 -27.20 26.39
CA TRP A 179 52.47 -26.22 27.46
C TRP A 179 53.64 -26.53 28.39
N ASP A 180 54.30 -27.66 28.20
CA ASP A 180 55.38 -28.11 29.07
C ASP A 180 56.75 -27.61 28.64
N THR A 181 56.83 -26.79 27.58
CA THR A 181 58.14 -26.37 27.09
C THR A 181 58.86 -25.50 28.11
N PHE A 182 58.12 -24.75 28.93
CA PHE A 182 58.77 -23.97 29.98
C PHE A 182 59.29 -24.90 31.06
N SER A 183 60.48 -24.62 31.55
CA SER A 183 61.08 -25.43 32.58
C SER A 183 60.82 -24.79 33.94
N VAL A 184 61.25 -25.48 35.00
CA VAL A 184 61.18 -24.89 36.33
C VAL A 184 62.11 -23.69 36.42
N ALA A 185 63.08 -23.59 35.50
CA ALA A 185 63.87 -22.37 35.41
C ALA A 185 63.07 -21.25 34.77
N PHE A 186 62.18 -21.57 33.82
CA PHE A 186 61.29 -20.55 33.26
C PHE A 186 60.37 -19.99 34.33
N ILE A 187 59.70 -20.88 35.08
CA ILE A 187 58.90 -20.40 36.20
C ILE A 187 59.76 -19.76 37.28
N LYS A 188 61.03 -20.14 37.37
CA LYS A 188 61.93 -19.47 38.31
C LYS A 188 62.13 -18.00 37.92
N LYS A 189 62.31 -17.73 36.63
CA LYS A 189 62.39 -16.36 36.17
C LYS A 189 61.08 -15.62 36.40
N ILE A 190 59.96 -16.30 36.14
CA ILE A 190 58.65 -15.66 36.32
C ILE A 190 58.44 -15.32 37.79
N ALA A 191 58.90 -16.19 38.70
CA ALA A 191 58.88 -15.89 40.12
C ALA A 191 59.77 -14.70 40.47
N SER A 192 60.97 -14.66 39.89
CA SER A 192 61.82 -13.49 40.05
C SER A 192 61.11 -12.22 39.62
N PHE A 193 60.20 -12.31 38.66
CA PHE A 193 59.39 -11.15 38.30
C PHE A 193 58.30 -10.86 39.32
N VAL A 194 57.37 -11.80 39.51
CA VAL A 194 56.18 -11.54 40.31
C VAL A 194 56.55 -11.30 41.77
N ASN A 195 57.54 -12.03 42.28
CA ASN A 195 57.96 -11.86 43.66
C ASN A 195 58.84 -10.64 43.88
N LYS A 196 59.24 -9.94 42.82
CA LYS A 196 60.03 -8.72 42.97
C LYS A 196 59.15 -7.49 42.77
N SER A 197 59.77 -6.32 42.82
CA SER A 197 59.08 -5.05 42.72
C SER A 197 58.69 -4.75 41.28
N ALA A 198 58.27 -3.52 41.05
CA ALA A 198 57.93 -3.08 39.71
C ALA A 198 59.12 -3.23 38.78
N ILE A 199 58.90 -3.86 37.64
CA ILE A 199 59.96 -4.12 36.66
C ILE A 199 59.49 -3.60 35.31
N ASP A 200 60.34 -3.75 34.29
CA ASP A 200 60.00 -3.30 32.94
C ASP A 200 58.63 -3.85 32.56
N ILE A 201 57.73 -2.93 32.21
CA ILE A 201 56.31 -3.22 32.10
C ILE A 201 56.00 -4.36 31.15
N SER A 202 56.80 -4.54 30.10
CA SER A 202 56.62 -5.69 29.23
C SER A 202 56.82 -6.99 30.00
N ILE A 203 57.87 -7.05 30.83
CA ILE A 203 58.16 -8.27 31.56
C ILE A 203 57.04 -8.58 32.52
N LEU A 204 56.66 -7.59 33.34
CA LEU A 204 55.61 -7.82 34.32
C LEU A 204 54.31 -8.22 33.65
N GLN A 205 53.95 -7.50 32.59
CA GLN A 205 52.73 -7.82 31.84
C GLN A 205 52.75 -9.26 31.36
N ARG A 206 53.67 -9.58 30.46
CA ARG A 206 53.60 -10.87 29.81
C ARG A 206 53.89 -11.99 30.80
N SER A 207 54.61 -11.70 31.89
CA SER A 207 54.91 -12.71 32.90
C SER A 207 53.68 -13.02 33.75
N LEU A 208 52.94 -12.00 34.17
CA LEU A 208 51.67 -12.27 34.85
C LEU A 208 50.71 -12.99 33.92
N ALA A 209 50.78 -12.65 32.63
CA ALA A 209 49.99 -13.37 31.64
C ALA A 209 50.38 -14.84 31.59
N ILE A 210 51.68 -15.14 31.62
CA ILE A 210 52.10 -16.53 31.71
C ILE A 210 51.60 -17.15 32.99
N LEU A 211 51.63 -16.40 34.09
CA LEU A 211 51.16 -16.93 35.36
C LEU A 211 49.74 -17.43 35.24
N GLU A 212 48.84 -16.57 34.76
CA GLU A 212 47.46 -16.99 34.61
C GLU A 212 47.33 -18.09 33.55
N SER A 213 48.18 -18.08 32.52
CA SER A 213 48.09 -19.08 31.46
C SER A 213 48.49 -20.46 31.96
N MET A 214 49.62 -20.56 32.64
CA MET A 214 50.08 -21.84 33.16
C MET A 214 49.17 -22.31 34.29
N VAL A 215 48.65 -21.39 35.10
CA VAL A 215 47.60 -21.75 36.04
C VAL A 215 46.42 -22.36 35.28
N LEU A 216 46.08 -21.79 34.13
CA LEU A 216 45.01 -22.33 33.30
C LEU A 216 45.36 -23.68 32.69
N ASN A 217 46.65 -23.93 32.44
CA ASN A 217 47.05 -25.20 31.88
C ASN A 217 46.81 -26.34 32.84
N SER A 218 47.17 -26.15 34.11
CA SER A 218 47.05 -27.22 35.09
C SER A 218 46.74 -26.60 36.44
N HIS A 219 45.80 -27.23 37.15
CA HIS A 219 45.67 -26.99 38.59
C HIS A 219 46.98 -27.34 39.31
N ASP A 220 47.78 -28.23 38.74
CA ASP A 220 49.08 -28.55 39.32
C ASP A 220 50.10 -27.43 39.09
N LEU A 221 50.11 -26.84 37.90
CA LEU A 221 50.93 -25.67 37.67
C LEU A 221 50.50 -24.52 38.58
N TYR A 222 49.19 -24.34 38.74
CA TYR A 222 48.67 -23.38 39.71
C TYR A 222 49.16 -23.68 41.12
N GLN A 223 49.13 -24.95 41.53
CA GLN A 223 49.60 -25.31 42.86
C GLN A 223 51.09 -25.01 43.01
N LYS A 224 51.90 -25.37 42.01
CA LYS A 224 53.34 -25.25 42.15
C LYS A 224 53.82 -23.84 41.81
N VAL A 225 52.91 -22.93 41.43
CA VAL A 225 53.25 -21.52 41.36
C VAL A 225 52.64 -20.74 42.51
N ALA A 226 51.66 -21.32 43.23
CA ALA A 226 51.06 -20.62 44.36
C ALA A 226 52.08 -20.31 45.45
N GLN A 227 53.15 -21.08 45.53
CA GLN A 227 54.26 -20.70 46.40
C GLN A 227 54.87 -19.40 45.93
N GLU A 228 55.00 -19.23 44.61
CA GLU A 228 55.54 -18.00 44.06
C GLU A 228 54.45 -16.96 43.88
N ILE A 229 53.31 -17.35 43.32
CA ILE A 229 52.15 -16.48 43.23
C ILE A 229 51.53 -16.40 44.61
N THR A 230 51.80 -15.32 45.32
CA THR A 230 51.12 -15.02 46.57
C THR A 230 50.35 -13.72 46.41
N ILE A 231 49.29 -13.57 47.22
CA ILE A 231 48.35 -12.47 47.03
C ILE A 231 48.86 -11.15 47.57
N GLY A 232 49.66 -11.17 48.65
CA GLY A 232 50.21 -9.92 49.16
C GLY A 232 51.20 -9.28 48.20
N GLN A 233 52.08 -10.10 47.62
CA GLN A 233 52.94 -9.64 46.53
C GLN A 233 52.15 -9.34 45.27
N LEU A 234 50.92 -9.80 45.20
CA LEU A 234 50.09 -9.64 44.01
C LEU A 234 49.22 -8.39 44.08
N ILE A 235 49.07 -7.81 45.27
CA ILE A 235 48.43 -6.51 45.44
C ILE A 235 49.17 -5.42 44.68
N PRO A 236 50.53 -5.35 44.74
CA PRO A 236 51.22 -4.28 44.00
C PRO A 236 50.91 -4.26 42.52
N HIS A 237 50.62 -5.42 41.94
CA HIS A 237 50.20 -5.45 40.55
C HIS A 237 48.92 -4.67 40.35
N LEU A 238 47.99 -4.78 41.30
CA LEU A 238 46.83 -3.89 41.29
C LEU A 238 47.25 -2.43 41.50
N GLN A 239 48.14 -2.19 42.46
CA GLN A 239 48.53 -0.82 42.78
C GLN A 239 49.26 -0.18 41.61
N GLY A 240 49.88 -0.99 40.76
CA GLY A 240 50.47 -0.48 39.54
C GLY A 240 49.45 0.28 38.74
N SER A 241 49.69 1.59 38.59
CA SER A 241 48.71 2.46 37.92
C SER A 241 48.43 2.02 36.49
N ASP A 242 49.33 1.28 35.85
CA ASP A 242 48.99 0.57 34.65
C ASP A 242 47.81 -0.35 34.91
N GLN A 243 46.70 -0.08 34.22
CA GLN A 243 45.50 -0.88 34.42
C GLN A 243 45.78 -2.36 34.20
N GLU A 244 46.57 -2.68 33.17
CA GLU A 244 46.76 -4.07 32.78
C GLU A 244 47.48 -4.87 33.86
N ILE A 245 48.31 -4.23 34.67
CA ILE A 245 48.88 -4.94 35.81
C ILE A 245 47.78 -5.31 36.80
N GLN A 246 46.80 -4.41 36.98
CA GLN A 246 45.63 -4.73 37.79
C GLN A 246 44.83 -5.87 37.17
N THR A 247 44.65 -5.82 35.86
CA THR A 247 43.93 -6.88 35.18
C THR A 247 44.61 -8.22 35.40
N TYR A 248 45.94 -8.23 35.36
CA TYR A 248 46.68 -9.48 35.50
C TYR A 248 46.69 -9.97 36.94
N THR A 249 46.82 -9.06 37.92
CA THR A 249 46.71 -9.51 39.30
C THR A 249 45.33 -10.10 39.57
N ILE A 250 44.26 -9.49 39.06
CA ILE A 250 42.95 -10.03 39.33
C ILE A 250 42.63 -11.26 38.49
N ALA A 251 43.20 -11.37 37.28
CA ALA A 251 43.05 -12.59 36.51
C ALA A 251 43.72 -13.76 37.23
N VAL A 252 44.91 -13.52 37.78
CA VAL A 252 45.57 -14.54 38.58
C VAL A 252 44.73 -14.86 39.81
N ILE A 253 44.18 -13.85 40.46
CA ILE A 253 43.36 -14.06 41.67
C ILE A 253 42.14 -14.92 41.34
N ASN A 254 41.46 -14.60 40.24
CA ASN A 254 40.27 -15.35 39.87
C ASN A 254 40.61 -16.77 39.47
N ALA A 255 41.76 -16.97 38.80
CA ALA A 255 42.22 -18.32 38.56
C ALA A 255 42.52 -19.06 39.86
N LEU A 256 43.08 -18.35 40.85
CA LEU A 256 43.33 -18.92 42.16
C LEU A 256 42.04 -19.45 42.76
N PHE A 257 41.02 -18.59 42.85
CA PHE A 257 39.75 -18.98 43.44
C PHE A 257 39.02 -20.03 42.63
N LEU A 258 39.15 -19.98 41.30
CA LEU A 258 38.56 -21.01 40.46
C LEU A 258 39.17 -22.37 40.76
N LYS A 259 40.49 -22.41 40.93
CA LYS A 259 41.18 -23.67 41.18
C LYS A 259 41.54 -23.86 42.65
N ALA A 260 41.36 -22.85 43.49
CA ALA A 260 41.52 -23.30 44.87
C ALA A 260 40.34 -24.16 45.27
N PRO A 261 40.56 -25.17 46.11
CA PRO A 261 39.42 -25.94 46.62
C PRO A 261 38.48 -25.04 47.40
N ASP A 262 37.18 -25.36 47.34
CA ASP A 262 36.20 -24.55 48.04
C ASP A 262 36.54 -24.40 49.52
N GLU A 263 37.04 -25.47 50.14
CA GLU A 263 37.54 -25.36 51.51
C GLU A 263 38.66 -24.33 51.59
N ARG A 264 39.66 -24.45 50.71
CA ARG A 264 40.69 -23.42 50.63
C ARG A 264 40.18 -22.15 49.98
N ARG A 265 39.04 -22.21 49.30
CA ARG A 265 38.46 -20.98 48.74
C ARG A 265 37.94 -20.08 49.85
N GLN A 266 37.36 -20.63 50.93
CA GLN A 266 36.99 -19.79 52.06
C GLN A 266 38.22 -19.17 52.71
N GLU A 267 39.29 -19.96 52.83
CA GLU A 267 40.56 -19.43 53.30
C GLU A 267 40.96 -18.21 52.48
N MET A 268 41.13 -18.41 51.17
CA MET A 268 41.55 -17.31 50.30
C MET A 268 40.52 -16.19 50.23
N ALA A 269 39.26 -16.46 50.60
CA ALA A 269 38.27 -15.39 50.73
C ALA A 269 38.50 -14.53 51.94
N ASN A 270 38.79 -15.13 53.09
CA ASN A 270 39.23 -14.32 54.23
C ASN A 270 40.54 -13.60 53.93
N ILE A 271 41.41 -14.24 53.14
CA ILE A 271 42.64 -13.60 52.68
C ILE A 271 42.31 -12.37 51.83
N LEU A 272 41.34 -12.51 50.92
CA LEU A 272 40.91 -11.39 50.08
C LEU A 272 40.33 -10.27 50.94
N ALA A 273 39.52 -10.64 51.93
CA ALA A 273 38.88 -9.64 52.79
C ALA A 273 39.92 -8.86 53.60
N GLN A 274 40.93 -9.55 54.13
CA GLN A 274 41.90 -8.88 54.98
C GLN A 274 42.90 -8.05 54.18
N LYS A 275 43.30 -8.51 52.99
CA LYS A 275 44.20 -7.71 52.16
C LYS A 275 43.50 -6.57 51.44
N GLN A 276 42.20 -6.38 51.69
CA GLN A 276 41.39 -5.27 51.21
C GLN A 276 41.01 -5.39 49.74
N LEU A 277 41.16 -6.57 49.12
CA LEU A 277 40.96 -6.68 47.67
C LEU A 277 39.67 -6.04 47.22
N ARG A 278 38.56 -6.38 47.87
CA ARG A 278 37.28 -5.72 47.59
C ARG A 278 37.43 -4.20 47.66
N SER A 279 37.78 -3.70 48.84
CA SER A 279 37.83 -2.26 49.04
C SER A 279 39.02 -1.61 48.35
N ILE A 280 40.18 -2.26 48.34
CA ILE A 280 41.35 -1.64 47.71
C ILE A 280 41.18 -1.57 46.20
N ILE A 281 40.51 -2.54 45.58
CA ILE A 281 40.16 -2.40 44.17
C ILE A 281 39.08 -1.35 43.97
N LEU A 282 38.11 -1.25 44.88
CA LEU A 282 37.11 -0.19 44.77
C LEU A 282 37.79 1.18 44.75
N THR A 283 38.64 1.45 45.72
CA THR A 283 39.30 2.74 45.80
C THR A 283 40.40 2.92 44.77
N HIS A 284 40.97 1.84 44.25
CA HIS A 284 42.07 1.92 43.31
C HIS A 284 41.70 1.55 41.88
N VAL A 285 40.52 0.97 41.66
CA VAL A 285 40.08 0.73 40.29
C VAL A 285 38.72 1.38 40.07
N ILE A 286 37.70 0.90 40.78
CA ILE A 286 36.33 1.37 40.55
C ILE A 286 36.20 2.84 40.92
N ARG A 287 36.42 3.16 42.19
CA ARG A 287 36.31 4.54 42.65
C ARG A 287 37.65 5.27 42.63
N ALA A 288 38.66 4.71 41.96
CA ALA A 288 39.74 5.54 41.47
C ALA A 288 39.35 6.13 40.11
N GLN A 289 40.30 6.81 39.47
CA GLN A 289 40.02 7.43 38.19
C GLN A 289 40.19 6.48 37.01
N ARG A 290 40.79 5.30 37.23
CA ARG A 290 41.12 4.40 36.14
C ARG A 290 39.86 3.89 35.44
N ALA A 291 39.88 3.94 34.11
CA ALA A 291 38.77 3.43 33.32
C ALA A 291 38.56 1.94 33.59
N ILE A 292 37.32 1.56 33.85
CA ILE A 292 36.99 0.16 34.11
C ILE A 292 36.73 -0.48 32.74
N ASN A 293 37.79 -0.94 32.09
CA ASN A 293 37.63 -1.57 30.79
C ASN A 293 36.78 -2.82 30.92
N ASN A 294 36.24 -3.27 29.79
CA ASN A 294 35.36 -4.43 29.78
C ASN A 294 35.98 -5.61 30.51
N GLU A 295 37.25 -5.89 30.22
CA GLU A 295 37.96 -6.91 30.98
C GLU A 295 38.01 -6.57 32.47
N MET A 296 38.18 -5.29 32.80
CA MET A 296 38.31 -4.89 34.20
C MET A 296 36.97 -4.95 34.91
N ALA A 297 35.91 -4.51 34.24
CA ALA A 297 34.57 -4.66 34.79
C ALA A 297 34.23 -6.13 34.99
N HIS A 298 34.64 -6.98 34.05
CA HIS A 298 34.50 -8.42 34.26
C HIS A 298 35.34 -8.92 35.42
N GLN A 299 36.53 -8.36 35.61
CA GLN A 299 37.35 -8.73 36.76
C GLN A 299 36.59 -8.47 38.05
N LEU A 300 35.97 -7.30 38.15
CA LEU A 300 35.20 -6.97 39.35
C LEU A 300 33.96 -7.84 39.48
N TYR A 301 33.26 -8.10 38.39
CA TYR A 301 32.13 -9.02 38.44
C TYR A 301 32.56 -10.38 38.98
N VAL A 302 33.69 -10.88 38.49
CA VAL A 302 34.16 -12.18 38.96
C VAL A 302 34.57 -12.12 40.41
N LEU A 303 35.15 -11.00 40.86
CA LEU A 303 35.51 -10.90 42.27
C LEU A 303 34.28 -10.97 43.17
N GLN A 304 33.27 -10.17 42.86
CA GLN A 304 32.05 -10.19 43.68
C GLN A 304 31.38 -11.55 43.61
N VAL A 305 31.38 -12.18 42.43
CA VAL A 305 30.70 -13.47 42.32
C VAL A 305 31.55 -14.58 42.92
N LEU A 306 32.87 -14.39 43.04
CA LEU A 306 33.69 -15.34 43.80
C LEU A 306 33.36 -15.27 45.28
N THR A 307 33.24 -14.05 45.82
CA THR A 307 32.71 -13.93 47.17
C THR A 307 31.36 -14.63 47.28
N PHE A 308 30.52 -14.47 46.25
CA PHE A 308 29.18 -15.04 46.27
C PHE A 308 29.20 -16.57 46.21
N ASN A 309 30.11 -17.16 45.45
CA ASN A 309 30.15 -18.62 45.40
C ASN A 309 30.93 -19.21 46.56
N LEU A 310 31.65 -18.38 47.32
CA LEU A 310 32.05 -18.81 48.65
C LEU A 310 30.91 -18.72 49.63
N LEU A 311 29.97 -17.82 49.43
CA LEU A 311 28.69 -17.92 50.11
C LEU A 311 27.91 -19.16 49.67
N GLU A 312 28.15 -19.63 48.44
CA GLU A 312 27.39 -20.76 47.88
C GLU A 312 27.44 -22.01 48.75
N ASP A 313 28.61 -22.33 49.31
CA ASP A 313 28.74 -23.60 50.03
C ASP A 313 27.74 -23.70 51.18
N ARG A 314 27.42 -22.55 51.78
CA ARG A 314 26.39 -22.50 52.81
C ARG A 314 25.01 -22.25 52.19
N MET A 315 24.96 -21.54 51.07
CA MET A 315 23.74 -21.25 50.33
C MET A 315 22.98 -22.52 49.99
N MET A 316 23.59 -23.37 49.15
CA MET A 316 22.90 -24.54 48.64
C MET A 316 22.74 -25.65 49.69
N THR A 317 23.79 -25.95 50.45
CA THR A 317 23.77 -27.11 51.33
C THR A 317 22.76 -26.91 52.45
N LYS A 318 21.99 -27.95 52.74
CA LYS A 318 20.96 -27.90 53.78
C LYS A 318 21.54 -28.40 55.09
N MET A 319 22.27 -27.50 55.77
CA MET A 319 22.80 -27.82 57.08
C MET A 319 21.65 -28.15 58.02
N ASP A 320 21.87 -29.14 58.89
CA ASP A 320 20.82 -29.76 59.69
C ASP A 320 19.97 -28.73 60.42
N PRO A 321 18.65 -28.66 60.12
CA PRO A 321 17.77 -27.75 60.85
C PRO A 321 17.74 -28.06 62.34
N GLN A 322 17.76 -29.33 62.70
CA GLN A 322 17.79 -29.71 64.12
C GLN A 322 19.20 -29.92 64.66
N ASP A 323 20.25 -29.49 63.96
CA ASP A 323 21.59 -29.56 64.52
C ASP A 323 21.67 -28.75 65.80
N GLN A 324 22.25 -29.34 66.85
CA GLN A 324 22.26 -28.70 68.16
C GLN A 324 22.98 -27.36 68.14
N ALA A 325 24.13 -27.27 67.47
CA ALA A 325 24.90 -26.04 67.46
C ALA A 325 24.13 -24.90 66.76
N GLN A 326 23.62 -25.17 65.56
CA GLN A 326 22.90 -24.12 64.85
C GLN A 326 21.56 -23.83 65.55
N ARG A 327 20.98 -24.83 66.21
CA ARG A 327 19.75 -24.58 66.95
C ARG A 327 20.01 -23.65 68.13
N ASP A 328 21.11 -23.83 68.86
CA ASP A 328 21.46 -22.86 69.89
C ASP A 328 21.89 -21.52 69.32
N ILE A 329 22.42 -21.48 68.09
CA ILE A 329 22.79 -20.16 67.56
C ILE A 329 21.54 -19.41 67.09
N ILE A 330 20.55 -20.10 66.52
CA ILE A 330 19.27 -19.42 66.31
C ILE A 330 18.59 -19.15 67.65
N PHE A 331 18.92 -19.92 68.69
CA PHE A 331 18.40 -19.61 70.02
C PHE A 331 18.96 -18.28 70.54
N GLU A 332 20.25 -18.05 70.35
CA GLU A 332 20.81 -16.77 70.77
C GLU A 332 20.35 -15.64 69.84
N LEU A 333 20.19 -15.93 68.54
CA LEU A 333 19.58 -14.96 67.64
C LEU A 333 18.20 -14.57 68.13
N ARG A 334 17.38 -15.57 68.48
CA ARG A 334 16.05 -15.27 68.97
C ARG A 334 16.04 -14.75 70.39
N ARG A 335 17.13 -14.89 71.15
CA ARG A 335 17.16 -14.19 72.43
C ARG A 335 17.38 -12.71 72.22
N ILE A 336 18.46 -12.35 71.51
CA ILE A 336 18.68 -10.95 71.15
C ILE A 336 17.56 -10.40 70.28
N ALA A 337 16.67 -11.26 69.79
CA ALA A 337 15.53 -10.84 68.99
C ALA A 337 14.24 -10.74 69.80
N PHE A 338 14.01 -11.65 70.75
CA PHE A 338 12.70 -11.81 71.37
C PHE A 338 12.69 -11.46 72.85
N ASP A 339 13.83 -11.56 73.54
CA ASP A 339 13.85 -11.43 74.99
C ASP A 339 13.31 -10.10 75.47
N ALA A 340 13.05 -9.14 74.58
CA ALA A 340 12.41 -7.90 75.00
C ALA A 340 10.99 -8.15 75.49
N GLU A 341 10.17 -8.82 74.69
CA GLU A 341 8.85 -9.25 75.12
C GLU A 341 8.85 -10.69 75.60
N SER A 342 10.00 -11.37 75.56
CA SER A 342 10.14 -12.73 76.03
C SER A 342 10.85 -12.69 77.37
N GLU A 343 10.12 -13.00 78.44
CA GLU A 343 10.71 -12.96 79.77
C GLU A 343 11.87 -13.96 79.84
N PRO A 344 12.98 -13.58 80.47
CA PRO A 344 14.24 -14.32 80.27
C PRO A 344 14.21 -15.77 80.74
N ASN A 345 13.10 -16.21 81.33
CA ASN A 345 12.99 -17.62 81.69
C ASN A 345 12.85 -18.52 80.47
N ASN A 346 12.51 -17.96 79.31
CA ASN A 346 12.49 -18.75 78.08
C ASN A 346 13.85 -18.81 77.41
N SER A 347 14.78 -17.92 77.79
CA SER A 347 16.13 -18.01 77.27
C SER A 347 16.76 -19.35 77.66
N SER A 348 16.45 -19.84 78.86
CA SER A 348 16.73 -21.20 79.28
C SER A 348 15.43 -21.95 79.52
N GLY A 349 14.45 -21.73 78.65
CA GLY A 349 13.15 -22.35 78.83
C GLY A 349 13.19 -23.85 78.60
N SER A 350 12.26 -24.55 79.26
CA SER A 350 12.16 -25.99 79.10
C SER A 350 11.45 -26.36 77.81
N MET A 351 11.48 -27.64 77.47
CA MET A 351 10.90 -28.12 76.23
C MET A 351 9.41 -27.79 76.12
N GLU A 352 8.62 -27.99 77.18
CA GLU A 352 7.23 -27.55 77.17
C GLU A 352 7.14 -26.05 76.94
N LYS A 353 7.94 -25.29 77.67
CA LYS A 353 7.93 -23.84 77.49
C LYS A 353 8.55 -23.44 76.16
N ARG A 354 9.51 -24.22 75.65
CA ARG A 354 10.02 -23.96 74.31
C ARG A 354 8.91 -24.10 73.27
N LYS A 355 8.10 -25.15 73.38
CA LYS A 355 6.95 -25.31 72.49
C LYS A 355 5.98 -24.16 72.64
N SER A 356 5.67 -23.79 73.89
CA SER A 356 4.71 -22.71 74.14
C SER A 356 5.17 -21.42 73.49
N MET A 357 6.45 -21.07 73.66
CA MET A 357 6.95 -19.81 73.14
C MET A 357 7.12 -19.85 71.62
N TYR A 358 7.63 -20.97 71.06
CA TYR A 358 7.57 -21.18 69.63
C TYR A 358 6.19 -20.85 69.09
N THR A 359 5.16 -21.55 69.58
CA THR A 359 3.85 -21.42 68.97
C THR A 359 3.24 -20.05 69.23
N ARG A 360 3.48 -19.47 70.41
CA ARG A 360 2.92 -18.17 70.72
C ARG A 360 3.48 -17.09 69.80
N ASP A 361 4.81 -16.99 69.70
CA ASP A 361 5.34 -15.92 68.87
C ASP A 361 5.54 -16.37 67.43
N TYR A 362 5.11 -17.58 67.08
CA TYR A 362 5.19 -18.06 65.72
C TYR A 362 3.83 -18.16 65.04
N LYS A 363 2.74 -18.12 65.82
CA LYS A 363 1.50 -17.62 65.25
C LYS A 363 1.52 -16.10 65.17
N LYS A 364 2.34 -15.47 66.00
CA LYS A 364 2.75 -14.09 65.75
C LYS A 364 3.73 -13.99 64.61
N LEU A 365 4.41 -15.09 64.27
CA LEU A 365 5.22 -15.19 63.07
C LEU A 365 4.57 -16.07 62.01
N GLY A 366 3.29 -16.41 62.18
CA GLY A 366 2.49 -17.03 61.14
C GLY A 366 3.04 -18.29 60.50
N PHE A 367 3.90 -19.00 61.21
CA PHE A 367 4.50 -20.20 60.66
C PHE A 367 3.46 -21.32 60.58
N ILE A 368 3.40 -22.00 59.43
CA ILE A 368 2.50 -23.14 59.28
C ILE A 368 2.80 -24.19 60.34
N ASN A 369 4.08 -24.45 60.58
CA ASN A 369 4.53 -25.32 61.65
C ASN A 369 5.09 -24.45 62.76
N HIS A 370 4.57 -24.60 63.96
CA HIS A 370 4.97 -23.79 65.10
C HIS A 370 5.84 -24.53 66.10
N VAL A 371 6.32 -25.74 65.77
CA VAL A 371 7.11 -26.52 66.71
C VAL A 371 8.60 -26.27 66.55
N ASN A 372 9.00 -25.52 65.53
CA ASN A 372 10.42 -25.35 65.26
C ASN A 372 10.68 -24.08 64.44
N PRO A 373 11.50 -23.15 64.95
CA PRO A 373 12.03 -22.09 64.09
C PRO A 373 12.90 -22.59 62.96
N ALA A 374 13.56 -23.74 63.15
CA ALA A 374 14.48 -24.27 62.15
C ALA A 374 13.77 -24.90 60.96
N MET A 375 12.46 -25.13 61.04
CA MET A 375 11.70 -25.41 59.84
C MET A 375 11.61 -24.19 58.93
N ASP A 376 11.91 -23.01 59.47
CA ASP A 376 12.17 -21.82 58.69
C ASP A 376 13.65 -21.69 58.34
N PHE A 377 14.47 -22.64 58.79
CA PHE A 377 15.82 -22.83 58.26
C PHE A 377 16.02 -24.19 57.64
N THR A 378 14.99 -25.04 57.60
CA THR A 378 15.10 -26.37 57.01
C THR A 378 15.13 -26.35 55.48
N GLN A 379 14.96 -25.20 54.85
CA GLN A 379 14.99 -25.11 53.40
C GLN A 379 16.17 -24.27 52.94
N THR A 380 16.85 -24.75 51.90
CA THR A 380 17.96 -24.04 51.26
C THR A 380 17.69 -23.92 49.76
N PRO A 381 18.17 -22.85 49.12
CA PRO A 381 18.94 -21.73 49.67
C PRO A 381 18.15 -20.85 50.64
N PRO A 382 18.83 -20.24 51.63
CA PRO A 382 20.21 -20.47 52.02
C PRO A 382 20.40 -21.37 53.24
N GLY A 383 19.34 -21.56 54.01
CA GLY A 383 19.46 -22.27 55.27
C GLY A 383 20.26 -21.50 56.30
N MET A 384 21.38 -22.06 56.72
CA MET A 384 22.18 -21.45 57.77
C MET A 384 22.92 -20.22 57.27
N LEU A 385 22.77 -19.88 55.98
CA LEU A 385 23.32 -18.63 55.47
C LEU A 385 22.43 -17.43 55.79
N ALA A 386 21.11 -17.58 55.80
CA ALA A 386 20.30 -16.51 56.34
C ALA A 386 20.60 -16.33 57.82
N LEU A 387 20.82 -17.44 58.52
CA LEU A 387 21.39 -17.40 59.87
C LEU A 387 22.65 -16.58 59.89
N ASP A 388 23.51 -16.74 58.88
CA ASP A 388 24.74 -15.97 58.79
C ASP A 388 24.44 -14.48 58.65
N ASN A 389 23.41 -14.17 57.86
CA ASN A 389 22.94 -12.80 57.71
C ASN A 389 22.58 -12.21 59.06
N MET A 390 21.75 -12.92 59.83
CA MET A 390 21.37 -12.41 61.15
C MET A 390 22.56 -12.34 62.10
N LEU A 391 23.56 -13.20 61.92
CA LEU A 391 24.79 -13.08 62.70
C LEU A 391 25.52 -11.79 62.38
N TYR A 392 25.55 -11.43 61.09
CA TYR A 392 26.05 -10.13 60.68
C TYR A 392 25.25 -9.01 61.33
N PHE A 393 23.94 -9.18 61.44
CA PHE A 393 23.08 -8.20 62.11
C PHE A 393 23.42 -8.03 63.58
N ALA A 394 23.76 -9.13 64.27
CA ALA A 394 24.22 -9.04 65.64
C ALA A 394 25.50 -8.22 65.78
N LYS A 395 26.22 -8.04 64.68
CA LYS A 395 27.42 -7.20 64.65
C LYS A 395 27.15 -5.83 64.05
N HIS A 396 26.29 -5.75 63.05
CA HIS A 396 26.23 -4.57 62.19
C HIS A 396 24.87 -3.88 62.24
N HIS A 397 23.79 -4.66 62.28
CA HIS A 397 22.41 -4.14 62.27
C HIS A 397 21.57 -4.66 63.42
N GLN A 398 22.10 -4.64 64.64
CA GLN A 398 21.30 -5.09 65.79
C GLN A 398 20.06 -4.24 65.95
N ASP A 399 20.12 -2.95 65.59
CA ASP A 399 18.92 -2.14 65.60
C ASP A 399 17.88 -2.72 64.65
N ALA A 400 18.29 -3.05 63.43
CA ALA A 400 17.34 -3.57 62.44
C ALA A 400 16.77 -4.91 62.87
N TYR A 401 17.64 -5.83 63.29
CA TYR A 401 17.18 -7.15 63.72
C TYR A 401 16.20 -7.04 64.89
N ILE A 402 16.56 -6.25 65.90
CA ILE A 402 15.70 -6.09 67.07
C ILE A 402 14.35 -5.49 66.66
N ARG A 403 14.37 -4.41 65.87
CA ARG A 403 13.12 -3.71 65.58
C ARG A 403 12.20 -4.55 64.71
N ILE A 404 12.75 -5.22 63.68
CA ILE A 404 11.91 -6.10 62.87
C ILE A 404 11.31 -7.20 63.74
N VAL A 405 12.14 -7.88 64.54
CA VAL A 405 11.63 -9.02 65.30
C VAL A 405 10.58 -8.58 66.31
N LEU A 406 10.84 -7.48 67.02
CA LEU A 406 9.86 -6.99 67.99
C LEU A 406 8.55 -6.60 67.31
N GLU A 407 8.62 -5.86 66.20
CA GLU A 407 7.37 -5.46 65.55
C GLU A 407 6.61 -6.67 65.04
N ASN A 408 7.30 -7.77 64.72
CA ASN A 408 6.61 -9.01 64.43
C ASN A 408 6.62 -9.97 65.61
N SER A 409 6.97 -9.51 66.81
CA SER A 409 6.91 -10.33 68.02
C SER A 409 5.58 -10.22 68.74
N SER A 410 4.65 -9.40 68.24
CA SER A 410 3.34 -9.27 68.86
C SER A 410 2.18 -9.31 67.88
N ARG A 411 2.44 -9.40 66.57
CA ARG A 411 1.37 -9.36 65.56
C ARG A 411 0.93 -10.78 65.24
N GLU A 412 -0.05 -11.27 66.01
CA GLU A 412 -0.62 -12.58 65.73
C GLU A 412 -1.32 -12.62 64.37
N ASP A 413 -1.68 -11.45 63.83
CA ASP A 413 -2.46 -11.36 62.61
C ASP A 413 -1.61 -11.79 61.42
N LYS A 414 -2.17 -11.70 60.21
CA LYS A 414 -1.43 -12.09 59.02
C LYS A 414 -0.62 -10.95 58.43
N HIS A 415 -0.71 -9.74 58.98
CA HIS A 415 0.31 -8.74 58.68
C HIS A 415 1.65 -9.11 59.30
N GLU A 416 1.74 -10.29 59.91
CA GLU A 416 2.95 -10.70 60.59
C GLU A 416 4.11 -10.85 59.62
N CYS A 417 5.28 -10.42 60.06
CA CYS A 417 6.50 -10.54 59.27
C CYS A 417 7.30 -11.73 59.77
N PRO A 418 7.17 -12.91 59.17
CA PRO A 418 7.76 -14.12 59.75
C PRO A 418 9.28 -14.11 59.65
N PHE A 419 10.00 -13.76 60.72
CA PHE A 419 11.40 -13.40 60.51
C PHE A 419 12.27 -14.60 60.18
N GLY A 420 11.94 -15.79 60.69
CA GLY A 420 12.66 -16.97 60.24
C GLY A 420 12.41 -17.25 58.77
N ARG A 421 11.13 -17.45 58.42
CA ARG A 421 10.73 -17.72 57.04
C ARG A 421 11.04 -16.54 56.11
N SER A 422 10.72 -15.32 56.54
CA SER A 422 11.04 -14.17 55.70
C SER A 422 12.54 -14.00 55.54
N SER A 423 13.31 -14.16 56.61
CA SER A 423 14.76 -14.02 56.50
C SER A 423 15.31 -15.03 55.53
N ILE A 424 14.90 -16.29 55.67
CA ILE A 424 15.44 -17.35 54.82
C ILE A 424 15.07 -17.10 53.35
N GLU A 425 13.79 -16.78 53.09
CA GLU A 425 13.35 -16.65 51.72
C GLU A 425 13.85 -15.36 51.09
N LEU A 426 13.92 -14.29 51.87
CA LEU A 426 14.46 -13.03 51.36
C LEU A 426 15.93 -13.17 51.01
N THR A 427 16.71 -13.81 51.88
CA THR A 427 18.10 -14.06 51.54
C THR A 427 18.23 -14.87 50.26
N LYS A 428 17.44 -15.93 50.12
CA LYS A 428 17.56 -16.74 48.90
C LYS A 428 17.12 -15.95 47.66
N MET A 429 16.03 -15.19 47.75
CA MET A 429 15.55 -14.49 46.55
C MET A 429 16.48 -13.35 46.16
N LEU A 430 17.08 -12.67 47.13
CA LEU A 430 17.99 -11.59 46.75
C LEU A 430 19.34 -12.12 46.29
N CYS A 431 19.79 -13.28 46.79
CA CYS A 431 20.94 -13.93 46.17
C CYS A 431 20.63 -14.31 44.73
N GLU A 432 19.43 -14.82 44.47
CA GLU A 432 19.05 -15.12 43.10
C GLU A 432 18.94 -13.84 42.26
N ILE A 433 18.55 -12.73 42.89
CA ILE A 433 18.59 -11.43 42.23
C ILE A 433 20.03 -11.01 41.98
N LEU A 434 20.86 -11.10 43.01
CA LEU A 434 22.26 -10.71 42.92
C LEU A 434 23.12 -11.77 42.26
N LYS A 435 22.54 -12.92 41.90
CA LYS A 435 23.26 -14.06 41.38
C LYS A 435 24.42 -14.42 42.31
N VAL A 436 24.13 -14.33 43.61
CA VAL A 436 25.09 -14.77 44.61
C VAL A 436 25.31 -16.27 44.46
N GLY A 437 26.53 -16.63 44.07
CA GLY A 437 26.90 -18.03 43.97
C GLY A 437 26.86 -18.59 42.58
N GLU A 438 26.53 -17.79 41.57
CA GLU A 438 26.56 -18.29 40.20
C GLU A 438 28.00 -18.57 39.79
N LEU A 439 28.15 -19.28 38.68
CA LEU A 439 29.47 -19.51 38.13
C LEU A 439 29.97 -18.24 37.46
N PRO A 440 31.10 -17.68 37.90
CA PRO A 440 31.64 -16.48 37.26
C PRO A 440 32.17 -16.81 35.87
N SER A 441 31.66 -16.09 34.87
CA SER A 441 32.06 -16.31 33.49
C SER A 441 32.26 -14.98 32.79
N GLU A 442 32.93 -15.00 31.64
CA GLU A 442 33.11 -13.78 30.86
C GLU A 442 31.79 -13.27 30.31
N THR A 443 30.73 -14.08 30.38
CA THR A 443 29.43 -13.68 29.88
C THR A 443 28.95 -12.39 30.54
N CYS A 444 28.97 -12.35 31.87
CA CYS A 444 28.52 -11.16 32.59
C CYS A 444 29.70 -10.23 32.82
N ASN A 445 29.52 -8.96 32.46
CA ASN A 445 30.57 -7.96 32.57
C ASN A 445 30.13 -6.79 33.45
N ASP A 446 29.02 -6.93 34.17
CA ASP A 446 28.49 -5.88 35.02
C ASP A 446 29.07 -6.05 36.41
N PHE A 447 29.69 -4.99 36.92
CA PHE A 447 30.18 -4.97 38.28
C PHE A 447 29.38 -3.93 39.06
N HIS A 448 28.98 -4.30 40.26
CA HIS A 448 28.27 -3.35 41.11
C HIS A 448 29.26 -2.79 42.12
N PRO A 449 29.58 -1.49 42.05
CA PRO A 449 30.41 -0.90 43.11
C PRO A 449 29.75 -0.94 44.46
N MET A 450 28.42 -1.16 44.50
CA MET A 450 27.75 -1.46 45.76
C MET A 450 28.44 -2.57 46.53
N PHE A 451 28.80 -3.66 45.85
CA PHE A 451 29.38 -4.77 46.59
C PHE A 451 30.81 -4.47 47.01
N PHE A 452 31.52 -3.62 46.28
CA PHE A 452 32.94 -3.46 46.55
C PHE A 452 33.25 -2.34 47.51
N THR A 453 32.24 -1.73 48.11
CA THR A 453 32.44 -0.88 49.28
C THR A 453 32.15 -1.61 50.59
N HIS A 454 31.81 -2.91 50.52
CA HIS A 454 31.54 -3.73 51.70
C HIS A 454 31.59 -5.21 51.36
N ASP A 455 32.51 -5.95 51.99
CA ASP A 455 32.57 -7.41 51.77
C ASP A 455 31.22 -8.06 51.99
N ARG A 456 30.53 -7.66 53.06
CA ARG A 456 29.19 -8.14 53.35
C ARG A 456 28.12 -7.17 52.88
N SER A 457 28.34 -6.49 51.76
CA SER A 457 27.30 -5.63 51.20
C SER A 457 26.08 -6.45 50.83
N PHE A 458 26.27 -7.76 50.65
CA PHE A 458 25.17 -8.70 50.59
C PHE A 458 24.42 -8.77 51.92
N GLU A 459 25.15 -8.77 53.03
CA GLU A 459 24.50 -8.86 54.33
C GLU A 459 23.80 -7.55 54.68
N GLU A 460 24.46 -6.42 54.44
CA GLU A 460 23.78 -5.14 54.62
C GLU A 460 22.66 -5.00 53.59
N PHE A 461 22.82 -5.60 52.42
CA PHE A 461 21.76 -5.64 51.42
C PHE A 461 20.52 -6.27 52.02
N PHE A 462 20.68 -7.44 52.66
CA PHE A 462 19.51 -8.15 53.18
C PHE A 462 18.92 -7.41 54.37
N CYS A 463 19.76 -6.86 55.26
CA CYS A 463 19.18 -6.16 56.41
C CYS A 463 18.40 -4.95 55.97
N ILE A 464 18.98 -4.14 55.07
CA ILE A 464 18.33 -2.89 54.68
C ILE A 464 17.16 -3.17 53.75
N CYS A 465 17.18 -4.30 53.03
CA CYS A 465 16.02 -4.62 52.19
C CYS A 465 14.88 -5.18 53.03
N ILE A 466 15.19 -5.92 54.10
CA ILE A 466 14.13 -6.33 55.03
C ILE A 466 13.64 -5.13 55.82
N GLN A 467 14.52 -4.16 56.06
CA GLN A 467 14.14 -2.90 56.70
C GLN A 467 13.15 -2.14 55.83
N LEU A 468 13.44 -2.02 54.54
CA LEU A 468 12.52 -1.43 53.58
C LEU A 468 11.24 -2.26 53.45
N LEU A 469 11.39 -3.59 53.51
CA LEU A 469 10.25 -4.49 53.52
C LEU A 469 9.29 -4.18 54.66
N ASN A 470 9.83 -3.92 55.84
CA ASN A 470 8.99 -3.61 56.99
C ASN A 470 8.46 -2.19 56.94
N LYS A 471 9.26 -1.26 56.42
CA LYS A 471 8.85 0.14 56.31
C LYS A 471 7.67 0.31 55.35
N THR A 472 7.82 -0.21 54.13
CA THR A 472 6.72 -0.24 53.17
C THR A 472 5.65 -1.25 53.57
N TRP A 473 6.03 -2.25 54.38
CA TRP A 473 5.07 -3.21 54.91
C TRP A 473 3.97 -2.51 55.69
N LYS A 474 4.31 -1.40 56.34
CA LYS A 474 3.34 -0.50 56.94
C LYS A 474 2.63 0.36 55.89
N GLU A 475 3.29 0.63 54.77
CA GLU A 475 2.79 1.54 53.75
C GLU A 475 1.89 0.87 52.72
N MET A 476 1.85 -0.46 52.68
CA MET A 476 1.01 -1.19 51.74
C MET A 476 0.24 -2.33 52.40
N ARG A 477 -0.13 -2.16 53.67
CA ARG A 477 -0.88 -3.16 54.46
C ARG A 477 -0.43 -4.59 54.14
N ALA A 478 0.89 -4.77 54.14
CA ALA A 478 1.48 -6.05 53.74
C ALA A 478 1.06 -7.17 54.68
N THR A 479 0.79 -8.33 54.10
CA THR A 479 0.19 -9.45 54.83
C THR A 479 0.98 -10.73 54.55
N SER A 480 0.70 -11.75 55.37
CA SER A 480 1.37 -13.04 55.24
C SER A 480 0.60 -14.03 54.37
N GLU A 481 -0.67 -13.76 54.05
CA GLU A 481 -1.20 -14.43 52.87
C GLU A 481 -0.60 -13.81 51.62
N ASP A 482 -0.05 -12.60 51.75
CA ASP A 482 0.77 -11.99 50.74
C ASP A 482 2.25 -12.14 51.06
N PHE A 483 2.60 -13.09 51.92
CA PHE A 483 3.98 -13.34 52.32
C PHE A 483 4.91 -13.37 51.11
N ASN A 484 4.65 -14.30 50.19
CA ASN A 484 5.40 -14.31 48.93
C ASN A 484 5.09 -13.04 48.13
N LYS A 485 3.85 -12.56 48.20
CA LYS A 485 3.49 -11.34 47.47
C LYS A 485 4.20 -10.11 48.04
N VAL A 486 4.29 -9.99 49.36
CA VAL A 486 5.03 -8.86 49.92
C VAL A 486 6.52 -8.98 49.63
N MET A 487 7.09 -10.19 49.68
CA MET A 487 8.49 -10.32 49.28
C MET A 487 8.67 -9.97 47.80
N GLN A 488 7.66 -10.23 46.98
CA GLN A 488 7.77 -9.87 45.57
C GLN A 488 7.61 -8.38 45.32
N VAL A 489 6.80 -7.69 46.12
CA VAL A 489 6.78 -6.23 46.05
C VAL A 489 8.13 -5.67 46.48
N VAL A 490 8.71 -6.25 47.53
CA VAL A 490 10.04 -5.87 47.96
C VAL A 490 11.05 -6.16 46.86
N LYS A 491 10.84 -7.24 46.11
CA LYS A 491 11.70 -7.55 44.97
C LYS A 491 11.54 -6.50 43.86
N GLU A 492 10.31 -6.03 43.64
CA GLU A 492 10.08 -4.95 42.68
C GLU A 492 10.85 -3.70 43.09
N GLN A 493 10.81 -3.38 44.37
CA GLN A 493 11.59 -2.26 44.88
C GLN A 493 13.09 -2.49 44.69
N VAL A 494 13.55 -3.71 44.99
CA VAL A 494 14.95 -4.06 44.77
C VAL A 494 15.31 -3.89 43.30
N MET A 495 14.37 -4.16 42.41
CA MET A 495 14.60 -3.96 40.98
C MET A 495 14.76 -2.48 40.64
N ARG A 496 13.82 -1.65 41.10
CA ARG A 496 13.91 -0.22 40.83
C ARG A 496 15.16 0.38 41.45
N ALA A 497 15.70 -0.25 42.49
CA ALA A 497 16.93 0.25 43.09
C ALA A 497 18.16 -0.21 42.32
N LEU A 498 18.33 -1.51 42.14
CA LEU A 498 19.53 -2.03 41.50
C LEU A 498 19.62 -1.57 40.05
N THR A 499 18.48 -1.24 39.43
CA THR A 499 18.51 -0.68 38.09
C THR A 499 19.16 0.70 38.05
N THR A 500 19.27 1.37 39.20
CA THR A 500 20.06 2.59 39.28
C THR A 500 21.54 2.29 39.51
N LYS A 501 21.91 1.01 39.66
CA LYS A 501 23.30 0.59 39.77
C LYS A 501 23.96 1.19 41.01
N PRO A 502 23.59 0.74 42.21
CA PRO A 502 24.19 1.31 43.42
C PRO A 502 25.69 1.11 43.46
N SER A 503 26.37 2.12 44.00
CA SER A 503 27.83 2.15 44.02
C SER A 503 28.41 2.15 45.43
N SER A 504 27.60 2.45 46.45
CA SER A 504 28.08 2.50 47.82
C SER A 504 26.92 2.27 48.77
N LEU A 505 27.26 2.01 50.04
CA LEU A 505 26.24 1.75 51.05
C LEU A 505 25.33 2.96 51.23
N ASP A 506 25.90 4.17 51.25
CA ASP A 506 25.07 5.36 51.35
C ASP A 506 24.17 5.54 50.13
N GLN A 507 24.72 5.33 48.93
CA GLN A 507 23.92 5.48 47.72
C GLN A 507 22.88 4.38 47.62
N PHE A 508 23.22 3.16 48.03
CA PHE A 508 22.23 2.09 48.06
C PHE A 508 21.11 2.39 49.05
N LYS A 509 21.47 2.92 50.23
CA LYS A 509 20.45 3.31 51.19
C LYS A 509 19.56 4.42 50.64
N SER A 510 20.16 5.38 49.92
CA SER A 510 19.38 6.41 49.26
C SER A 510 18.42 5.82 48.24
N LYS A 511 18.90 4.85 47.44
CA LYS A 511 18.04 4.23 46.44
C LYS A 511 16.88 3.48 47.10
N LEU A 512 17.13 2.80 48.22
CA LEU A 512 16.05 2.10 48.90
C LEU A 512 15.08 3.08 49.56
N GLN A 513 15.59 4.17 50.13
CA GLN A 513 14.72 5.19 50.72
C GLN A 513 13.89 5.86 49.64
N ASN A 514 14.38 5.84 48.39
CA ASN A 514 13.55 6.28 47.28
C ASN A 514 12.34 5.36 47.11
N LEU A 515 12.47 4.11 47.54
CA LEU A 515 11.51 3.08 47.16
C LEU A 515 10.33 2.94 48.12
N SER A 516 10.35 3.68 49.23
CA SER A 516 9.34 3.46 50.26
C SER A 516 7.97 4.00 49.89
N TYR A 517 7.47 3.67 48.68
CA TYR A 517 6.17 4.09 48.19
C TYR A 517 5.79 5.49 48.60
N THR A 518 6.69 6.45 48.40
CA THR A 518 6.38 7.81 48.82
C THR A 518 5.78 8.61 47.67
N GLU A 519 6.56 8.88 46.61
CA GLU A 519 5.96 9.45 45.41
C GLU A 519 6.51 8.94 44.08
N ILE A 520 7.75 8.46 43.99
CA ILE A 520 8.39 8.33 42.67
C ILE A 520 7.74 7.19 41.88
N LEU A 521 6.91 6.39 42.53
CA LEU A 521 6.20 5.34 41.80
C LEU A 521 5.34 5.92 40.69
N LYS A 522 4.71 7.08 40.94
CA LYS A 522 3.96 7.75 39.89
C LYS A 522 4.84 8.05 38.70
N ILE A 523 6.13 8.32 38.92
CA ILE A 523 7.01 8.61 37.80
C ILE A 523 7.24 7.36 36.96
N ARG A 524 7.45 6.21 37.62
CA ARG A 524 7.67 4.98 36.88
C ARG A 524 6.42 4.56 36.11
N GLN A 525 5.24 4.73 36.72
CA GLN A 525 4.02 4.41 35.98
C GLN A 525 3.67 5.48 34.96
N SER A 526 4.18 6.70 35.11
CA SER A 526 4.02 7.71 34.07
C SER A 526 4.90 7.38 32.87
N GLU A 527 6.10 6.87 33.12
CA GLU A 527 6.89 6.32 32.03
C GLU A 527 6.21 5.12 31.39
N ARG A 528 5.57 4.28 32.21
CA ARG A 528 4.79 3.17 31.68
C ARG A 528 3.67 3.68 30.77
N MET A 529 3.01 4.77 31.18
CA MET A 529 2.06 5.47 30.33
C MET A 529 2.69 5.87 29.00
N ASN A 530 3.82 6.56 29.07
CA ASN A 530 4.42 7.12 27.85
C ASN A 530 4.91 6.00 26.93
N GLN A 531 5.20 4.84 27.51
CA GLN A 531 5.70 3.74 26.69
C GLN A 531 4.57 2.80 26.26
N GLU A 532 3.38 2.95 26.85
CA GLU A 532 2.25 2.21 26.32
C GLU A 532 1.60 3.02 25.21
N ASP A 533 1.83 4.34 25.22
CA ASP A 533 1.27 5.24 24.20
C ASP A 533 1.32 4.60 22.82
N PHE A 534 2.52 4.15 22.43
CA PHE A 534 2.67 3.50 21.13
C PHE A 534 2.20 2.05 21.14
N GLN A 535 2.06 1.42 22.29
CA GLN A 535 1.83 -0.02 22.31
C GLN A 535 0.75 -0.50 23.27
N SER A 536 0.25 0.35 24.18
CA SER A 536 -0.89 -0.01 25.01
C SER A 536 -0.65 -1.26 25.85
N ARG A 537 0.25 -1.16 26.82
CA ARG A 537 0.74 -2.30 27.60
C ARG A 537 -0.38 -3.14 28.23
N PRO A 538 -1.40 -2.56 28.88
CA PRO A 538 -2.52 -3.40 29.32
C PRO A 538 -3.20 -4.11 28.18
N ILE A 539 -3.36 -3.43 27.05
CA ILE A 539 -3.96 -4.08 25.89
C ILE A 539 -3.01 -5.11 25.32
N LEU A 540 -1.70 -4.87 25.45
CA LEU A 540 -0.74 -5.93 25.17
C LEU A 540 -0.97 -7.14 26.05
N GLU A 541 -1.25 -6.91 27.33
CA GLU A 541 -1.65 -7.99 28.23
C GLU A 541 -2.82 -8.75 27.64
N LEU A 542 -3.87 -8.02 27.23
CA LEU A 542 -5.00 -8.68 26.59
C LEU A 542 -4.56 -9.56 25.43
N LYS A 543 -3.78 -8.98 24.51
CA LYS A 543 -3.40 -9.69 23.30
C LYS A 543 -2.62 -10.94 23.64
N GLU A 544 -1.45 -10.78 24.24
CA GLU A 544 -0.52 -11.88 24.44
C GLU A 544 -1.01 -12.88 25.49
N LYS A 545 -1.99 -12.51 26.32
CA LYS A 545 -2.60 -13.52 27.17
C LYS A 545 -3.32 -14.57 26.35
N ILE A 546 -4.13 -14.16 25.38
CA ILE A 546 -4.75 -15.12 24.46
C ILE A 546 -3.78 -15.26 23.30
N GLN A 547 -2.70 -15.95 23.57
CA GLN A 547 -1.68 -16.38 22.62
C GLN A 547 -1.97 -17.72 21.94
N PRO A 548 -2.34 -18.76 22.70
CA PRO A 548 -2.08 -20.14 22.22
C PRO A 548 -2.76 -20.47 20.91
N GLU A 549 -3.95 -19.93 20.71
CA GLU A 549 -4.69 -20.20 19.48
C GLU A 549 -3.86 -19.93 18.24
N ILE A 550 -3.18 -18.79 18.18
CA ILE A 550 -2.51 -18.41 16.94
C ILE A 550 -1.29 -19.29 16.71
N LEU A 551 -0.53 -19.55 17.77
CA LEU A 551 0.63 -20.43 17.60
C LEU A 551 0.20 -21.83 17.20
N GLU A 552 -0.86 -22.36 17.80
CA GLU A 552 -1.26 -23.73 17.47
C GLU A 552 -1.85 -23.81 16.09
N LEU A 553 -2.58 -22.77 15.65
CA LEU A 553 -3.06 -22.80 14.28
C LEU A 553 -1.91 -22.71 13.29
N ILE A 554 -0.91 -21.87 13.58
CA ILE A 554 0.27 -21.86 12.73
C ILE A 554 0.89 -23.24 12.68
N LYS A 555 0.95 -23.92 13.83
CA LYS A 555 1.59 -25.21 13.87
C LYS A 555 0.82 -26.23 13.06
N GLN A 556 -0.51 -26.24 13.15
CA GLN A 556 -1.26 -27.21 12.37
C GLN A 556 -1.23 -26.84 10.88
N GLN A 557 -1.11 -25.56 10.58
CA GLN A 557 -0.83 -25.12 9.23
C GLN A 557 0.44 -25.77 8.72
N ARG A 558 1.52 -25.65 9.49
CA ARG A 558 2.76 -26.30 9.10
C ARG A 558 2.61 -27.82 9.09
N LEU A 559 1.68 -28.36 9.87
CA LEU A 559 1.43 -29.79 9.79
C LEU A 559 0.86 -30.16 8.44
N ASN A 560 -0.12 -29.37 7.98
CA ASN A 560 -0.57 -29.47 6.60
C ASN A 560 0.61 -29.47 5.65
N ARG A 561 1.49 -28.49 5.83
CA ARG A 561 2.58 -28.32 4.88
C ARG A 561 3.53 -29.52 4.89
N LEU A 562 3.80 -30.05 6.09
CA LEU A 562 4.60 -31.28 6.18
C LEU A 562 3.88 -32.43 5.50
N VAL A 563 2.56 -32.51 5.64
CA VAL A 563 1.82 -33.57 4.99
C VAL A 563 1.99 -33.46 3.48
N GLU A 564 1.90 -32.25 2.94
CA GLU A 564 2.15 -32.07 1.53
C GLU A 564 3.64 -31.95 1.23
N GLY A 565 4.49 -31.93 2.26
CA GLY A 565 5.94 -32.02 2.27
C GLY A 565 6.60 -31.31 1.12
N THR A 566 7.65 -31.93 0.58
CA THR A 566 8.28 -31.46 -0.64
C THR A 566 9.15 -32.58 -1.19
N CYS A 567 9.78 -32.32 -2.35
CA CYS A 567 10.87 -33.12 -2.86
C CYS A 567 12.16 -32.67 -2.17
N PHE A 568 12.39 -33.20 -0.98
CA PHE A 568 13.55 -32.86 -0.18
C PHE A 568 14.83 -33.22 -0.94
N ARG A 569 15.97 -32.73 -0.45
CA ARG A 569 17.25 -32.98 -1.09
C ARG A 569 18.14 -33.84 -0.20
N LYS A 570 18.95 -34.68 -0.83
CA LYS A 570 19.69 -35.73 -0.15
C LYS A 570 21.12 -35.30 0.18
N LEU A 571 21.92 -36.29 0.59
CA LEU A 571 23.35 -36.18 0.80
C LEU A 571 24.04 -36.16 -0.56
N ASN A 572 24.81 -35.10 -0.81
CA ASN A 572 25.64 -34.98 -2.01
C ASN A 572 24.88 -35.37 -3.27
N ALA A 573 23.77 -34.67 -3.48
CA ALA A 573 22.91 -34.97 -4.63
C ALA A 573 23.61 -34.52 -5.90
N ARG A 574 24.71 -35.20 -6.24
CA ARG A 574 25.58 -34.82 -7.33
C ARG A 574 25.46 -35.69 -8.57
N ARG A 575 25.64 -37.00 -8.42
CA ARG A 575 25.85 -37.91 -9.55
C ARG A 575 24.64 -38.84 -9.65
N ARG A 576 23.62 -38.36 -10.36
CA ARG A 576 22.38 -39.11 -10.58
C ARG A 576 21.87 -39.71 -9.27
N GLN A 577 21.50 -38.81 -8.37
CA GLN A 577 20.85 -39.19 -7.13
C GLN A 577 19.62 -38.30 -6.97
N ASP A 578 18.60 -38.82 -6.30
CA ASP A 578 17.36 -38.06 -6.14
C ASP A 578 17.63 -36.91 -5.19
N LYS A 579 17.94 -35.75 -5.79
CA LYS A 579 17.83 -34.47 -5.10
C LYS A 579 16.38 -34.09 -4.85
N PHE A 580 15.45 -34.83 -5.44
CA PHE A 580 14.02 -34.64 -5.24
C PHE A 580 13.42 -35.95 -4.78
N TRP A 581 12.77 -35.92 -3.62
CA TRP A 581 12.18 -37.10 -3.00
C TRP A 581 11.23 -36.60 -1.92
N TYR A 582 10.07 -37.25 -1.81
CA TYR A 582 8.97 -36.72 -1.03
C TYR A 582 9.10 -37.18 0.41
N CYS A 583 8.84 -36.26 1.34
CA CYS A 583 8.72 -36.58 2.77
C CYS A 583 7.33 -36.15 3.22
N ARG A 584 6.37 -37.07 3.09
CA ARG A 584 5.00 -36.81 3.50
C ARG A 584 4.83 -37.02 5.00
N LEU A 585 4.31 -36.01 5.67
CA LEU A 585 3.76 -36.24 6.99
C LEU A 585 2.43 -36.98 6.85
N SER A 586 2.30 -38.07 7.58
CA SER A 586 1.04 -38.78 7.59
C SER A 586 -0.03 -37.95 8.28
N PRO A 587 -1.29 -38.18 8.00
CA PRO A 587 -2.35 -37.62 8.83
C PRO A 587 -2.18 -38.04 10.27
N ASN A 588 -1.67 -39.26 10.47
CA ASN A 588 -1.37 -39.72 11.83
C ASN A 588 -0.43 -38.79 12.55
N HIS A 589 0.45 -38.11 11.82
CA HIS A 589 1.43 -37.19 12.39
C HIS A 589 2.34 -37.93 13.36
N LYS A 590 2.58 -39.20 13.07
CA LYS A 590 3.56 -40.02 13.77
C LYS A 590 4.49 -40.77 12.84
N VAL A 591 4.33 -40.64 11.52
CA VAL A 591 5.06 -41.44 10.55
C VAL A 591 5.34 -40.60 9.31
N LEU A 592 6.62 -40.43 8.97
CA LEU A 592 7.03 -39.64 7.83
C LEU A 592 7.47 -40.56 6.71
N HIS A 593 6.92 -40.35 5.52
CA HIS A 593 7.15 -41.23 4.39
C HIS A 593 8.13 -40.53 3.45
N TYR A 594 9.34 -41.07 3.36
CA TYR A 594 10.40 -40.42 2.61
C TYR A 594 11.43 -41.46 2.21
N GLY A 595 12.62 -41.01 1.83
CA GLY A 595 13.70 -41.87 1.39
C GLY A 595 14.13 -41.52 -0.02
N ASP A 596 14.69 -42.50 -0.71
CA ASP A 596 15.17 -42.32 -2.08
C ASP A 596 13.97 -42.39 -3.00
N LEU A 597 13.20 -41.32 -3.04
CA LEU A 597 12.04 -41.25 -3.90
C LEU A 597 12.46 -40.51 -5.17
N GLU A 598 11.93 -40.95 -6.29
CA GLU A 598 12.40 -40.54 -7.60
C GLU A 598 12.27 -39.04 -7.79
N GLU A 599 12.87 -38.55 -8.86
CA GLU A 599 12.84 -37.11 -9.15
C GLU A 599 11.44 -36.74 -9.63
N SER A 600 10.54 -36.49 -8.67
CA SER A 600 9.10 -36.33 -8.90
C SER A 600 8.75 -34.88 -9.18
N PRO A 601 8.16 -34.58 -10.35
CA PRO A 601 7.74 -33.19 -10.61
C PRO A 601 6.56 -32.73 -9.76
N GLN A 602 5.49 -33.54 -9.72
CA GLN A 602 4.30 -33.20 -8.94
C GLN A 602 4.56 -33.29 -7.44
N GLY A 603 5.71 -33.83 -7.04
CA GLY A 603 6.11 -33.79 -5.66
C GLY A 603 5.93 -35.10 -4.91
N GLU A 604 4.87 -35.18 -4.12
CA GLU A 604 4.65 -36.35 -3.29
C GLU A 604 3.92 -37.44 -4.05
N VAL A 605 4.51 -38.64 -4.05
CA VAL A 605 3.79 -39.86 -4.38
C VAL A 605 3.34 -40.48 -3.06
N PRO A 606 2.11 -40.24 -2.62
CA PRO A 606 1.70 -40.73 -1.30
C PRO A 606 1.60 -42.24 -1.27
N HIS A 607 2.55 -42.87 -0.59
CA HIS A 607 2.60 -44.31 -0.46
C HIS A 607 3.60 -44.64 0.65
N ASP A 608 3.84 -45.94 0.81
CA ASP A 608 4.87 -46.41 1.73
C ASP A 608 6.23 -46.16 1.08
N SER A 609 6.80 -45.00 1.36
CA SER A 609 8.02 -44.57 0.69
C SER A 609 9.17 -45.49 1.07
N LEU A 610 10.35 -45.18 0.52
CA LEU A 610 11.51 -46.01 0.79
C LEU A 610 11.85 -46.00 2.27
N GLN A 611 11.75 -44.84 2.91
CA GLN A 611 11.69 -44.76 4.37
C GLN A 611 10.28 -44.24 4.69
N ASP A 612 9.34 -45.16 4.79
CA ASP A 612 7.97 -44.77 4.98
C ASP A 612 7.70 -44.29 6.41
N LYS A 613 8.56 -44.64 7.35
CA LYS A 613 8.30 -44.44 8.76
C LYS A 613 9.22 -43.35 9.33
N LEU A 614 8.71 -42.61 10.31
CA LEU A 614 9.54 -41.82 11.21
C LEU A 614 8.74 -41.49 12.46
N PRO A 615 8.86 -42.29 13.52
CA PRO A 615 8.12 -41.98 14.75
C PRO A 615 8.75 -40.84 15.51
N VAL A 616 7.92 -39.96 16.09
CA VAL A 616 8.44 -38.95 16.99
C VAL A 616 9.08 -39.58 18.22
N ALA A 617 8.70 -40.82 18.52
CA ALA A 617 9.14 -41.52 19.72
C ALA A 617 10.65 -41.69 19.79
N ASP A 618 11.34 -41.80 18.66
CA ASP A 618 12.79 -41.86 18.68
C ASP A 618 13.42 -40.53 18.30
N ILE A 619 12.63 -39.51 17.96
CA ILE A 619 13.19 -38.24 17.56
C ILE A 619 13.77 -37.52 18.77
N LYS A 620 15.01 -37.06 18.64
CA LYS A 620 15.61 -36.26 19.71
C LYS A 620 15.50 -34.78 19.39
N ALA A 621 16.05 -34.36 18.27
CA ALA A 621 16.00 -32.99 17.80
C ALA A 621 16.39 -32.99 16.33
N VAL A 622 16.67 -31.80 15.80
CA VAL A 622 17.35 -31.66 14.52
C VAL A 622 18.54 -30.75 14.75
N VAL A 623 19.74 -31.25 14.47
CA VAL A 623 20.89 -30.36 14.43
C VAL A 623 20.97 -29.73 13.04
N THR A 624 21.18 -28.42 13.03
CA THR A 624 20.97 -27.63 11.82
C THR A 624 22.30 -27.03 11.37
N GLY A 625 22.84 -27.56 10.27
CA GLY A 625 24.07 -27.02 9.71
C GLY A 625 25.27 -27.89 9.96
N LYS A 626 26.42 -27.28 10.26
CA LYS A 626 27.63 -28.03 10.59
C LYS A 626 27.42 -28.93 11.80
N ASP A 627 26.43 -28.63 12.63
CA ASP A 627 26.02 -29.50 13.72
C ASP A 627 25.53 -30.86 13.24
N CYS A 628 25.18 -30.97 11.97
CA CYS A 628 24.74 -32.25 11.42
C CYS A 628 25.87 -33.26 11.45
N PRO A 629 25.60 -34.51 11.85
CA PRO A 629 26.66 -35.53 11.80
C PRO A 629 27.24 -35.74 10.42
N HIS A 630 26.44 -35.61 9.37
CA HIS A 630 26.99 -35.68 8.02
C HIS A 630 27.95 -34.54 7.75
N MET A 631 27.68 -33.35 8.31
CA MET A 631 28.64 -32.26 8.20
C MET A 631 29.91 -32.54 8.98
N LYS A 632 29.82 -33.22 10.13
CA LYS A 632 31.01 -33.57 10.87
C LYS A 632 31.96 -34.45 10.08
N GLU A 633 31.46 -35.18 9.08
CA GLU A 633 32.33 -35.85 8.12
C GLU A 633 33.10 -34.81 7.32
N LYS A 634 34.40 -35.07 7.12
CA LYS A 634 35.27 -34.15 6.39
C LYS A 634 35.99 -34.84 5.23
N GLY A 635 35.49 -35.99 4.78
CA GLY A 635 36.15 -36.73 3.72
C GLY A 635 35.40 -36.67 2.41
N ALA A 636 34.87 -37.81 1.97
CA ALA A 636 34.11 -37.88 0.72
C ALA A 636 32.69 -37.35 0.85
N LEU A 637 32.33 -36.81 2.00
CA LEU A 637 31.04 -36.19 2.22
C LEU A 637 31.17 -34.75 2.71
N LYS A 638 32.23 -34.05 2.27
CA LYS A 638 32.37 -32.65 2.61
C LYS A 638 31.27 -31.83 1.95
N GLN A 639 30.70 -30.91 2.72
CA GLN A 639 29.63 -30.06 2.23
C GLN A 639 30.01 -28.61 2.47
N ASN A 640 30.00 -27.84 1.38
CA ASN A 640 30.39 -26.45 1.47
C ASN A 640 29.37 -25.68 2.32
N LYS A 641 29.86 -24.71 3.07
CA LYS A 641 29.04 -24.03 4.07
C LYS A 641 27.85 -23.28 3.48
N GLU A 642 27.64 -23.31 2.16
CA GLU A 642 26.45 -22.73 1.56
C GLU A 642 25.23 -23.62 1.70
N VAL A 643 25.41 -24.91 2.05
CA VAL A 643 24.26 -25.75 2.39
C VAL A 643 24.00 -25.77 3.88
N LEU A 644 24.69 -24.92 4.65
CA LEU A 644 24.47 -24.82 6.08
C LEU A 644 22.98 -24.63 6.38
N GLU A 645 22.34 -23.76 5.62
CA GLU A 645 20.93 -23.44 5.75
C GLU A 645 20.01 -24.49 5.12
N LEU A 646 20.56 -25.45 4.39
CA LEU A 646 19.77 -26.55 3.85
C LEU A 646 20.05 -27.86 4.57
N ALA A 647 21.20 -27.99 5.20
CA ALA A 647 21.60 -29.22 5.86
C ALA A 647 20.89 -29.31 7.20
N PHE A 648 20.09 -30.35 7.36
CA PHE A 648 19.44 -30.65 8.63
C PHE A 648 19.71 -32.10 8.93
N SER A 649 19.88 -32.42 10.21
CA SER A 649 20.01 -33.78 10.66
C SER A 649 18.96 -34.02 11.72
N ILE A 650 17.86 -34.63 11.31
CA ILE A 650 16.79 -35.00 12.23
C ILE A 650 17.28 -36.20 13.03
N LEU A 651 17.18 -36.12 14.35
CA LEU A 651 17.76 -37.13 15.21
C LEU A 651 16.75 -38.23 15.49
N TYR A 652 17.21 -39.47 15.51
CA TYR A 652 16.43 -40.63 15.89
C TYR A 652 17.35 -41.84 15.98
N ASP A 653 16.93 -42.83 16.76
CA ASP A 653 17.61 -44.10 16.97
C ASP A 653 18.94 -43.91 17.68
N SER A 654 19.40 -42.67 17.87
CA SER A 654 20.72 -42.33 18.39
C SER A 654 21.82 -42.84 17.46
N ASN A 655 21.46 -43.48 16.35
CA ASN A 655 22.43 -44.04 15.42
C ASN A 655 22.08 -43.84 13.95
N CYS A 656 20.85 -43.49 13.61
CA CYS A 656 20.47 -43.15 12.25
C CYS A 656 19.75 -41.81 12.23
N GLN A 657 20.19 -40.92 11.36
CA GLN A 657 19.65 -39.57 11.34
C GLN A 657 19.30 -39.17 9.92
N LEU A 658 18.39 -38.19 9.84
CA LEU A 658 17.96 -37.63 8.56
C LEU A 658 18.94 -36.50 8.23
N ASN A 659 20.02 -36.87 7.55
CA ASN A 659 21.13 -35.97 7.26
C ASN A 659 20.94 -35.48 5.82
N PHE A 660 20.04 -34.52 5.62
CA PHE A 660 19.61 -34.17 4.28
C PHE A 660 19.70 -32.67 4.05
N ILE A 661 19.33 -32.28 2.83
CA ILE A 661 19.49 -30.93 2.32
C ILE A 661 18.11 -30.37 2.02
N ALA A 662 17.88 -29.13 2.38
CA ALA A 662 16.65 -28.49 1.98
C ALA A 662 16.80 -27.86 0.60
N PRO A 663 15.69 -27.65 -0.11
CA PRO A 663 15.80 -26.95 -1.40
C PRO A 663 15.99 -25.45 -1.25
N ASP A 664 15.47 -24.83 -0.20
CA ASP A 664 15.79 -23.42 0.06
C ASP A 664 15.75 -23.17 1.57
N LYS A 665 15.73 -21.89 1.96
CA LYS A 665 15.89 -21.53 3.36
C LYS A 665 14.54 -21.54 4.10
N HIS A 666 13.55 -20.86 3.53
CA HIS A 666 12.30 -20.65 4.25
C HIS A 666 11.67 -21.97 4.64
N GLU A 667 11.66 -22.93 3.72
CA GLU A 667 11.05 -24.23 4.00
C GLU A 667 11.91 -25.05 4.95
N TYR A 668 13.22 -24.85 4.92
CA TYR A 668 14.06 -25.40 5.98
C TYR A 668 13.57 -24.92 7.34
N CYS A 669 13.39 -23.60 7.47
CA CYS A 669 12.84 -23.07 8.70
C CYS A 669 11.47 -23.66 9.00
N ILE A 670 10.66 -23.81 7.97
CA ILE A 670 9.30 -24.35 8.12
C ILE A 670 9.34 -25.75 8.68
N TRP A 671 10.16 -26.62 8.09
CA TRP A 671 10.19 -28.00 8.51
C TRP A 671 10.80 -28.13 9.89
N THR A 672 11.81 -27.33 10.18
CA THR A 672 12.33 -27.30 11.54
C THR A 672 11.25 -26.91 12.52
N ASP A 673 10.48 -25.88 12.19
CA ASP A 673 9.34 -25.50 13.00
C ASP A 673 8.38 -26.68 13.18
N GLY A 674 8.06 -27.35 12.08
CA GLY A 674 7.05 -28.39 12.13
C GLY A 674 7.50 -29.57 12.97
N LEU A 675 8.74 -29.98 12.80
CA LEU A 675 9.27 -31.05 13.61
C LEU A 675 9.39 -30.63 15.06
N ASN A 676 9.58 -29.33 15.32
CA ASN A 676 9.61 -28.88 16.70
C ASN A 676 8.22 -28.88 17.32
N ALA A 677 7.20 -28.56 16.53
CA ALA A 677 5.83 -28.70 17.01
C ALA A 677 5.52 -30.16 17.29
N LEU A 678 5.95 -31.06 16.40
CA LEU A 678 5.91 -32.47 16.69
C LEU A 678 6.58 -32.75 18.03
N LEU A 679 7.77 -32.18 18.23
CA LEU A 679 8.44 -32.22 19.51
C LEU A 679 7.72 -31.40 20.57
N GLY A 680 6.77 -30.56 20.16
CA GLY A 680 6.08 -29.69 21.10
C GLY A 680 6.95 -28.63 21.71
N LYS A 681 7.77 -27.95 20.91
CA LYS A 681 8.55 -26.81 21.37
C LYS A 681 8.36 -25.64 20.41
N ASP A 682 9.18 -24.61 20.62
CA ASP A 682 9.00 -23.34 19.94
C ASP A 682 9.35 -23.44 18.46
N MET A 683 9.12 -22.35 17.75
CA MET A 683 9.35 -22.33 16.31
C MET A 683 10.68 -21.64 16.03
N MET A 684 11.22 -21.92 14.84
CA MET A 684 12.45 -21.26 14.41
C MET A 684 12.35 -20.83 12.94
N SER A 685 11.17 -20.42 12.51
CA SER A 685 11.03 -19.60 11.33
C SER A 685 10.70 -18.19 11.76
N ASP A 686 11.52 -17.23 11.31
CA ASP A 686 11.12 -15.84 11.42
C ASP A 686 9.81 -15.58 10.70
N LEU A 687 9.48 -16.44 9.72
CA LEU A 687 8.15 -16.46 9.14
C LEU A 687 7.10 -16.54 10.24
N THR A 688 7.32 -17.44 11.21
CA THR A 688 6.39 -17.58 12.33
C THR A 688 6.30 -16.28 13.12
N ARG A 689 7.44 -15.65 13.40
CA ARG A 689 7.40 -14.39 14.12
C ARG A 689 6.54 -13.38 13.38
N ASN A 690 6.82 -13.17 12.10
CA ASN A 690 6.15 -12.14 11.32
C ASN A 690 4.65 -12.42 11.23
N ASP A 691 4.29 -13.63 10.81
CA ASP A 691 2.88 -13.93 10.63
C ASP A 691 2.14 -13.87 11.96
N LEU A 692 2.70 -14.46 13.02
CA LEU A 692 1.99 -14.48 14.28
C LEU A 692 1.75 -13.06 14.79
N ASP A 693 2.80 -12.23 14.76
CA ASP A 693 2.62 -10.89 15.29
C ASP A 693 1.59 -10.12 14.48
N THR A 694 1.71 -10.15 13.15
CA THR A 694 0.77 -9.38 12.34
C THR A 694 -0.65 -9.88 12.53
N LEU A 695 -0.84 -11.20 12.63
CA LEU A 695 -2.18 -11.74 12.68
C LEU A 695 -2.83 -11.46 14.02
N LEU A 696 -2.13 -11.72 15.12
CA LEU A 696 -2.71 -11.49 16.43
C LEU A 696 -2.91 -9.99 16.67
N SER A 697 -2.00 -9.17 16.15
CA SER A 697 -2.17 -7.73 16.25
C SER A 697 -3.40 -7.28 15.49
N MET A 698 -3.65 -7.86 14.32
CA MET A 698 -4.89 -7.55 13.61
C MET A 698 -6.09 -7.98 14.44
N GLU A 699 -6.07 -9.21 14.96
CA GLU A 699 -7.18 -9.71 15.76
C GLU A 699 -7.53 -8.75 16.88
N ILE A 700 -6.54 -8.34 17.67
CA ILE A 700 -6.84 -7.40 18.74
C ILE A 700 -7.26 -6.06 18.17
N LYS A 701 -6.67 -5.67 17.03
CA LYS A 701 -7.13 -4.50 16.32
C LYS A 701 -8.55 -4.71 15.81
N LEU A 702 -9.01 -5.95 15.78
CA LEU A 702 -10.42 -6.23 15.57
C LEU A 702 -11.16 -6.41 16.87
N ARG A 703 -10.58 -5.95 17.98
CA ARG A 703 -11.26 -5.94 19.25
C ARG A 703 -11.51 -4.53 19.76
N LEU A 704 -10.75 -3.55 19.30
CA LEU A 704 -10.91 -2.16 19.68
C LEU A 704 -12.27 -1.57 19.30
N LEU A 705 -13.11 -2.39 18.69
CA LEU A 705 -14.32 -1.87 18.05
C LEU A 705 -15.33 -1.34 19.06
N ASP A 706 -15.60 -2.10 20.13
CA ASP A 706 -16.65 -1.73 21.07
C ASP A 706 -16.35 -0.46 21.85
N LEU A 707 -15.10 -0.01 21.86
CA LEU A 707 -14.72 1.23 22.54
C LEU A 707 -14.71 2.44 21.64
N GLU A 708 -14.69 2.24 20.33
CA GLU A 708 -14.11 3.24 19.44
C GLU A 708 -14.82 4.58 19.54
N ASN A 709 -14.05 5.62 19.23
CA ASN A 709 -14.36 7.04 19.41
C ASN A 709 -14.29 7.39 20.90
N ILE A 710 -14.10 6.41 21.77
CA ILE A 710 -13.91 6.64 23.20
C ILE A 710 -12.72 5.81 23.65
N GLN A 711 -11.91 6.37 24.54
CA GLN A 711 -10.65 5.74 24.92
C GLN A 711 -10.84 4.87 26.14
N ILE A 712 -9.83 4.04 26.44
CA ILE A 712 -9.93 2.99 27.45
C ILE A 712 -9.44 3.57 28.78
N PRO A 713 -9.98 3.15 29.91
CA PRO A 713 -9.24 3.27 31.17
C PRO A 713 -8.05 2.32 31.18
N ASP A 714 -6.85 2.89 31.10
CA ASP A 714 -5.63 2.10 31.11
C ASP A 714 -5.54 1.22 32.35
N ALA A 715 -5.68 1.83 33.52
CA ALA A 715 -5.55 1.11 34.77
C ALA A 715 -6.80 0.25 34.98
N PRO A 716 -6.75 -0.75 35.87
CA PRO A 716 -7.97 -1.44 36.27
C PRO A 716 -8.89 -0.52 37.04
N PRO A 717 -10.11 -0.27 36.54
CA PRO A 717 -11.12 0.33 37.39
C PRO A 717 -11.45 -0.58 38.55
N PRO A 718 -12.11 -0.08 39.57
CA PRO A 718 -12.44 -0.93 40.72
C PRO A 718 -13.51 -1.95 40.40
N ILE A 719 -13.89 -2.73 41.41
CA ILE A 719 -15.06 -3.60 41.28
C ILE A 719 -16.19 -2.97 42.09
N PRO A 720 -17.23 -2.49 41.43
CA PRO A 720 -18.40 -2.00 42.17
C PRO A 720 -19.12 -3.15 42.86
N LYS A 721 -19.72 -2.81 44.00
CA LYS A 721 -20.31 -3.82 44.86
C LYS A 721 -21.58 -4.40 44.23
N GLU A 722 -21.87 -5.64 44.61
CA GLU A 722 -23.03 -6.40 44.18
C GLU A 722 -24.02 -6.47 45.33
N PRO A 723 -25.22 -6.97 45.08
CA PRO A 723 -25.94 -7.63 46.16
C PRO A 723 -25.35 -9.02 46.27
N SER A 724 -24.78 -9.34 47.43
CA SER A 724 -24.02 -10.58 47.57
C SER A 724 -24.82 -11.78 47.08
N ASN A 725 -26.11 -11.82 47.43
CA ASN A 725 -26.98 -12.90 46.99
C ASN A 725 -27.13 -12.90 45.47
N TYR A 726 -27.74 -13.96 44.96
CA TYR A 726 -27.98 -14.11 43.53
C TYR A 726 -29.47 -13.94 43.22
N ASP A 727 -30.19 -13.17 44.04
CA ASP A 727 -31.64 -13.11 43.98
C ASP A 727 -32.13 -12.14 42.90
N PHE A 728 -32.58 -12.68 41.78
CA PHE A 728 -32.66 -11.94 40.53
C PHE A 728 -33.94 -11.10 40.54
N VAL A 729 -33.81 -9.78 40.49
CA VAL A 729 -35.00 -8.96 40.29
C VAL A 729 -35.53 -9.13 38.87
N TYR A 730 -34.65 -9.06 37.88
CA TYR A 730 -34.94 -9.65 36.58
C TYR A 730 -34.23 -10.98 36.48
N ASP A 731 -35.01 -12.02 36.21
CA ASP A 731 -34.47 -13.38 36.20
C ASP A 731 -33.46 -13.56 35.08
N CYS A 732 -32.76 -14.68 35.13
CA CYS A 732 -31.90 -15.11 34.02
C CYS A 732 -32.76 -15.79 32.96
N ASN A 733 -32.11 -16.48 32.04
CA ASN A 733 -32.75 -17.29 31.00
C ASN A 733 -33.48 -16.41 29.99
N MET B 7 -24.63 -9.21 41.91
CA MET B 7 -24.99 -10.48 41.29
C MET B 7 -26.49 -10.68 41.51
N ALA B 8 -27.14 -9.67 42.10
CA ALA B 8 -28.59 -9.69 42.25
C ALA B 8 -29.19 -8.35 41.83
N ARG B 9 -30.50 -8.23 41.96
CA ARG B 9 -31.23 -6.99 41.67
C ARG B 9 -31.05 -6.56 40.21
N TRP B 10 -31.46 -7.45 39.31
CA TRP B 10 -31.31 -7.23 37.88
C TRP B 10 -32.61 -6.68 37.32
N ILE B 11 -32.51 -5.84 36.29
CA ILE B 11 -33.68 -5.16 35.74
C ILE B 11 -33.80 -5.45 34.25
N PRO B 12 -35.01 -5.61 33.72
CA PRO B 12 -35.18 -5.76 32.26
C PRO B 12 -35.08 -4.41 31.57
N THR B 13 -34.08 -4.26 30.70
CA THR B 13 -33.88 -3.03 29.97
C THR B 13 -33.18 -3.38 28.66
N LYS B 14 -33.27 -2.50 27.67
CA LYS B 14 -32.55 -2.66 26.41
C LYS B 14 -31.49 -1.59 26.20
N ARG B 15 -31.22 -0.77 27.21
CA ARG B 15 -30.22 0.29 27.12
C ARG B 15 -28.81 -0.19 27.44
N GLN B 16 -28.55 -1.47 27.26
CA GLN B 16 -27.30 -2.06 27.70
C GLN B 16 -26.68 -3.00 26.67
N LYS B 17 -27.28 -3.18 25.50
CA LYS B 17 -26.75 -4.14 24.55
C LYS B 17 -25.34 -3.78 24.13
N TYR B 18 -24.93 -2.54 24.34
CA TYR B 18 -23.51 -2.18 24.35
C TYR B 18 -22.90 -2.60 25.69
N GLY B 19 -22.83 -3.91 25.88
CA GLY B 19 -22.05 -4.41 26.98
C GLY B 19 -20.60 -4.41 26.56
N VAL B 20 -19.83 -3.45 27.05
CA VAL B 20 -18.52 -3.15 26.50
C VAL B 20 -17.45 -3.47 27.51
N ALA B 21 -16.65 -4.50 27.23
CA ALA B 21 -15.49 -4.80 28.06
C ALA B 21 -14.44 -3.72 27.90
N ILE B 22 -13.64 -3.53 28.94
CA ILE B 22 -12.58 -2.53 28.94
C ILE B 22 -11.22 -3.15 28.63
N TYR B 23 -10.77 -4.08 29.45
CA TYR B 23 -9.42 -4.62 29.34
C TYR B 23 -9.50 -6.09 29.77
N ASN B 24 -8.35 -6.69 30.07
CA ASN B 24 -8.33 -8.06 30.56
C ASN B 24 -9.24 -8.19 31.76
N TYR B 25 -10.34 -8.91 31.62
CA TYR B 25 -11.17 -9.10 32.80
C TYR B 25 -10.65 -10.33 33.53
N ASN B 26 -11.36 -10.78 34.55
CA ASN B 26 -10.89 -11.85 35.41
C ASN B 26 -11.99 -12.88 35.59
N ALA B 27 -11.56 -14.08 35.96
CA ALA B 27 -12.45 -15.19 36.22
C ALA B 27 -13.07 -15.12 37.61
N SER B 28 -13.08 -13.93 38.21
CA SER B 28 -13.71 -13.76 39.52
C SER B 28 -15.18 -14.14 39.47
N GLN B 29 -15.77 -14.13 38.28
CA GLN B 29 -17.20 -14.37 38.11
C GLN B 29 -17.41 -15.67 37.35
N ASP B 30 -18.58 -16.28 37.59
CA ASP B 30 -18.88 -17.60 37.05
C ASP B 30 -18.67 -17.64 35.54
N VAL B 31 -19.03 -16.57 34.84
CA VAL B 31 -19.02 -16.56 33.39
C VAL B 31 -18.02 -15.57 32.81
N GLU B 32 -16.89 -15.36 33.47
CA GLU B 32 -15.97 -14.29 33.10
C GLU B 32 -14.54 -14.77 32.99
N LEU B 33 -13.75 -14.00 32.24
CA LEU B 33 -12.41 -14.37 31.80
C LEU B 33 -11.70 -13.09 31.38
N SER B 34 -10.50 -13.23 30.81
CA SER B 34 -9.72 -12.07 30.38
C SER B 34 -10.36 -11.45 29.15
N LEU B 35 -11.36 -10.61 29.37
CA LEU B 35 -12.15 -10.08 28.27
C LEU B 35 -11.30 -9.24 27.34
N GLN B 36 -11.56 -9.38 26.04
CA GLN B 36 -10.93 -8.54 25.04
C GLN B 36 -11.59 -7.16 25.08
N ILE B 37 -11.22 -6.33 24.11
CA ILE B 37 -11.74 -4.96 24.04
C ILE B 37 -13.19 -5.01 23.58
N GLY B 38 -13.42 -5.58 22.40
CA GLY B 38 -14.75 -5.60 21.83
C GLY B 38 -15.64 -6.73 22.30
N ASP B 39 -15.43 -7.19 23.52
CA ASP B 39 -16.21 -8.30 24.05
C ASP B 39 -17.60 -7.77 24.40
N THR B 40 -18.43 -7.63 23.38
CA THR B 40 -19.78 -7.16 23.58
C THR B 40 -20.65 -8.25 24.19
N VAL B 41 -21.38 -7.87 25.24
CA VAL B 41 -22.41 -8.72 25.81
C VAL B 41 -23.72 -8.00 25.63
N HIS B 42 -24.67 -8.67 24.99
CA HIS B 42 -26.00 -8.12 24.79
C HIS B 42 -26.78 -8.36 26.06
N ILE B 43 -26.69 -7.40 26.98
CA ILE B 43 -27.00 -7.64 28.37
C ILE B 43 -28.52 -7.59 28.53
N LEU B 44 -29.04 -8.36 29.49
CA LEU B 44 -30.45 -8.31 29.80
C LEU B 44 -30.69 -7.92 31.26
N GLU B 45 -29.77 -8.30 32.15
CA GLU B 45 -29.95 -8.19 33.58
C GLU B 45 -29.29 -6.90 34.08
N MET B 46 -30.12 -5.96 34.57
CA MET B 46 -29.66 -4.65 35.03
C MET B 46 -29.62 -4.58 36.55
N TYR B 47 -28.48 -4.95 37.11
CA TYR B 47 -28.12 -4.51 38.44
C TYR B 47 -27.24 -3.27 38.31
N GLU B 48 -27.31 -2.41 39.32
CA GLU B 48 -26.61 -1.14 39.28
C GLU B 48 -25.11 -1.35 39.08
N GLY B 49 -24.43 -1.96 40.04
CA GLY B 49 -22.99 -2.10 39.95
C GLY B 49 -22.49 -3.18 39.03
N TRP B 50 -23.37 -4.07 38.58
CA TRP B 50 -22.94 -5.21 37.79
C TRP B 50 -23.93 -5.44 36.67
N TYR B 51 -23.41 -5.88 35.53
CA TYR B 51 -24.24 -6.18 34.37
C TYR B 51 -23.94 -7.61 33.96
N ARG B 52 -24.95 -8.47 33.94
CA ARG B 52 -24.78 -9.79 33.38
C ARG B 52 -25.75 -9.97 32.23
N GLY B 53 -25.22 -10.40 31.09
CA GLY B 53 -26.02 -10.49 29.90
C GLY B 53 -25.33 -11.28 28.82
N TYR B 54 -26.12 -11.63 27.80
CA TYR B 54 -25.71 -12.66 26.86
C TYR B 54 -24.62 -12.13 25.94
N THR B 55 -23.49 -12.83 25.94
CA THR B 55 -22.33 -12.39 25.19
C THR B 55 -22.60 -12.42 23.69
N LEU B 56 -21.94 -11.53 22.97
CA LEU B 56 -21.92 -11.62 21.52
C LEU B 56 -21.44 -12.99 21.07
N GLN B 57 -20.37 -13.49 21.69
CA GLN B 57 -19.82 -14.78 21.32
C GLN B 57 -20.83 -15.90 21.56
N ASN B 58 -21.53 -15.85 22.69
CA ASN B 58 -22.51 -16.89 23.02
C ASN B 58 -23.74 -16.16 23.56
N LYS B 59 -24.79 -16.10 22.75
CA LYS B 59 -25.97 -15.32 23.05
C LYS B 59 -26.95 -16.06 23.95
N SER B 60 -26.64 -17.28 24.37
CA SER B 60 -27.34 -17.94 25.45
C SER B 60 -26.51 -18.03 26.72
N LYS B 61 -25.29 -17.51 26.69
CA LYS B 61 -24.39 -17.53 27.83
C LYS B 61 -24.17 -16.10 28.30
N LYS B 62 -24.37 -15.88 29.59
CA LYS B 62 -24.24 -14.55 30.16
C LYS B 62 -22.78 -14.21 30.46
N GLY B 63 -22.56 -12.95 30.80
CA GLY B 63 -21.34 -12.46 31.37
C GLY B 63 -21.68 -11.50 32.50
N ILE B 64 -21.08 -11.69 33.68
CA ILE B 64 -21.34 -10.84 34.85
C ILE B 64 -20.10 -9.96 35.02
N PHE B 65 -20.21 -8.71 34.60
CA PHE B 65 -19.05 -7.86 34.38
C PHE B 65 -19.34 -6.56 35.12
N PRO B 66 -18.36 -5.98 35.80
CA PRO B 66 -18.65 -4.78 36.61
C PRO B 66 -19.16 -3.65 35.75
N GLU B 67 -20.11 -2.89 36.32
CA GLU B 67 -20.70 -1.80 35.57
C GLU B 67 -19.65 -0.78 35.16
N THR B 68 -18.71 -0.46 36.05
CA THR B 68 -17.61 0.42 35.65
C THR B 68 -16.77 -0.22 34.56
N TYR B 69 -16.54 -1.53 34.65
CA TYR B 69 -15.86 -2.22 33.58
C TYR B 69 -16.70 -2.21 32.30
N ILE B 70 -18.02 -2.11 32.44
CA ILE B 70 -18.89 -1.94 31.29
C ILE B 70 -18.74 -0.53 30.75
N HIS B 71 -18.10 -0.39 29.61
CA HIS B 71 -18.08 0.91 28.94
C HIS B 71 -19.42 1.08 28.24
N LEU B 72 -20.49 1.14 29.02
CA LEU B 72 -21.83 1.10 28.44
C LEU B 72 -22.06 2.32 27.56
N LYS B 73 -22.62 2.07 26.39
CA LYS B 73 -23.28 3.11 25.60
C LYS B 73 -24.75 2.76 25.57
N GLU B 74 -25.59 3.70 26.00
CA GLU B 74 -27.00 3.40 26.26
C GLU B 74 -27.68 2.78 25.06
N ALA B 75 -27.35 3.25 23.86
CA ALA B 75 -28.00 2.74 22.67
C ALA B 75 -27.73 1.24 22.51
N THR B 76 -28.49 0.62 21.62
CA THR B 76 -28.23 -0.73 21.16
C THR B 76 -27.18 -0.64 20.06
N VAL B 77 -26.97 -1.72 19.29
CA VAL B 77 -25.95 -1.71 18.25
C VAL B 77 -26.25 -0.64 17.19
N GLU B 78 -27.50 -0.20 17.10
CA GLU B 78 -27.82 0.90 16.22
C GLU B 78 -27.27 2.20 16.80
N ASP B 79 -27.26 3.26 15.98
CA ASP B 79 -26.70 4.54 16.41
C ASP B 79 -27.60 5.72 16.08
N LEU B 80 -28.83 5.48 15.62
CA LEU B 80 -29.70 6.58 15.20
C LEU B 80 -30.99 6.71 16.00
N GLY B 81 -31.50 5.62 16.57
CA GLY B 81 -32.74 5.71 17.33
C GLY B 81 -32.66 6.69 18.47
N GLN B 82 -31.54 6.68 19.18
CA GLN B 82 -31.17 7.74 20.11
C GLN B 82 -30.08 8.64 19.54
N HIS B 83 -29.74 8.46 18.26
CA HIS B 83 -28.74 9.27 17.55
C HIS B 83 -27.35 9.18 18.20
N GLU B 84 -26.85 7.96 18.35
CA GLU B 84 -25.42 7.81 18.62
C GLU B 84 -24.58 7.96 17.35
N THR B 85 -25.21 7.99 16.18
CA THR B 85 -24.55 8.47 14.98
C THR B 85 -23.99 9.86 15.26
N VAL B 86 -22.67 9.98 15.20
CA VAL B 86 -22.04 11.29 15.23
C VAL B 86 -22.60 12.20 14.13
N ILE B 87 -23.26 11.61 13.14
CA ILE B 87 -23.87 12.31 12.01
C ILE B 87 -24.94 11.37 11.46
N PRO B 88 -26.18 11.85 11.28
CA PRO B 88 -27.28 10.93 10.97
C PRO B 88 -27.09 10.21 9.64
N GLY B 89 -27.58 8.97 9.59
CA GLY B 89 -27.85 8.29 8.34
C GLY B 89 -26.83 7.28 7.87
N GLU B 90 -25.75 7.06 8.61
CA GLU B 90 -24.79 6.06 8.18
C GLU B 90 -24.55 4.93 9.16
N LEU B 91 -24.27 5.21 10.42
CA LEU B 91 -23.61 4.27 11.34
C LEU B 91 -24.26 2.90 11.43
N PRO B 92 -25.53 2.72 11.09
CA PRO B 92 -25.95 1.39 10.65
C PRO B 92 -24.99 0.79 9.64
N LEU B 93 -24.51 1.61 8.69
CA LEU B 93 -23.49 1.15 7.76
C LEU B 93 -22.20 0.75 8.48
N VAL B 94 -21.75 1.52 9.47
CA VAL B 94 -20.51 1.10 10.11
C VAL B 94 -20.70 -0.18 10.91
N GLN B 95 -21.86 -0.37 11.54
CA GLN B 95 -22.01 -1.59 12.33
C GLN B 95 -22.15 -2.82 11.43
N GLU B 96 -22.87 -2.68 10.32
CA GLU B 96 -22.87 -3.79 9.38
C GLU B 96 -21.48 -3.99 8.80
N LEU B 97 -20.69 -2.92 8.71
CA LEU B 97 -19.29 -3.08 8.37
C LEU B 97 -18.57 -3.92 9.41
N THR B 98 -18.83 -3.67 10.68
CA THR B 98 -18.21 -4.48 11.73
C THR B 98 -18.55 -5.94 11.56
N SER B 99 -19.82 -6.23 11.27
CA SER B 99 -20.21 -7.60 11.00
C SER B 99 -19.47 -8.14 9.78
N THR B 100 -19.35 -7.30 8.75
CA THR B 100 -18.57 -7.65 7.57
C THR B 100 -17.17 -8.05 7.98
N LEU B 101 -16.62 -7.32 8.94
CA LEU B 101 -15.25 -7.54 9.37
C LEU B 101 -15.14 -8.83 10.13
N ARG B 102 -16.10 -9.11 11.01
CA ARG B 102 -16.02 -10.38 11.73
C ARG B 102 -16.32 -11.55 10.81
N GLU B 103 -16.91 -11.28 9.64
CA GLU B 103 -16.94 -12.32 8.62
C GLU B 103 -15.57 -12.48 7.97
N TRP B 104 -14.93 -11.36 7.67
CA TRP B 104 -13.55 -11.46 7.22
C TRP B 104 -12.69 -12.12 8.27
N ALA B 105 -13.12 -12.09 9.52
CA ALA B 105 -12.39 -12.76 10.57
C ALA B 105 -12.31 -14.25 10.31
N VAL B 106 -13.46 -14.89 10.17
CA VAL B 106 -13.42 -16.31 9.91
C VAL B 106 -12.75 -16.58 8.57
N ILE B 107 -12.86 -15.66 7.60
CA ILE B 107 -12.16 -15.95 6.36
C ILE B 107 -10.65 -16.01 6.61
N TRP B 108 -10.05 -14.98 7.22
CA TRP B 108 -8.60 -15.01 7.28
C TRP B 108 -8.10 -16.12 8.18
N ARG B 109 -8.92 -16.60 9.12
CA ARG B 109 -8.58 -17.90 9.69
C ARG B 109 -8.60 -19.00 8.64
N LYS B 110 -9.56 -18.97 7.73
CA LYS B 110 -9.51 -20.08 6.79
C LYS B 110 -8.66 -19.79 5.57
N LEU B 111 -7.64 -18.94 5.67
CA LEU B 111 -6.87 -18.55 4.50
C LEU B 111 -5.42 -18.99 4.57
N TYR B 112 -4.87 -19.17 5.76
CA TYR B 112 -3.60 -19.85 5.90
C TYR B 112 -3.72 -21.35 5.85
N VAL B 113 -4.93 -21.90 5.95
CA VAL B 113 -5.11 -23.33 5.79
C VAL B 113 -4.78 -23.74 4.36
N ASN B 114 -5.13 -22.90 3.40
CA ASN B 114 -4.62 -23.00 2.05
C ASN B 114 -3.53 -21.97 1.88
N ASN B 115 -3.03 -21.82 0.67
CA ASN B 115 -2.10 -20.73 0.39
C ASN B 115 -2.55 -20.04 -0.90
N LYS B 116 -3.48 -19.11 -0.74
CA LYS B 116 -3.86 -18.16 -1.77
C LYS B 116 -3.32 -16.78 -1.42
N LEU B 117 -2.37 -16.75 -0.50
CA LEU B 117 -2.10 -15.61 0.36
C LEU B 117 -1.92 -14.29 -0.39
N THR B 118 -1.81 -14.34 -1.72
CA THR B 118 -1.92 -13.12 -2.52
C THR B 118 -3.19 -12.37 -2.17
N LEU B 119 -4.32 -13.04 -2.35
CA LEU B 119 -5.60 -12.47 -1.97
C LEU B 119 -5.65 -12.20 -0.48
N PHE B 120 -4.87 -12.93 0.31
CA PHE B 120 -4.86 -12.73 1.74
C PHE B 120 -4.23 -11.39 2.10
N ARG B 121 -3.09 -11.08 1.47
CA ARG B 121 -2.55 -9.73 1.43
C ARG B 121 -3.59 -8.69 1.06
N GLN B 122 -4.14 -8.80 -0.14
CA GLN B 122 -5.08 -7.76 -0.55
C GLN B 122 -6.28 -7.71 0.38
N LEU B 123 -6.63 -8.84 0.99
CA LEU B 123 -7.61 -8.84 2.06
C LEU B 123 -7.22 -7.88 3.15
N GLN B 124 -6.02 -8.04 3.69
CA GLN B 124 -5.62 -7.18 4.80
C GLN B 124 -5.61 -5.72 4.37
N GLN B 125 -5.21 -5.45 3.13
CA GLN B 125 -5.10 -4.07 2.71
C GLN B 125 -6.46 -3.40 2.55
N MET B 126 -7.38 -4.09 1.89
CA MET B 126 -8.74 -3.57 1.80
C MET B 126 -9.35 -3.47 3.19
N THR B 127 -9.02 -4.43 4.07
CA THR B 127 -9.42 -4.37 5.46
C THR B 127 -8.92 -3.09 6.11
N TYR B 128 -7.66 -2.75 5.88
CA TYR B 128 -7.07 -1.57 6.46
C TYR B 128 -7.74 -0.31 5.95
N SER B 129 -8.01 -0.26 4.65
CA SER B 129 -8.72 0.89 4.09
C SER B 129 -10.11 1.01 4.71
N LEU B 130 -10.81 -0.11 4.83
CA LEU B 130 -12.13 -0.05 5.42
C LEU B 130 -12.07 0.40 6.87
N ILE B 131 -11.13 -0.13 7.65
CA ILE B 131 -11.08 0.24 9.05
C ILE B 131 -10.61 1.66 9.25
N GLU B 132 -9.78 2.20 8.36
CA GLU B 132 -9.42 3.60 8.50
C GLU B 132 -10.59 4.50 8.11
N TRP B 133 -11.39 4.08 7.14
CA TRP B 133 -12.64 4.80 6.89
C TRP B 133 -13.55 4.71 8.11
N ARG B 134 -13.62 3.52 8.69
CA ARG B 134 -14.34 3.31 9.93
C ARG B 134 -13.90 4.31 11.00
N SER B 135 -12.60 4.43 11.21
CA SER B 135 -12.08 5.25 12.28
C SER B 135 -12.24 6.74 11.97
N GLN B 136 -12.01 7.13 10.72
CA GLN B 136 -12.19 8.53 10.35
C GLN B 136 -13.66 8.92 10.44
N ILE B 137 -14.57 7.97 10.19
CA ILE B 137 -15.99 8.22 10.37
C ILE B 137 -16.47 7.74 11.72
N LEU B 138 -15.56 7.55 12.67
CA LEU B 138 -15.96 7.52 14.07
C LEU B 138 -16.70 8.80 14.42
N SER B 139 -16.28 9.90 13.83
CA SER B 139 -16.97 11.18 13.90
C SER B 139 -17.43 11.61 12.52
N GLY B 140 -18.16 12.74 12.50
CA GLY B 140 -18.56 13.35 11.25
C GLY B 140 -17.42 14.16 10.66
N THR B 141 -16.23 13.54 10.63
CA THR B 141 -15.01 14.26 10.32
C THR B 141 -15.03 14.85 8.92
N LEU B 142 -15.55 14.08 7.96
CA LEU B 142 -15.64 14.56 6.60
C LEU B 142 -16.87 15.46 6.44
N PRO B 143 -16.93 16.24 5.36
CA PRO B 143 -18.20 16.87 5.00
C PRO B 143 -19.19 15.82 4.51
N LYS B 144 -20.47 16.12 4.71
CA LYS B 144 -21.52 15.11 4.54
C LYS B 144 -21.45 14.44 3.17
N ASP B 145 -21.24 15.23 2.11
CA ASP B 145 -21.10 14.67 0.78
C ASP B 145 -19.92 13.71 0.72
N GLU B 146 -18.82 14.08 1.36
CA GLU B 146 -17.71 13.15 1.46
C GLU B 146 -18.10 11.89 2.21
N LEU B 147 -18.97 12.02 3.21
CA LEU B 147 -19.47 10.80 3.85
C LEU B 147 -20.25 9.94 2.88
N ALA B 148 -21.03 10.54 1.99
CA ALA B 148 -21.68 9.75 0.95
C ALA B 148 -20.64 9.08 0.06
N GLU B 149 -19.58 9.81 -0.26
CA GLU B 149 -18.49 9.25 -1.06
C GLU B 149 -17.90 8.03 -0.38
N LEU B 150 -17.60 8.16 0.90
CA LEU B 150 -17.08 7.06 1.68
C LEU B 150 -18.06 5.91 1.80
N LYS B 151 -19.36 6.19 1.93
CA LYS B 151 -20.34 5.12 1.83
C LYS B 151 -20.17 4.37 0.53
N LYS B 152 -20.02 5.11 -0.57
CA LYS B 152 -19.83 4.47 -1.86
C LYS B 152 -18.59 3.58 -1.84
N LYS B 153 -17.49 4.11 -1.32
CA LYS B 153 -16.23 3.39 -1.36
C LYS B 153 -16.23 2.17 -0.46
N VAL B 154 -16.80 2.29 0.74
CA VAL B 154 -16.89 1.15 1.64
C VAL B 154 -17.82 0.10 1.06
N THR B 155 -18.93 0.54 0.45
CA THR B 155 -19.80 -0.41 -0.22
C THR B 155 -19.04 -1.15 -1.28
N ALA B 156 -18.24 -0.41 -2.06
CA ALA B 156 -17.47 -1.01 -3.12
C ALA B 156 -16.51 -2.06 -2.58
N LYS B 157 -15.75 -1.69 -1.56
CA LYS B 157 -14.77 -2.62 -1.03
C LYS B 157 -15.46 -3.84 -0.43
N ILE B 158 -16.58 -3.60 0.23
CA ILE B 158 -17.30 -4.68 0.90
C ILE B 158 -17.82 -5.68 -0.11
N ASP B 159 -18.50 -5.21 -1.12
CA ASP B 159 -19.01 -6.13 -2.13
C ASP B 159 -17.88 -6.83 -2.84
N HIS B 160 -16.78 -6.12 -3.09
CA HIS B 160 -15.59 -6.77 -3.61
C HIS B 160 -15.21 -7.97 -2.77
N GLY B 161 -15.04 -7.76 -1.46
CA GLY B 161 -14.68 -8.87 -0.60
C GLY B 161 -15.70 -9.98 -0.67
N ASN B 162 -16.97 -9.62 -0.74
CA ASN B 162 -18.02 -10.61 -0.71
C ASN B 162 -17.96 -11.49 -1.94
N ARG B 163 -17.87 -10.88 -3.12
CA ARG B 163 -17.72 -11.65 -4.35
C ARG B 163 -16.43 -12.45 -4.35
N MET B 164 -15.38 -11.93 -3.72
CA MET B 164 -14.17 -12.72 -3.51
C MET B 164 -14.45 -14.00 -2.75
N LEU B 165 -15.20 -13.89 -1.66
CA LEU B 165 -15.58 -15.07 -0.91
C LEU B 165 -16.82 -15.72 -1.48
N GLY B 166 -17.34 -15.17 -2.58
CA GLY B 166 -18.57 -15.68 -3.14
C GLY B 166 -19.69 -15.54 -2.13
N LEU B 167 -19.70 -14.40 -1.45
CA LEU B 167 -20.70 -14.13 -0.42
C LEU B 167 -21.99 -13.68 -1.09
N ASP B 168 -22.89 -13.13 -0.29
CA ASP B 168 -24.14 -12.67 -0.86
C ASP B 168 -23.94 -11.41 -1.68
N LEU B 169 -25.05 -10.81 -2.07
CA LEU B 169 -25.03 -9.45 -2.58
C LEU B 169 -25.60 -8.51 -1.54
N VAL B 170 -24.88 -7.45 -1.26
CA VAL B 170 -25.45 -6.32 -0.53
C VAL B 170 -26.06 -5.37 -1.54
N VAL B 171 -27.10 -4.66 -1.11
CA VAL B 171 -27.86 -3.76 -1.95
C VAL B 171 -27.93 -2.43 -1.23
N ARG B 172 -28.70 -1.49 -1.79
CA ARG B 172 -28.79 -0.14 -1.26
C ARG B 172 -27.40 0.48 -1.13
N ASP B 173 -26.83 0.78 -2.30
CA ASP B 173 -25.47 1.30 -2.40
C ASP B 173 -25.14 2.29 -1.28
N ASP B 174 -25.99 3.29 -1.09
CA ASP B 174 -25.71 4.34 -0.13
C ASP B 174 -26.64 4.24 1.06
N ASN B 175 -26.44 5.16 2.02
CA ASN B 175 -27.20 5.37 3.24
C ASN B 175 -27.74 4.10 3.86
N GLY B 176 -26.92 3.06 3.94
CA GLY B 176 -27.21 1.93 4.80
C GLY B 176 -26.92 0.56 4.25
N ASN B 177 -27.02 0.35 2.93
CA ASN B 177 -26.96 -0.98 2.33
C ASN B 177 -28.14 -1.85 2.75
N ILE B 178 -29.03 -1.26 3.54
CA ILE B 178 -30.03 -1.99 4.29
C ILE B 178 -31.43 -1.44 4.02
N LEU B 179 -31.51 -0.23 3.49
CA LEU B 179 -32.81 0.38 3.26
C LEU B 179 -33.57 -0.39 2.19
N ASP B 180 -32.90 -0.72 1.08
CA ASP B 180 -33.55 -1.52 0.05
C ASP B 180 -33.96 -2.91 0.53
N PRO B 181 -33.11 -3.70 1.17
CA PRO B 181 -33.47 -5.10 1.42
C PRO B 181 -34.58 -5.30 2.44
N ASP B 182 -35.29 -4.24 2.82
CA ASP B 182 -36.25 -4.31 3.91
C ASP B 182 -37.57 -4.93 3.49
N GLU B 183 -37.58 -5.69 2.39
CA GLU B 183 -38.77 -6.33 1.82
C GLU B 183 -39.98 -5.40 1.86
N THR B 184 -39.86 -4.26 1.18
CA THR B 184 -40.98 -3.34 1.02
C THR B 184 -41.64 -3.51 -0.34
N SER B 185 -40.86 -3.86 -1.36
CA SER B 185 -41.40 -4.14 -2.68
C SER B 185 -40.78 -5.44 -3.18
N THR B 186 -41.04 -5.76 -4.46
CA THR B 186 -40.41 -6.90 -5.09
C THR B 186 -39.55 -6.49 -6.28
N ILE B 187 -40.16 -5.84 -7.26
CA ILE B 187 -39.47 -5.59 -8.52
C ILE B 187 -38.32 -4.62 -8.29
N ALA B 188 -38.55 -3.62 -7.45
CA ALA B 188 -37.44 -2.75 -7.08
C ALA B 188 -36.33 -3.56 -6.47
N LEU B 189 -36.67 -4.50 -5.60
CA LEU B 189 -35.65 -5.37 -5.02
C LEU B 189 -35.00 -6.23 -6.08
N PHE B 190 -35.79 -6.78 -7.00
CA PHE B 190 -35.20 -7.60 -8.04
C PHE B 190 -34.18 -6.79 -8.81
N LYS B 191 -34.55 -5.60 -9.24
CA LYS B 191 -33.63 -4.82 -10.04
C LYS B 191 -32.50 -4.30 -9.20
N ALA B 192 -32.67 -4.21 -7.89
CA ALA B 192 -31.57 -3.88 -7.02
C ALA B 192 -30.51 -4.98 -7.07
N HIS B 193 -30.95 -6.22 -6.88
CA HIS B 193 -30.07 -7.36 -7.15
C HIS B 193 -29.46 -7.28 -8.54
N GLU B 194 -30.26 -6.90 -9.51
CA GLU B 194 -29.77 -6.78 -10.88
C GLU B 194 -28.63 -5.78 -10.96
N VAL B 195 -28.83 -4.63 -10.34
CA VAL B 195 -27.83 -3.57 -10.28
C VAL B 195 -26.57 -4.05 -9.58
N ALA B 196 -26.72 -4.73 -8.46
CA ALA B 196 -25.56 -5.20 -7.72
C ALA B 196 -24.77 -6.21 -8.53
N SER B 197 -25.46 -7.12 -9.21
CA SER B 197 -24.77 -8.02 -10.11
C SER B 197 -24.06 -7.25 -11.20
N LYS B 198 -24.68 -6.20 -11.74
CA LYS B 198 -23.96 -5.31 -12.65
C LYS B 198 -22.66 -4.83 -12.04
N ARG B 199 -22.71 -4.37 -10.79
CA ARG B 199 -21.51 -3.84 -10.16
C ARG B 199 -20.45 -4.91 -10.02
N ILE B 200 -20.86 -6.13 -9.68
CA ILE B 200 -19.92 -7.25 -9.58
C ILE B 200 -19.27 -7.51 -10.93
N GLU B 201 -20.07 -7.46 -12.00
CA GLU B 201 -19.52 -7.61 -13.34
C GLU B 201 -18.51 -6.50 -13.64
N GLU B 202 -18.86 -5.27 -13.29
CA GLU B 202 -17.95 -4.17 -13.54
C GLU B 202 -16.65 -4.37 -12.81
N LYS B 203 -16.72 -4.80 -11.55
CA LYS B 203 -15.49 -5.01 -10.79
C LYS B 203 -14.68 -6.16 -11.33
N ILE B 204 -15.31 -7.28 -11.69
CA ILE B 204 -14.51 -8.37 -12.21
C ILE B 204 -13.82 -7.93 -13.50
N GLN B 205 -14.57 -7.26 -14.38
CA GLN B 205 -13.99 -6.80 -15.64
C GLN B 205 -12.84 -5.84 -15.40
N GLU B 206 -13.04 -4.84 -14.55
CA GLU B 206 -12.00 -3.86 -14.28
C GLU B 206 -10.79 -4.47 -13.59
N GLU B 207 -11.00 -5.35 -12.60
CA GLU B 207 -9.87 -5.95 -11.91
C GLU B 207 -9.05 -6.80 -12.86
N LYS B 208 -9.71 -7.48 -13.81
CA LYS B 208 -8.95 -8.14 -14.88
C LYS B 208 -8.23 -7.11 -15.73
N SER B 209 -8.90 -5.99 -16.02
CA SER B 209 -8.41 -5.01 -16.98
C SER B 209 -7.66 -3.86 -16.32
N ILE B 210 -7.43 -3.96 -15.02
CA ILE B 210 -6.52 -3.03 -14.33
C ILE B 210 -5.39 -3.87 -13.76
N LEU B 211 -5.67 -5.15 -13.52
CA LEU B 211 -4.66 -6.13 -13.17
C LEU B 211 -3.70 -6.37 -14.32
N GLN B 212 -4.20 -6.29 -15.56
CA GLN B 212 -3.44 -6.67 -16.74
C GLN B 212 -3.19 -5.47 -17.65
N ASN B 213 -4.24 -4.77 -18.05
CA ASN B 213 -4.13 -3.52 -18.78
C ASN B 213 -4.00 -2.35 -17.80
N LEU B 214 -3.52 -1.20 -18.32
CA LEU B 214 -3.37 -0.03 -17.47
C LEU B 214 -3.80 1.29 -18.12
N ASP B 215 -4.45 1.27 -19.29
CA ASP B 215 -4.85 2.53 -19.93
C ASP B 215 -6.35 2.64 -20.11
N LEU B 216 -7.03 1.51 -20.30
CA LEU B 216 -8.47 1.52 -20.53
C LEU B 216 -9.23 2.08 -19.33
N ARG B 217 -8.74 1.81 -18.13
CA ARG B 217 -9.27 2.45 -16.93
C ARG B 217 -9.24 3.97 -17.04
N GLY B 218 -8.09 4.51 -17.47
CA GLY B 218 -7.98 5.96 -17.60
C GLY B 218 -8.92 6.51 -18.64
N GLN B 219 -9.05 5.81 -19.77
CA GLN B 219 -9.98 6.25 -20.80
C GLN B 219 -11.42 6.22 -20.28
N SER B 220 -11.79 5.17 -19.55
CA SER B 220 -13.16 5.05 -19.05
C SER B 220 -13.46 6.16 -18.06
N ILE B 221 -12.48 6.50 -17.21
CA ILE B 221 -12.71 7.59 -16.25
C ILE B 221 -12.77 8.93 -16.96
N PHE B 222 -11.93 9.13 -17.98
CA PHE B 222 -11.97 10.38 -18.74
C PHE B 222 -13.19 10.48 -19.66
N SER B 223 -13.95 9.40 -19.82
CA SER B 223 -15.18 9.49 -20.60
C SER B 223 -16.21 10.43 -19.97
N THR B 224 -16.36 10.42 -18.65
CA THR B 224 -17.40 11.23 -18.01
C THR B 224 -17.04 12.72 -18.04
N ILE B 225 -16.00 13.13 -17.32
CA ILE B 225 -15.53 14.50 -17.33
C ILE B 225 -14.63 14.66 -18.54
N HIS B 226 -14.55 15.89 -19.04
CA HIS B 226 -13.68 16.14 -20.18
C HIS B 226 -12.92 17.45 -20.09
N THR B 227 -12.76 18.02 -18.91
CA THR B 227 -11.87 19.16 -18.71
C THR B 227 -10.60 18.62 -18.09
N TYR B 228 -9.48 18.81 -18.78
CA TYR B 228 -8.21 18.27 -18.33
C TYR B 228 -7.16 19.37 -18.42
N GLY B 229 -6.06 19.16 -17.73
CA GLY B 229 -4.99 20.14 -17.77
C GLY B 229 -3.61 19.51 -17.65
N LEU B 230 -2.77 19.78 -18.64
CA LEU B 230 -1.38 19.40 -18.56
C LEU B 230 -0.69 20.34 -17.58
N TYR B 231 -0.32 19.81 -16.43
CA TYR B 231 0.42 20.58 -15.45
C TYR B 231 1.91 20.43 -15.71
N VAL B 232 2.55 21.54 -16.06
CA VAL B 232 3.99 21.60 -16.25
C VAL B 232 4.58 22.48 -15.16
N ASN B 233 5.58 21.96 -14.47
CA ASN B 233 6.46 22.77 -13.66
C ASN B 233 7.78 22.76 -14.43
N PHE B 234 8.08 23.88 -15.07
CA PHE B 234 9.38 24.04 -15.70
C PHE B 234 10.44 24.27 -14.64
N LYS B 235 11.69 23.95 -14.96
CA LYS B 235 12.75 23.97 -13.95
C LYS B 235 13.83 25.02 -14.22
N ASN B 236 14.51 24.90 -15.35
CA ASN B 236 15.47 25.90 -15.79
C ASN B 236 15.90 25.57 -17.21
N PHE B 237 15.95 26.60 -18.05
CA PHE B 237 16.37 26.46 -19.42
C PHE B 237 17.89 26.39 -19.41
N VAL B 238 18.42 25.21 -19.64
CA VAL B 238 19.86 25.02 -19.64
C VAL B 238 20.41 25.63 -20.91
N CYS B 239 20.87 26.86 -20.80
CA CYS B 239 21.77 27.55 -21.72
C CYS B 239 22.06 28.90 -21.08
N ASN B 240 23.23 29.45 -21.38
CA ASN B 240 23.53 30.82 -21.00
C ASN B 240 23.25 31.68 -22.23
N ILE B 241 22.54 32.77 -22.02
CA ILE B 241 22.04 33.56 -23.14
C ILE B 241 22.86 34.82 -23.34
N GLY B 242 23.17 35.54 -22.26
CA GLY B 242 23.86 36.81 -22.37
C GLY B 242 22.95 37.94 -22.77
N GLU B 243 21.67 37.68 -22.98
CA GLU B 243 20.70 38.69 -23.33
C GLU B 243 19.38 38.35 -22.65
N ASP B 244 18.53 39.36 -22.54
CA ASP B 244 17.17 39.14 -22.09
C ASP B 244 16.51 38.09 -22.96
N ALA B 245 15.66 37.26 -22.37
CA ALA B 245 15.03 36.21 -23.16
C ALA B 245 13.58 36.04 -22.76
N GLU B 246 12.77 35.62 -23.72
CA GLU B 246 11.35 35.43 -23.50
C GLU B 246 10.96 34.02 -23.93
N LEU B 247 10.30 33.31 -23.01
CA LEU B 247 10.00 31.89 -23.12
C LEU B 247 8.50 31.76 -23.24
N PHE B 248 8.04 31.05 -24.26
CA PHE B 248 6.62 30.92 -24.55
C PHE B 248 6.31 29.43 -24.67
N MET B 249 5.25 28.99 -24.02
CA MET B 249 4.95 27.58 -23.88
C MET B 249 3.50 27.31 -24.27
N ALA B 250 3.30 26.69 -25.43
CA ALA B 250 1.96 26.48 -25.95
C ALA B 250 1.89 25.16 -26.70
N LEU B 251 0.66 24.71 -26.93
CA LEU B 251 0.38 23.44 -27.57
C LEU B 251 0.20 23.67 -29.07
N TYR B 252 0.96 22.96 -29.88
CA TYR B 252 0.83 23.03 -31.32
C TYR B 252 0.31 21.71 -31.85
N ASP B 253 -0.49 21.80 -32.91
CA ASP B 253 -1.08 20.64 -33.56
C ASP B 253 -0.47 20.50 -34.96
N PRO B 254 0.51 19.62 -35.14
CA PRO B 254 0.92 19.27 -36.50
C PRO B 254 -0.21 18.68 -37.33
N ASP B 255 -1.10 17.90 -36.70
CA ASP B 255 -2.27 17.42 -37.41
C ASP B 255 -3.07 18.59 -37.99
N GLN B 256 -3.10 19.71 -37.28
CA GLN B 256 -3.83 20.87 -37.74
C GLN B 256 -2.92 21.96 -38.27
N SER B 257 -1.61 21.75 -38.22
CA SER B 257 -0.63 22.72 -38.72
C SER B 257 -0.81 24.09 -38.08
N THR B 258 -1.37 24.11 -36.88
CA THR B 258 -1.72 25.36 -36.22
C THR B 258 -1.54 25.24 -34.71
N PHE B 259 -1.77 26.35 -34.03
CA PHE B 259 -1.62 26.47 -32.59
C PHE B 259 -2.90 26.01 -31.90
N ILE B 260 -2.80 25.82 -30.58
CA ILE B 260 -3.94 25.43 -29.76
C ILE B 260 -4.13 26.35 -28.57
N SER B 261 -3.11 26.49 -27.72
CA SER B 261 -3.26 27.18 -26.45
C SER B 261 -2.44 28.46 -26.43
N GLU B 262 -2.73 29.29 -25.42
CA GLU B 262 -1.99 30.52 -25.21
C GLU B 262 -0.62 30.22 -24.61
N ASN B 263 0.39 30.94 -25.07
CA ASN B 263 1.76 30.71 -24.65
C ASN B 263 1.97 31.19 -23.23
N TYR B 264 2.14 30.27 -22.29
CA TYR B 264 2.57 30.65 -20.97
C TYR B 264 3.94 31.30 -21.06
N LEU B 265 4.14 32.35 -20.28
CA LEU B 265 5.31 33.21 -20.42
C LEU B 265 6.28 32.98 -19.27
N ILE B 266 7.57 33.00 -19.60
CA ILE B 266 8.63 33.15 -18.63
C ILE B 266 9.64 34.20 -19.13
N ARG B 267 10.03 35.08 -18.22
CA ARG B 267 11.12 36.01 -18.44
C ARG B 267 12.42 35.32 -18.12
N TRP B 268 13.49 35.70 -18.81
CA TRP B 268 14.82 35.17 -18.56
C TRP B 268 15.83 36.30 -18.54
N GLY B 269 16.64 36.34 -17.49
CA GLY B 269 17.76 37.26 -17.48
C GLY B 269 18.85 36.83 -18.45
N SER B 270 19.76 37.76 -18.69
CA SER B 270 20.90 37.46 -19.56
C SER B 270 21.84 36.45 -18.94
N ASN B 271 21.67 36.13 -17.66
CA ASN B 271 22.63 35.35 -16.90
C ASN B 271 22.33 33.87 -16.87
N GLY B 272 21.65 33.32 -17.88
CA GLY B 272 21.17 31.97 -17.77
C GLY B 272 20.19 31.78 -16.64
N MET B 273 19.58 32.86 -16.18
CA MET B 273 18.73 32.94 -15.01
C MET B 273 17.36 33.45 -15.43
N PRO B 274 16.28 32.90 -14.89
CA PRO B 274 14.96 33.50 -15.07
C PRO B 274 15.00 34.96 -14.62
N LYS B 275 14.44 35.84 -15.43
CA LYS B 275 14.41 37.25 -15.08
C LYS B 275 13.46 37.50 -13.92
N GLU B 276 12.56 36.56 -13.66
CA GLU B 276 11.74 36.57 -12.46
C GLU B 276 12.14 35.36 -11.61
N ILE B 277 12.56 35.62 -10.37
CA ILE B 277 13.13 34.57 -9.53
C ILE B 277 12.12 33.98 -8.57
N GLU B 278 11.05 34.69 -8.25
CA GLU B 278 9.95 34.18 -7.44
C GLU B 278 9.28 33.00 -8.10
N LYS B 279 9.45 32.84 -9.41
CA LYS B 279 8.95 31.68 -10.13
C LYS B 279 10.00 30.59 -10.29
N LEU B 280 11.30 30.89 -10.14
CA LEU B 280 12.34 29.90 -10.36
C LEU B 280 11.98 28.57 -9.68
N ASN B 281 11.47 28.65 -8.46
CA ASN B 281 10.90 27.46 -7.82
C ASN B 281 9.54 27.13 -8.38
N ASN B 282 8.76 28.15 -8.71
CA ASN B 282 7.33 28.04 -9.00
C ASN B 282 7.02 28.19 -10.49
N LEU B 283 7.88 27.64 -11.34
CA LEU B 283 7.70 27.81 -12.78
C LEU B 283 6.54 26.95 -13.25
N GLN B 284 5.32 27.33 -12.85
CA GLN B 284 4.14 26.47 -12.93
C GLN B 284 3.12 27.01 -13.91
N ALA B 285 2.78 26.19 -14.90
CA ALA B 285 1.67 26.45 -15.80
C ALA B 285 0.78 25.23 -15.86
N VAL B 286 -0.52 25.47 -16.02
CA VAL B 286 -1.49 24.40 -16.17
C VAL B 286 -2.31 24.69 -17.43
N PHE B 287 -2.19 23.82 -18.42
CA PHE B 287 -2.84 24.02 -19.71
C PHE B 287 -4.17 23.28 -19.71
N THR B 288 -5.25 24.05 -19.74
CA THR B 288 -6.60 23.57 -19.50
C THR B 288 -7.33 23.38 -20.81
N ASP B 289 -8.63 23.14 -20.70
CA ASP B 289 -9.58 23.09 -21.79
C ASP B 289 -9.40 21.80 -22.57
N LEU B 290 -8.57 20.89 -22.10
CA LEU B 290 -8.30 19.65 -22.81
C LEU B 290 -9.57 18.81 -22.80
N SER B 291 -10.25 18.76 -23.94
CA SER B 291 -11.51 18.04 -24.08
C SER B 291 -11.27 16.71 -24.75
N SER B 292 -12.34 15.91 -24.80
CA SER B 292 -12.25 14.58 -25.39
C SER B 292 -11.62 14.64 -26.78
N MET B 293 -12.01 15.63 -27.58
CA MET B 293 -11.37 15.80 -28.88
C MET B 293 -9.90 16.17 -28.74
N ASP B 294 -9.58 17.07 -27.81
CA ASP B 294 -8.18 17.44 -27.62
C ASP B 294 -7.33 16.22 -27.35
N LEU B 295 -7.86 15.27 -26.59
CA LEU B 295 -7.12 14.05 -26.30
C LEU B 295 -6.91 13.23 -27.56
N ILE B 296 -8.00 12.97 -28.30
CA ILE B 296 -7.98 11.93 -29.32
C ILE B 296 -7.31 12.35 -30.61
N ARG B 297 -6.78 13.56 -30.68
CA ARG B 297 -6.11 13.99 -31.89
C ARG B 297 -4.82 13.20 -32.07
N PRO B 298 -4.47 12.81 -33.29
CA PRO B 298 -3.34 11.88 -33.48
C PRO B 298 -2.00 12.44 -33.03
N ARG B 299 -1.58 13.57 -33.58
CA ARG B 299 -0.28 14.14 -33.25
C ARG B 299 -0.47 15.49 -32.61
N VAL B 300 0.15 15.67 -31.44
CA VAL B 300 0.11 16.90 -30.68
C VAL B 300 1.50 17.11 -30.10
N SER B 301 1.89 18.36 -29.92
CA SER B 301 3.23 18.61 -29.39
C SER B 301 3.24 19.84 -28.50
N LEU B 302 3.90 19.72 -27.36
CA LEU B 302 4.22 20.92 -26.60
C LEU B 302 5.39 21.61 -27.28
N VAL B 303 5.24 22.91 -27.49
CA VAL B 303 6.21 23.72 -28.21
C VAL B 303 6.48 24.97 -27.40
N CYS B 304 7.75 25.21 -27.10
CA CYS B 304 8.20 26.44 -26.48
C CYS B 304 9.03 27.22 -27.49
N GLN B 305 9.11 28.52 -27.27
CA GLN B 305 9.79 29.44 -28.15
C GLN B 305 10.57 30.42 -27.29
N ILE B 306 11.68 30.92 -27.82
CA ILE B 306 12.48 31.90 -27.12
C ILE B 306 12.82 33.01 -28.09
N VAL B 307 12.60 34.24 -27.63
CA VAL B 307 13.00 35.44 -28.34
C VAL B 307 13.99 36.17 -27.44
N ARG B 308 15.20 36.40 -27.95
CA ARG B 308 16.20 37.12 -27.19
C ARG B 308 15.90 38.60 -27.30
N VAL B 309 15.27 39.14 -26.26
CA VAL B 309 14.99 40.56 -26.13
C VAL B 309 16.14 41.21 -25.38
N GLY B 310 16.30 42.51 -25.55
CA GLY B 310 17.55 43.14 -25.17
C GLY B 310 18.15 43.92 -26.31
N HIS B 311 19.24 43.43 -26.88
CA HIS B 311 19.89 44.16 -27.96
C HIS B 311 19.65 43.47 -29.29
N MET B 312 19.77 44.24 -30.38
CA MET B 312 19.55 43.72 -31.72
C MET B 312 20.47 42.55 -32.07
N GLU B 313 21.68 42.53 -31.53
CA GLU B 313 22.68 41.52 -31.84
C GLU B 313 23.59 41.41 -30.64
N LEU B 314 24.29 40.29 -30.54
CA LEU B 314 25.32 40.11 -29.52
C LEU B 314 26.64 40.41 -30.22
N LYS B 315 26.90 41.70 -30.44
CA LYS B 315 28.13 42.17 -31.05
C LYS B 315 28.60 43.40 -30.29
N GLU B 316 29.91 43.47 -30.05
CA GLU B 316 30.50 44.53 -29.25
C GLU B 316 31.06 45.61 -30.18
N GLY B 317 30.89 46.87 -29.77
CA GLY B 317 31.29 48.01 -30.55
C GLY B 317 30.25 49.12 -30.52
N LYS B 318 28.98 48.75 -30.46
CA LYS B 318 27.90 49.74 -30.37
C LYS B 318 26.85 49.27 -29.38
N LYS B 319 26.28 50.23 -28.67
CA LYS B 319 25.07 49.96 -27.90
C LYS B 319 23.90 49.69 -28.83
N HIS B 320 22.95 48.89 -28.33
CA HIS B 320 21.65 48.76 -28.97
C HIS B 320 20.60 49.12 -27.93
N THR B 321 19.49 49.66 -28.41
CA THR B 321 18.40 50.02 -27.51
C THR B 321 17.93 48.79 -26.74
N CYS B 322 18.16 48.80 -25.43
CA CYS B 322 17.89 47.65 -24.58
C CYS B 322 16.42 47.27 -24.66
N GLY B 323 16.19 45.96 -24.71
CA GLY B 323 14.85 45.47 -24.95
C GLY B 323 14.51 45.23 -26.41
N LEU B 324 15.50 45.05 -27.28
CA LEU B 324 15.28 44.73 -28.68
C LEU B 324 14.97 43.25 -28.82
N ARG B 325 13.76 42.93 -29.25
CA ARG B 325 13.29 41.56 -29.33
C ARG B 325 13.89 40.89 -30.56
N ARG B 326 14.63 39.80 -30.34
CA ARG B 326 15.23 39.04 -31.43
C ARG B 326 14.87 37.57 -31.25
N PRO B 327 14.31 36.92 -32.28
CA PRO B 327 13.91 35.52 -32.12
C PRO B 327 15.11 34.63 -31.83
N PHE B 328 14.92 33.68 -30.94
CA PHE B 328 16.02 32.78 -30.61
C PHE B 328 15.69 31.32 -30.76
N GLY B 329 14.50 30.96 -31.21
CA GLY B 329 14.30 29.60 -31.68
C GLY B 329 13.16 28.91 -30.96
N VAL B 330 13.10 27.58 -31.12
CA VAL B 330 11.94 26.79 -30.73
C VAL B 330 12.39 25.43 -30.21
N ALA B 331 11.60 24.86 -29.30
CA ALA B 331 11.73 23.47 -28.88
C ALA B 331 10.37 22.81 -29.01
N VAL B 332 10.34 21.57 -29.49
CA VAL B 332 9.10 20.83 -29.71
C VAL B 332 9.26 19.39 -29.25
N MET B 333 8.23 18.86 -28.62
CA MET B 333 8.11 17.42 -28.43
C MET B 333 6.67 16.98 -28.48
N ASP B 334 6.42 15.88 -29.20
CA ASP B 334 5.12 15.26 -29.19
C ASP B 334 4.68 14.95 -27.77
N ILE B 335 3.38 15.11 -27.52
CA ILE B 335 2.78 14.79 -26.24
C ILE B 335 1.64 13.81 -26.37
N THR B 336 1.50 13.14 -27.53
CA THR B 336 0.46 12.14 -27.70
C THR B 336 0.54 11.09 -26.60
N ASP B 337 1.74 10.77 -26.14
CA ASP B 337 1.88 9.96 -24.95
C ASP B 337 1.64 10.76 -23.69
N ILE B 338 2.06 12.02 -23.68
CA ILE B 338 1.92 12.85 -22.49
C ILE B 338 0.46 13.18 -22.25
N ILE B 339 -0.29 13.44 -23.32
CA ILE B 339 -1.72 13.67 -23.16
C ILE B 339 -2.40 12.43 -22.62
N HIS B 340 -2.05 11.26 -23.11
CA HIS B 340 -2.68 10.02 -22.70
C HIS B 340 -2.27 9.61 -21.28
N GLY B 341 -1.28 10.27 -20.69
CA GLY B 341 -0.97 10.04 -19.29
C GLY B 341 -0.08 8.85 -19.01
N LYS B 342 0.54 8.28 -20.04
CA LYS B 342 1.40 7.12 -19.83
C LYS B 342 2.58 7.45 -18.93
N VAL B 343 3.24 8.59 -19.17
CA VAL B 343 4.33 9.04 -18.31
C VAL B 343 3.65 9.79 -17.15
N ASP B 344 3.50 9.08 -16.04
CA ASP B 344 2.81 9.60 -14.86
C ASP B 344 3.81 9.73 -13.72
N ASP B 345 4.41 10.90 -13.59
CA ASP B 345 5.32 11.18 -12.47
C ASP B 345 5.58 12.68 -12.38
N GLU B 346 5.42 13.24 -11.17
CA GLU B 346 5.80 14.63 -10.92
C GLU B 346 7.29 14.83 -11.08
N GLU B 347 8.08 13.85 -10.66
CA GLU B 347 9.52 14.03 -10.57
C GLU B 347 10.21 14.02 -11.93
N LYS B 348 9.56 13.51 -12.97
CA LYS B 348 10.26 13.37 -14.25
C LYS B 348 10.49 14.74 -14.83
N GLN B 349 11.71 15.26 -14.64
CA GLN B 349 12.15 16.47 -15.32
C GLN B 349 12.62 16.06 -16.72
N HIS B 350 11.64 15.96 -17.62
CA HIS B 350 11.97 15.72 -19.01
C HIS B 350 12.86 16.84 -19.52
N PHE B 351 14.12 16.51 -19.79
CA PHE B 351 14.97 17.44 -20.51
C PHE B 351 14.45 17.48 -21.93
N ILE B 352 14.27 18.70 -22.44
CA ILE B 352 13.73 18.91 -23.77
C ILE B 352 14.83 19.63 -24.58
N PRO B 353 15.25 19.08 -25.72
CA PRO B 353 16.31 19.71 -26.50
C PRO B 353 15.77 20.86 -27.34
N PHE B 354 16.38 22.02 -27.18
CA PHE B 354 15.93 23.24 -27.85
C PHE B 354 16.78 23.52 -29.08
N GLN B 355 16.12 23.76 -30.21
CA GLN B 355 16.83 24.08 -31.45
C GLN B 355 16.55 25.53 -31.82
N GLN B 356 17.60 26.31 -31.94
CA GLN B 356 17.46 27.66 -32.46
C GLN B 356 17.36 27.60 -33.99
N ILE B 357 16.87 28.68 -34.57
CA ILE B 357 17.08 28.90 -35.99
C ILE B 357 18.58 28.75 -36.26
N ALA B 358 18.91 28.00 -37.30
CA ALA B 358 20.28 27.57 -37.51
C ALA B 358 21.17 28.74 -37.90
N MET B 359 21.97 29.22 -36.95
CA MET B 359 23.06 30.16 -37.25
C MET B 359 24.36 29.39 -37.52
N GLU B 360 24.39 28.72 -38.66
CA GLU B 360 25.44 27.76 -39.01
C GLU B 360 26.52 28.41 -39.89
N THR B 361 27.21 29.41 -39.34
CA THR B 361 28.23 30.13 -40.08
C THR B 361 29.44 30.40 -39.17
N TYR B 362 29.93 29.37 -38.48
CA TYR B 362 31.06 29.58 -37.59
C TYR B 362 32.29 28.78 -38.01
N ILE B 363 32.12 27.50 -38.30
CA ILE B 363 33.24 26.60 -38.59
C ILE B 363 33.39 26.35 -40.09
N ARG B 364 32.30 26.46 -40.84
CA ARG B 364 32.30 26.21 -42.28
C ARG B 364 32.99 27.30 -43.09
N GLN B 365 33.24 28.47 -42.51
CA GLN B 365 33.87 29.56 -43.26
C GLN B 365 35.37 29.36 -43.47
N ARG B 366 36.07 28.73 -42.52
CA ARG B 366 37.54 28.73 -42.49
C ARG B 366 38.19 27.94 -43.61
N GLN B 367 37.57 26.88 -44.13
CA GLN B 367 38.26 25.93 -45.01
C GLN B 367 37.48 25.74 -46.32
N LEU B 368 37.72 26.62 -47.29
CA LEU B 368 37.22 26.45 -48.66
C LEU B 368 38.16 27.25 -49.56
N ILE B 369 39.10 26.55 -50.20
CA ILE B 369 40.16 27.17 -50.97
C ILE B 369 40.29 26.44 -52.30
N MET B 370 41.02 27.06 -53.24
CA MET B 370 41.40 26.55 -54.56
C MET B 370 40.28 26.60 -55.59
N SER B 371 39.05 26.96 -55.21
CA SER B 371 37.99 27.17 -56.19
C SER B 371 36.92 28.12 -55.66
N PRO B 372 37.28 29.33 -55.24
CA PRO B 372 36.27 30.20 -54.61
C PRO B 372 35.43 30.99 -55.59
N LEU B 373 34.15 30.60 -55.74
CA LEU B 373 33.14 31.38 -56.49
C LEU B 373 31.78 31.10 -55.85
N ILE B 374 31.40 31.94 -54.87
CA ILE B 374 30.11 31.82 -54.19
C ILE B 374 29.74 33.16 -53.57
N THR B 375 28.50 33.60 -53.80
CA THR B 375 27.88 34.66 -53.01
C THR B 375 26.50 34.15 -52.57
N SER B 376 26.34 33.96 -51.28
CA SER B 376 25.08 33.53 -50.70
C SER B 376 24.52 34.64 -49.84
N HIS B 377 23.20 34.64 -49.67
CA HIS B 377 22.52 35.71 -48.95
C HIS B 377 22.01 35.18 -47.61
N VAL B 378 21.55 36.11 -46.78
CA VAL B 378 21.31 35.84 -45.37
C VAL B 378 19.88 35.34 -45.23
N ILE B 379 19.72 34.02 -45.16
CA ILE B 379 18.57 33.39 -44.51
C ILE B 379 19.15 32.37 -43.55
N GLY B 380 19.52 32.83 -42.35
CA GLY B 380 19.94 31.96 -41.27
C GLY B 380 19.35 32.46 -39.99
N GLU B 381 18.87 33.70 -40.03
CA GLU B 381 17.96 34.23 -39.04
C GLU B 381 16.80 34.95 -39.71
N ASN B 382 16.96 35.34 -40.98
CA ASN B 382 15.85 35.60 -41.90
C ASN B 382 15.06 34.35 -42.21
N GLU B 383 15.38 33.22 -41.59
CA GLU B 383 14.69 31.97 -41.81
C GLU B 383 13.29 31.99 -41.17
N PRO B 384 12.24 31.62 -41.90
CA PRO B 384 10.88 31.75 -41.37
C PRO B 384 10.63 30.80 -40.21
N LEU B 385 9.93 31.32 -39.19
CA LEU B 385 9.48 30.44 -38.11
C LEU B 385 8.37 29.51 -38.56
N THR B 386 7.68 29.83 -39.64
CA THR B 386 6.86 28.83 -40.32
C THR B 386 7.76 27.72 -40.86
N SER B 387 8.87 28.10 -41.47
CA SER B 387 9.81 27.12 -42.00
C SER B 387 10.47 26.33 -40.88
N VAL B 388 10.82 27.00 -39.78
CA VAL B 388 11.36 26.27 -38.63
C VAL B 388 10.31 25.32 -38.07
N LEU B 389 9.05 25.75 -38.08
CA LEU B 389 7.97 24.85 -37.69
C LEU B 389 7.94 23.62 -38.58
N ASN B 390 8.04 23.82 -39.89
CA ASN B 390 8.08 22.68 -40.81
C ASN B 390 9.28 21.79 -40.53
N LYS B 391 10.43 22.39 -40.26
CA LYS B 391 11.62 21.61 -39.94
C LYS B 391 11.36 20.71 -38.73
N VAL B 392 10.86 21.31 -37.65
CA VAL B 392 10.75 20.54 -36.41
C VAL B 392 9.61 19.56 -36.51
N ILE B 393 8.64 19.83 -37.38
CA ILE B 393 7.72 18.81 -37.83
C ILE B 393 8.52 17.63 -38.39
N ALA B 394 9.47 17.92 -39.28
CA ALA B 394 10.32 16.86 -39.81
C ALA B 394 11.39 16.44 -38.79
N ALA B 395 11.94 17.41 -38.05
CA ALA B 395 13.11 17.16 -37.21
C ALA B 395 12.75 16.22 -36.06
N LYS B 396 13.56 15.17 -35.89
CA LYS B 396 13.31 14.22 -34.82
C LYS B 396 14.36 14.34 -33.71
N GLU B 397 15.62 14.51 -34.10
CA GLU B 397 16.73 14.60 -33.15
C GLU B 397 17.28 16.02 -33.13
N VAL B 398 17.39 16.59 -31.94
CA VAL B 398 17.83 17.97 -31.75
C VAL B 398 19.24 17.94 -31.17
N ASN B 399 20.23 18.30 -31.98
CA ASN B 399 21.59 18.48 -31.48
C ASN B 399 21.73 19.88 -30.88
N HIS B 400 20.92 20.11 -29.84
CA HIS B 400 20.95 21.36 -29.10
C HIS B 400 22.32 21.66 -28.53
N LYS B 401 23.11 20.62 -28.23
CA LYS B 401 24.42 20.78 -27.60
C LYS B 401 24.29 21.55 -26.29
N GLY B 402 23.44 21.05 -25.40
CA GLY B 402 23.28 21.59 -24.08
C GLY B 402 22.27 22.71 -23.95
N GLN B 403 21.83 23.30 -25.05
CA GLN B 403 20.90 24.41 -25.01
C GLN B 403 19.48 23.85 -24.97
N GLY B 404 18.96 23.64 -23.77
CA GLY B 404 17.68 22.98 -23.60
C GLY B 404 17.16 23.25 -22.21
N LEU B 405 16.15 22.48 -21.82
CA LEU B 405 15.45 22.81 -20.58
C LEU B 405 14.87 21.57 -19.91
N TRP B 406 14.18 21.80 -18.79
CA TRP B 406 13.65 20.72 -17.97
C TRP B 406 12.22 21.02 -17.54
N VAL B 407 11.37 20.01 -17.57
CA VAL B 407 9.95 20.15 -17.29
C VAL B 407 9.46 18.90 -16.57
N SER B 408 8.56 19.10 -15.61
CA SER B 408 7.91 18.03 -14.86
C SER B 408 6.43 18.08 -15.19
N LEU B 409 5.88 16.96 -15.63
CA LEU B 409 4.60 16.94 -16.30
C LEU B 409 3.64 15.97 -15.64
N LYS B 410 2.37 16.37 -15.54
CA LYS B 410 1.28 15.41 -15.43
C LYS B 410 0.05 15.94 -16.15
N LEU B 411 -1.01 15.15 -16.10
CA LEU B 411 -2.34 15.58 -16.51
C LEU B 411 -3.29 15.44 -15.34
N LEU B 412 -3.98 16.52 -15.03
CA LEU B 412 -4.99 16.52 -14.00
C LEU B 412 -6.37 16.67 -14.62
N PRO B 413 -7.27 15.73 -14.39
CA PRO B 413 -8.64 15.86 -14.88
C PRO B 413 -9.44 16.87 -14.07
N GLY B 414 -10.63 17.16 -14.59
CA GLY B 414 -11.49 18.16 -13.97
C GLY B 414 -11.09 19.57 -14.35
N ASP B 415 -11.86 20.52 -13.82
CA ASP B 415 -11.66 21.91 -14.22
C ASP B 415 -10.61 22.59 -13.37
N LEU B 416 -10.47 23.90 -13.55
CA LEU B 416 -9.50 24.67 -12.79
C LEU B 416 -9.67 24.47 -11.30
N THR B 417 -10.92 24.34 -10.83
CA THR B 417 -11.15 24.12 -9.41
C THR B 417 -10.50 22.83 -8.97
N GLN B 418 -10.95 21.69 -9.51
CA GLN B 418 -10.36 20.40 -9.13
C GLN B 418 -8.85 20.42 -9.30
N VAL B 419 -8.36 21.05 -10.36
CA VAL B 419 -6.94 21.26 -10.52
C VAL B 419 -6.37 21.99 -9.30
N GLN B 420 -7.06 23.03 -8.85
CA GLN B 420 -6.67 23.77 -7.66
C GLN B 420 -7.40 23.30 -6.41
N LYS B 421 -8.15 22.20 -6.50
CA LYS B 421 -8.78 21.59 -5.34
C LYS B 421 -8.19 20.22 -5.04
N ASN B 422 -8.22 19.29 -5.99
CA ASN B 422 -7.69 17.96 -5.73
C ASN B 422 -6.18 17.93 -5.73
N PHE B 423 -5.54 18.81 -6.49
CA PHE B 423 -4.10 18.81 -6.63
C PHE B 423 -3.57 20.23 -6.54
N SER B 424 -4.10 21.00 -5.58
CA SER B 424 -3.62 22.35 -5.38
C SER B 424 -2.16 22.36 -4.93
N HIS B 425 -1.69 21.26 -4.34
CA HIS B 425 -0.27 21.15 -4.01
C HIS B 425 0.58 21.41 -5.24
N LEU B 426 0.12 20.94 -6.40
CA LEU B 426 0.74 21.32 -7.66
C LEU B 426 0.36 22.73 -8.06
N VAL B 427 -0.89 23.10 -7.86
CA VAL B 427 -1.49 24.26 -8.50
C VAL B 427 -2.17 25.09 -7.42
N ASP B 428 -1.47 26.07 -6.87
CA ASP B 428 -2.09 26.96 -5.90
C ASP B 428 -2.89 28.02 -6.65
N ARG B 429 -3.49 28.95 -5.90
CA ARG B 429 -4.16 30.08 -6.53
C ARG B 429 -3.16 30.91 -7.36
N SER B 430 -1.91 30.96 -6.93
CA SER B 430 -0.91 31.75 -7.66
C SER B 430 -0.32 31.00 -8.84
N THR B 431 -0.65 29.71 -9.01
CA THR B 431 -0.10 28.94 -10.12
C THR B 431 -0.57 29.48 -11.46
N ALA B 432 0.32 29.43 -12.45
CA ALA B 432 0.02 29.97 -13.77
C ALA B 432 -1.00 29.09 -14.51
N ILE B 433 -1.87 29.75 -15.28
CA ILE B 433 -2.95 29.08 -15.98
C ILE B 433 -2.89 29.47 -17.46
N ALA B 434 -2.95 28.48 -18.33
CA ALA B 434 -3.13 28.69 -19.76
C ALA B 434 -4.36 27.93 -20.22
N ARG B 435 -5.06 28.50 -21.18
CA ARG B 435 -6.29 27.92 -21.70
C ARG B 435 -6.14 27.70 -23.20
N LYS B 436 -6.65 26.56 -23.66
CA LYS B 436 -6.70 26.33 -25.10
C LYS B 436 -7.41 27.48 -25.78
N MET B 437 -6.80 28.01 -26.84
CA MET B 437 -7.43 29.08 -27.59
C MET B 437 -8.57 28.50 -28.42
N GLY B 438 -9.65 28.15 -27.73
CA GLY B 438 -10.75 27.48 -28.40
C GLY B 438 -11.97 27.42 -27.49
N PHE B 439 -12.73 26.36 -27.67
CA PHE B 439 -13.95 26.22 -26.92
C PHE B 439 -14.14 24.80 -26.43
N PRO B 440 -14.90 24.61 -25.35
CA PRO B 440 -15.10 23.28 -24.80
C PRO B 440 -16.36 22.58 -25.33
N GLU B 441 -16.27 21.26 -25.39
CA GLU B 441 -17.44 20.44 -25.71
C GLU B 441 -18.53 20.55 -24.66
N ILE B 442 -18.18 20.88 -23.43
CA ILE B 442 -19.13 21.09 -22.34
C ILE B 442 -19.15 22.57 -22.06
N ILE B 443 -20.35 23.15 -22.00
CA ILE B 443 -20.44 24.58 -21.72
C ILE B 443 -21.31 24.83 -20.49
N LEU B 444 -20.68 25.36 -19.45
CA LEU B 444 -21.42 25.84 -18.29
C LEU B 444 -22.11 27.16 -18.65
N PRO B 445 -23.39 27.29 -18.40
CA PRO B 445 -24.02 28.60 -18.56
C PRO B 445 -23.44 29.57 -17.55
N GLY B 446 -22.68 30.54 -18.04
CA GLY B 446 -21.87 31.38 -17.19
C GLY B 446 -20.39 31.11 -17.30
N ASP B 447 -19.94 30.58 -18.43
CA ASP B 447 -18.51 30.35 -18.66
C ASP B 447 -17.87 31.69 -18.94
N VAL B 448 -17.73 32.47 -17.87
CA VAL B 448 -17.37 33.88 -17.98
C VAL B 448 -15.91 33.97 -18.39
N ARG B 449 -15.67 34.29 -19.65
CA ARG B 449 -14.36 34.70 -20.12
C ARG B 449 -14.55 35.71 -21.24
N ASN B 450 -13.51 36.45 -21.53
CA ASN B 450 -13.57 37.51 -22.52
C ASN B 450 -12.29 37.55 -23.35
N ASP B 451 -11.69 36.38 -23.52
CA ASP B 451 -10.38 36.31 -24.16
C ASP B 451 -10.49 36.60 -25.64
N ILE B 452 -9.54 37.37 -26.16
CA ILE B 452 -9.44 37.64 -27.58
C ILE B 452 -8.00 37.42 -27.98
N TYR B 453 -7.74 36.32 -28.66
CA TYR B 453 -6.40 36.01 -29.12
C TYR B 453 -6.20 36.70 -30.46
N VAL B 454 -5.30 37.67 -30.48
CA VAL B 454 -4.98 38.43 -31.67
C VAL B 454 -3.60 37.99 -32.11
N THR B 455 -3.50 37.50 -33.34
CA THR B 455 -2.26 36.92 -33.84
C THR B 455 -1.75 37.71 -35.03
N LEU B 456 -0.61 38.33 -34.83
CA LEU B 456 0.24 38.76 -35.92
C LEU B 456 0.62 37.53 -36.73
N ILE B 457 0.31 37.54 -38.03
CA ILE B 457 0.55 36.32 -38.80
C ILE B 457 1.74 36.50 -39.72
N HIS B 458 1.61 37.39 -40.69
CA HIS B 458 2.71 37.76 -41.56
C HIS B 458 2.34 39.08 -42.21
N GLY B 459 3.32 39.67 -42.87
CA GLY B 459 3.06 40.90 -43.59
C GLY B 459 4.16 41.25 -44.58
N GLU B 460 3.78 41.80 -45.71
CA GLU B 460 4.76 42.30 -46.65
C GLU B 460 5.22 43.70 -46.25
N PHE B 461 6.52 43.89 -46.17
CA PHE B 461 7.11 45.21 -45.91
C PHE B 461 8.18 45.42 -46.96
N ASP B 462 7.80 46.06 -48.05
CA ASP B 462 8.71 46.29 -49.16
C ASP B 462 9.86 47.20 -48.74
N LYS B 463 11.03 46.97 -49.33
CA LYS B 463 12.22 47.71 -48.94
C LYS B 463 12.03 49.21 -49.17
N GLY B 464 11.45 49.58 -50.31
CA GLY B 464 11.39 50.97 -50.66
C GLY B 464 12.79 51.53 -50.88
N LYS B 465 13.01 52.72 -50.31
CA LYS B 465 14.32 53.34 -50.40
C LYS B 465 15.38 52.55 -49.64
N LYS B 466 15.03 51.93 -48.52
CA LYS B 466 16.00 51.27 -47.65
C LYS B 466 16.30 49.89 -48.21
N LYS B 467 17.56 49.68 -48.61
CA LYS B 467 17.96 48.38 -49.15
C LYS B 467 17.77 47.28 -48.12
N THR B 468 18.12 47.54 -46.88
CA THR B 468 17.74 46.65 -45.81
C THR B 468 16.22 46.67 -45.73
N PRO B 469 15.54 45.53 -45.85
CA PRO B 469 14.10 45.53 -45.55
C PRO B 469 13.89 46.08 -44.16
N LYS B 470 12.93 46.97 -44.03
CA LYS B 470 12.75 47.69 -42.79
C LYS B 470 12.59 46.71 -41.64
N ASN B 471 13.39 46.91 -40.60
CA ASN B 471 13.45 45.98 -39.48
C ASN B 471 12.19 46.16 -38.65
N VAL B 472 11.09 45.55 -39.11
CA VAL B 472 9.77 45.94 -38.64
C VAL B 472 9.59 45.54 -37.19
N GLU B 473 9.38 46.53 -36.34
CA GLU B 473 8.74 46.33 -35.06
C GLU B 473 7.32 46.83 -35.18
N VAL B 474 6.36 45.94 -34.91
CA VAL B 474 4.98 46.36 -34.82
C VAL B 474 4.65 46.65 -33.37
N THR B 475 4.07 47.81 -33.14
CA THR B 475 3.74 48.24 -31.80
C THR B 475 2.31 48.76 -31.87
N MET B 476 1.41 48.00 -31.27
CA MET B 476 -0.01 48.29 -31.34
C MET B 476 -0.54 48.69 -29.97
N SER B 477 -1.52 49.59 -30.00
CA SER B 477 -2.03 50.26 -28.82
C SER B 477 -3.54 50.21 -28.83
N VAL B 478 -4.11 49.95 -27.66
CA VAL B 478 -5.55 49.82 -27.49
C VAL B 478 -6.08 51.15 -26.98
N HIS B 479 -6.87 51.82 -27.80
CA HIS B 479 -7.42 53.12 -27.46
C HIS B 479 -8.93 53.05 -27.30
N ASP B 480 -9.46 54.09 -26.65
CA ASP B 480 -10.89 54.36 -26.59
C ASP B 480 -11.32 54.87 -27.96
N GLU B 481 -12.53 55.42 -28.04
CA GLU B 481 -12.91 56.09 -29.29
C GLU B 481 -12.26 57.45 -29.44
N GLU B 482 -11.21 57.73 -28.68
CA GLU B 482 -10.54 59.02 -28.72
C GLU B 482 -9.03 58.85 -28.78
N GLY B 483 -8.56 57.78 -29.42
CA GLY B 483 -7.14 57.54 -29.53
C GLY B 483 -6.41 57.36 -28.23
N LYS B 484 -7.10 57.42 -27.10
CA LYS B 484 -6.47 57.37 -25.79
C LYS B 484 -6.05 55.93 -25.50
N LEU B 485 -4.75 55.67 -25.49
CA LEU B 485 -4.25 54.35 -25.19
C LEU B 485 -4.64 53.94 -23.77
N LEU B 486 -4.98 52.67 -23.61
CA LEU B 486 -5.28 52.08 -22.32
C LEU B 486 -4.10 51.23 -21.85
N GLU B 487 -3.85 51.28 -20.55
CA GLU B 487 -2.77 50.52 -19.95
C GLU B 487 -3.17 49.07 -19.74
N LYS B 488 -2.18 48.18 -19.75
CA LYS B 488 -2.34 46.77 -19.43
C LYS B 488 -3.19 46.06 -20.46
N ALA B 489 -3.74 46.81 -21.41
CA ALA B 489 -4.79 46.28 -22.28
C ALA B 489 -4.30 45.06 -23.05
N ILE B 490 -3.06 45.08 -23.50
CA ILE B 490 -2.50 43.98 -24.23
C ILE B 490 -1.77 43.06 -23.27
N HIS B 491 -2.15 41.78 -23.28
CA HIS B 491 -1.58 40.83 -22.36
C HIS B 491 -0.66 39.95 -23.18
N PRO B 492 0.64 39.92 -22.84
CA PRO B 492 1.56 39.07 -23.60
C PRO B 492 1.20 37.60 -23.54
N GLY B 493 0.67 37.14 -22.42
CA GLY B 493 0.35 35.73 -22.28
C GLY B 493 0.08 35.39 -20.82
N ALA B 494 0.28 34.12 -20.51
CA ALA B 494 -0.03 33.62 -19.17
C ALA B 494 1.05 34.00 -18.18
N GLY B 495 0.68 33.94 -16.90
CA GLY B 495 1.62 34.15 -15.81
C GLY B 495 2.28 35.51 -15.80
N TYR B 496 1.68 36.48 -16.48
CA TYR B 496 2.29 37.80 -16.55
C TYR B 496 1.24 38.84 -16.90
N GLU B 497 1.38 40.03 -16.30
CA GLU B 497 0.41 41.10 -16.45
C GLU B 497 0.48 41.69 -17.84
N GLY B 498 -0.66 42.21 -18.31
CA GLY B 498 -0.74 42.84 -19.60
C GLY B 498 0.14 44.07 -19.71
N ILE B 499 0.11 44.75 -20.85
CA ILE B 499 0.91 45.96 -21.05
C ILE B 499 0.05 46.99 -21.76
N SER B 500 0.40 48.27 -21.56
CA SER B 500 -0.35 49.35 -22.18
C SER B 500 -0.32 49.22 -23.69
N GLU B 501 0.88 49.12 -24.26
CA GLU B 501 1.08 48.99 -25.69
C GLU B 501 2.07 47.86 -25.92
N TYR B 502 1.96 47.19 -27.05
CA TYR B 502 2.74 45.99 -27.29
C TYR B 502 3.67 46.19 -28.46
N LYS B 503 4.83 45.53 -28.38
CA LYS B 503 5.91 45.64 -29.35
C LYS B 503 6.14 44.27 -29.97
N SER B 504 6.35 44.24 -31.27
CA SER B 504 6.52 42.98 -31.97
C SER B 504 8.00 42.58 -32.00
N VAL B 505 8.28 41.47 -32.68
CA VAL B 505 9.66 41.05 -32.89
C VAL B 505 10.23 41.81 -34.08
N VAL B 506 11.51 42.18 -33.97
CA VAL B 506 12.22 42.85 -35.05
C VAL B 506 12.80 41.77 -35.94
N TYR B 507 12.17 41.56 -37.10
CA TYR B 507 12.71 40.63 -38.07
C TYR B 507 13.89 41.28 -38.78
N TYR B 508 15.02 40.58 -38.82
CA TYR B 508 16.25 41.19 -39.29
C TYR B 508 16.15 41.38 -40.79
N GLN B 509 15.67 42.56 -41.19
CA GLN B 509 15.64 42.96 -42.60
C GLN B 509 14.90 41.91 -43.44
N VAL B 510 13.60 41.78 -43.19
CA VAL B 510 12.76 40.79 -43.86
C VAL B 510 11.64 41.55 -44.57
N LYS B 511 11.45 41.26 -45.86
CA LYS B 511 10.46 42.01 -46.63
C LYS B 511 9.05 41.48 -46.42
N GLN B 512 8.89 40.16 -46.29
CA GLN B 512 7.59 39.55 -46.00
C GLN B 512 7.71 38.64 -44.79
N PRO B 513 7.97 39.19 -43.61
CA PRO B 513 8.12 38.34 -42.43
C PRO B 513 6.81 37.69 -42.02
N CYS B 514 6.91 36.66 -41.19
CA CYS B 514 5.79 35.93 -40.66
C CYS B 514 5.94 35.78 -39.15
N TRP B 515 4.91 36.19 -38.41
CA TRP B 515 4.99 36.32 -36.96
C TRP B 515 4.55 35.08 -36.20
N TYR B 516 3.32 34.62 -36.40
CA TYR B 516 2.68 33.65 -35.52
C TYR B 516 2.62 34.13 -34.08
N GLU B 517 2.58 35.44 -33.86
CA GLU B 517 2.66 35.98 -32.51
C GLU B 517 1.27 36.31 -32.00
N THR B 518 0.84 35.62 -30.95
CA THR B 518 -0.51 35.76 -30.43
C THR B 518 -0.47 36.43 -29.07
N VAL B 519 -1.42 37.32 -28.82
CA VAL B 519 -1.55 38.01 -27.54
C VAL B 519 -2.99 37.95 -27.07
N LYS B 520 -3.15 37.83 -25.76
CA LYS B 520 -4.46 37.92 -25.13
C LYS B 520 -4.93 39.37 -25.13
N VAL B 521 -6.24 39.54 -25.30
CA VAL B 521 -6.90 40.82 -25.18
C VAL B 521 -8.14 40.63 -24.33
N SER B 522 -8.35 41.53 -23.37
CA SER B 522 -9.53 41.50 -22.52
C SER B 522 -9.81 42.91 -22.05
N ILE B 523 -11.02 43.39 -22.34
CA ILE B 523 -11.43 44.75 -22.05
C ILE B 523 -12.81 44.68 -21.41
N ALA B 524 -13.21 45.77 -20.76
CA ALA B 524 -14.59 45.89 -20.32
C ALA B 524 -15.51 45.54 -21.48
N ILE B 525 -16.29 44.46 -21.29
CA ILE B 525 -17.04 43.85 -22.39
C ILE B 525 -18.01 44.83 -23.03
N GLU B 526 -18.19 45.99 -22.43
CA GLU B 526 -18.97 47.09 -22.98
C GLU B 526 -18.11 48.24 -23.48
N GLU B 527 -16.96 48.47 -22.85
CA GLU B 527 -16.07 49.50 -23.36
C GLU B 527 -15.29 49.00 -24.57
N VAL B 528 -15.07 47.70 -24.67
CA VAL B 528 -14.52 47.15 -25.89
C VAL B 528 -15.46 47.43 -27.06
N THR B 529 -16.75 47.56 -26.78
CA THR B 529 -17.70 47.93 -27.81
C THR B 529 -17.42 49.32 -28.35
N ARG B 530 -16.53 50.07 -27.72
CA ARG B 530 -16.20 51.42 -28.14
C ARG B 530 -14.70 51.64 -28.09
N CYS B 531 -13.93 50.65 -28.54
CA CYS B 531 -12.47 50.75 -28.51
C CYS B 531 -11.93 50.36 -29.87
N HIS B 532 -10.64 50.67 -30.08
CA HIS B 532 -9.98 50.30 -31.32
C HIS B 532 -8.51 50.03 -31.01
N ILE B 533 -7.76 49.67 -32.04
CA ILE B 533 -6.32 49.48 -31.90
C ILE B 533 -5.63 50.24 -33.03
N ARG B 534 -4.43 50.71 -32.76
CA ARG B 534 -3.65 51.47 -33.73
C ARG B 534 -2.21 50.99 -33.68
N PHE B 535 -1.53 51.09 -34.82
CA PHE B 535 -0.38 50.25 -35.11
C PHE B 535 0.75 51.07 -35.69
N THR B 536 1.94 50.86 -35.16
CA THR B 536 3.15 51.56 -35.58
C THR B 536 4.15 50.53 -36.08
N PHE B 537 4.64 50.72 -37.30
CA PHE B 537 5.59 49.80 -37.91
C PHE B 537 6.88 50.57 -38.10
N ARG B 538 7.89 50.23 -37.30
CA ARG B 538 9.09 51.05 -37.21
C ARG B 538 10.34 50.25 -37.56
N HIS B 539 11.26 50.88 -38.28
CA HIS B 539 12.53 50.28 -38.66
C HIS B 539 13.49 50.42 -37.49
N ARG B 540 13.60 49.34 -36.72
CA ARG B 540 14.52 49.33 -35.58
C ARG B 540 15.93 49.19 -36.13
N SER B 541 16.54 50.34 -36.46
CA SER B 541 17.89 50.34 -37.00
C SER B 541 18.88 50.13 -35.87
N SER B 542 20.10 49.70 -36.24
CA SER B 542 21.06 49.30 -35.23
C SER B 542 21.62 50.49 -34.46
N GLN B 543 21.29 51.72 -34.88
CA GLN B 543 21.80 52.91 -34.23
C GLN B 543 20.79 53.45 -33.23
N GLU B 544 21.21 53.54 -31.96
CA GLU B 544 20.29 53.83 -30.86
C GLU B 544 19.55 55.15 -31.07
N THR B 545 20.28 56.24 -31.29
CA THR B 545 19.62 57.52 -31.54
C THR B 545 18.75 57.45 -32.78
N ARG B 546 19.28 56.82 -33.84
CA ARG B 546 18.49 56.60 -35.05
C ARG B 546 17.31 55.67 -34.78
N ASP B 547 17.54 54.65 -33.95
CA ASP B 547 16.49 53.66 -33.65
C ASP B 547 15.30 54.30 -32.95
N LYS B 548 15.57 55.16 -31.97
CA LYS B 548 14.48 55.83 -31.26
C LYS B 548 13.90 56.96 -32.08
N SER B 549 14.75 57.71 -32.77
CA SER B 549 14.29 58.80 -33.64
C SER B 549 13.60 58.28 -34.88
N GLU B 550 13.92 57.07 -35.33
CA GLU B 550 13.12 56.41 -36.35
C GLU B 550 11.68 56.38 -35.89
N ARG B 551 10.78 56.72 -36.78
CA ARG B 551 9.37 56.78 -36.46
C ARG B 551 8.68 55.59 -37.08
N ALA B 552 7.39 55.47 -36.82
CA ALA B 552 6.60 54.44 -37.47
C ALA B 552 6.49 54.86 -38.93
N PHE B 553 7.38 54.33 -39.77
CA PHE B 553 7.20 54.52 -41.19
C PHE B 553 5.83 54.04 -41.60
N GLY B 554 5.33 53.00 -40.94
CA GLY B 554 4.03 52.48 -41.23
C GLY B 554 3.02 52.78 -40.15
N VAL B 555 1.78 53.08 -40.57
CA VAL B 555 0.69 53.38 -39.67
C VAL B 555 -0.42 52.41 -40.02
N ALA B 556 -1.17 51.97 -39.02
CA ALA B 556 -2.39 51.23 -39.26
C ALA B 556 -3.36 51.45 -38.10
N PHE B 557 -4.61 51.03 -38.29
CA PHE B 557 -5.57 51.02 -37.19
C PHE B 557 -6.66 50.03 -37.54
N VAL B 558 -7.50 49.74 -36.56
CA VAL B 558 -8.61 48.81 -36.73
C VAL B 558 -9.61 49.07 -35.63
N LYS B 559 -10.87 48.77 -35.92
CA LYS B 559 -11.94 48.98 -34.98
C LYS B 559 -12.40 47.64 -34.40
N LEU B 560 -12.91 47.69 -33.18
CA LEU B 560 -13.26 46.49 -32.46
C LEU B 560 -14.69 46.07 -32.73
N MET B 561 -15.51 47.01 -33.20
CA MET B 561 -16.91 46.75 -33.50
C MET B 561 -17.14 47.04 -34.97
N ASN B 562 -17.90 46.17 -35.60
CA ASN B 562 -18.49 46.54 -36.85
C ASN B 562 -19.53 47.61 -36.55
N PRO B 563 -19.64 48.64 -37.38
CA PRO B 563 -20.44 49.81 -36.99
C PRO B 563 -21.89 49.45 -36.74
N ASP B 564 -22.34 48.36 -37.35
CA ASP B 564 -23.62 47.77 -37.01
C ASP B 564 -23.72 47.41 -35.54
N GLY B 565 -22.59 47.11 -34.89
CA GLY B 565 -22.57 46.66 -33.54
C GLY B 565 -21.97 45.29 -33.33
N THR B 566 -21.95 44.45 -34.37
CA THR B 566 -21.37 43.12 -34.21
C THR B 566 -19.90 43.23 -33.89
N THR B 567 -19.41 42.28 -33.11
CA THR B 567 -17.98 42.12 -32.91
C THR B 567 -17.39 41.61 -34.22
N LEU B 568 -16.14 41.98 -34.47
CA LEU B 568 -15.48 41.58 -35.70
C LEU B 568 -15.51 40.07 -35.84
N GLN B 569 -15.96 39.61 -37.00
CA GLN B 569 -15.97 38.18 -37.27
C GLN B 569 -14.55 37.64 -37.17
N ASP B 570 -14.44 36.47 -36.55
CA ASP B 570 -13.14 35.88 -36.31
C ASP B 570 -12.48 35.48 -37.63
N GLY B 571 -11.25 34.97 -37.51
CA GLY B 571 -10.54 34.52 -38.68
C GLY B 571 -9.48 35.50 -39.11
N ARG B 572 -8.98 35.33 -40.32
CA ARG B 572 -7.93 36.18 -40.85
C ARG B 572 -8.53 37.48 -41.35
N HIS B 573 -7.74 38.56 -41.23
CA HIS B 573 -8.14 39.86 -41.72
C HIS B 573 -6.87 40.61 -42.12
N ASP B 574 -6.95 41.35 -43.21
CA ASP B 574 -5.78 42.02 -43.77
C ASP B 574 -5.77 43.49 -43.41
N LEU B 575 -4.62 44.11 -43.59
CA LEU B 575 -4.33 45.45 -43.13
C LEU B 575 -3.53 46.18 -44.20
N VAL B 576 -3.89 47.43 -44.45
CA VAL B 576 -2.99 48.33 -45.17
C VAL B 576 -2.15 49.11 -44.17
N VAL B 577 -0.85 49.09 -44.38
CA VAL B 577 0.09 49.87 -43.59
C VAL B 577 0.12 51.28 -44.17
N TYR B 578 0.12 52.28 -43.30
CA TYR B 578 -0.09 53.65 -43.76
C TYR B 578 1.14 54.51 -43.55
N LYS B 579 1.34 55.43 -44.47
CA LYS B 579 2.41 56.40 -44.43
C LYS B 579 1.82 57.78 -44.62
N GLY B 580 2.68 58.77 -44.79
CA GLY B 580 2.23 60.10 -45.16
C GLY B 580 1.97 60.99 -43.97
N ASP B 581 0.84 61.70 -43.98
CA ASP B 581 0.48 62.52 -42.83
C ASP B 581 0.14 61.63 -41.65
N ASN B 582 0.74 61.94 -40.51
CA ASN B 582 0.43 61.21 -39.29
C ASN B 582 -0.47 62.01 -38.37
N LYS B 583 -0.52 63.33 -38.55
CA LYS B 583 -1.61 64.10 -37.95
C LYS B 583 -2.97 63.66 -38.48
N LYS B 584 -3.02 63.29 -39.76
CA LYS B 584 -4.18 62.57 -40.29
C LYS B 584 -4.38 61.23 -39.60
N MET B 585 -3.34 60.72 -38.93
CA MET B 585 -3.34 59.36 -38.42
C MET B 585 -3.09 59.35 -36.90
N GLU B 586 -3.14 60.51 -36.27
CA GLU B 586 -2.97 60.62 -34.82
C GLU B 586 -4.12 61.37 -34.19
N ASP B 587 -5.24 61.47 -34.89
CA ASP B 587 -6.38 62.23 -34.40
C ASP B 587 -7.38 61.30 -33.74
N ALA B 588 -7.73 61.67 -32.50
CA ALA B 588 -8.62 60.87 -31.67
C ALA B 588 -9.83 60.36 -32.43
N LYS B 589 -10.28 61.09 -33.46
CA LYS B 589 -11.46 60.72 -34.22
C LYS B 589 -11.26 60.70 -35.71
N PHE B 590 -10.35 61.52 -36.25
CA PHE B 590 -10.27 61.64 -37.70
C PHE B 590 -9.82 60.35 -38.36
N TYR B 591 -8.74 59.74 -37.88
CA TYR B 591 -8.36 58.46 -38.45
C TYR B 591 -9.41 57.40 -38.19
N LEU B 592 -10.21 57.56 -37.13
CA LEU B 592 -11.39 56.71 -36.98
C LEU B 592 -12.30 56.86 -38.19
N THR B 593 -12.51 58.10 -38.63
CA THR B 593 -13.26 58.32 -39.86
C THR B 593 -12.53 57.77 -41.07
N LEU B 594 -11.21 57.63 -40.97
CA LEU B 594 -10.46 57.15 -42.10
C LEU B 594 -10.61 55.64 -42.26
N PRO B 595 -10.37 55.12 -43.46
CA PRO B 595 -10.39 53.68 -43.68
C PRO B 595 -9.12 53.03 -43.17
N GLY B 596 -9.26 51.80 -42.68
CA GLY B 596 -8.15 51.15 -41.99
C GLY B 596 -7.56 49.89 -42.58
N THR B 597 -8.36 49.05 -43.24
CA THR B 597 -7.90 47.72 -43.64
C THR B 597 -8.27 47.45 -45.09
N LYS B 598 -7.73 46.34 -45.61
CA LYS B 598 -7.91 46.00 -47.01
C LYS B 598 -9.38 45.91 -47.40
N MET B 599 -10.10 44.95 -46.82
CA MET B 599 -11.45 44.65 -47.26
C MET B 599 -12.37 45.85 -47.10
N GLU B 600 -12.20 46.61 -46.02
CA GLU B 600 -13.10 47.74 -45.82
C GLU B 600 -12.86 48.82 -46.87
N MET B 601 -11.62 49.08 -47.25
CA MET B 601 -11.40 50.05 -48.32
C MET B 601 -11.89 49.53 -49.66
N GLU B 602 -11.73 48.23 -49.91
CA GLU B 602 -12.19 47.70 -51.19
C GLU B 602 -13.72 47.80 -51.29
N GLU B 603 -14.43 47.50 -50.21
CA GLU B 603 -15.87 47.65 -50.20
C GLU B 603 -16.28 49.12 -50.13
N LYS B 604 -15.41 49.98 -49.61
CA LYS B 604 -15.61 51.42 -49.73
C LYS B 604 -15.58 51.83 -51.20
N GLU B 605 -14.61 51.33 -51.94
CA GLU B 605 -14.53 51.57 -53.37
C GLU B 605 -15.79 51.05 -54.06
N LEU B 606 -16.27 49.89 -53.59
CA LEU B 606 -17.55 49.38 -54.09
C LEU B 606 -18.66 50.38 -53.89
N GLN B 607 -18.84 50.88 -52.66
CA GLN B 607 -19.82 51.93 -52.47
C GLN B 607 -19.38 53.24 -53.11
N ALA B 608 -18.08 53.50 -53.16
CA ALA B 608 -17.58 54.63 -53.94
C ALA B 608 -17.84 54.45 -55.43
N SER B 609 -17.80 53.21 -55.93
CA SER B 609 -18.11 52.98 -57.34
C SER B 609 -19.54 53.40 -57.66
N LYS B 610 -20.49 53.05 -56.79
CA LYS B 610 -21.86 53.48 -57.00
C LYS B 610 -22.12 54.89 -56.47
N ASN B 611 -21.27 55.39 -55.57
CA ASN B 611 -21.42 56.74 -55.01
C ASN B 611 -20.09 57.47 -55.21
N LEU B 612 -19.95 58.10 -56.38
CA LEU B 612 -18.80 58.94 -56.65
C LEU B 612 -19.02 60.29 -55.96
N VAL B 613 -18.77 60.29 -54.65
CA VAL B 613 -18.88 61.49 -53.82
C VAL B 613 -17.49 61.73 -53.25
N THR B 614 -16.69 62.54 -53.96
CA THR B 614 -15.33 62.89 -53.56
C THR B 614 -14.55 61.70 -53.03
N PHE B 615 -14.74 60.52 -53.65
CA PHE B 615 -14.09 59.31 -53.17
C PHE B 615 -12.82 59.10 -53.97
N THR B 616 -11.76 59.78 -53.53
CA THR B 616 -10.42 59.67 -54.11
C THR B 616 -9.42 59.44 -52.98
N PRO B 617 -9.27 58.20 -52.51
CA PRO B 617 -8.40 57.95 -51.36
C PRO B 617 -6.94 58.29 -51.67
N SER B 618 -6.22 58.72 -50.64
CA SER B 618 -4.80 59.02 -50.78
C SER B 618 -4.01 57.72 -51.00
N LYS B 619 -2.93 57.85 -51.76
CA LYS B 619 -2.08 56.73 -52.11
C LYS B 619 -1.32 56.15 -50.92
N ASP B 620 -1.33 56.82 -49.76
CA ASP B 620 -0.69 56.30 -48.56
C ASP B 620 -1.26 54.95 -48.13
N SER B 621 -2.32 54.48 -48.77
CA SER B 621 -2.63 53.06 -48.81
C SER B 621 -1.65 52.40 -49.76
N THR B 622 -0.48 52.03 -49.25
CA THR B 622 0.62 51.62 -50.11
C THR B 622 0.57 50.11 -50.37
N LYS B 623 1.68 49.62 -50.97
CA LYS B 623 1.77 48.22 -51.35
C LYS B 623 1.82 47.27 -50.16
N ASP B 624 2.36 47.74 -49.03
CA ASP B 624 2.63 46.83 -47.93
C ASP B 624 1.34 46.44 -47.21
N SER B 625 1.33 45.22 -46.67
CA SER B 625 0.13 44.64 -46.08
C SER B 625 0.46 44.05 -44.72
N PHE B 626 -0.59 43.62 -44.03
CA PHE B 626 -0.39 42.77 -42.86
C PHE B 626 -1.58 41.84 -42.67
N GLN B 627 -1.34 40.79 -41.89
CA GLN B 627 -2.29 39.72 -41.68
C GLN B 627 -2.47 39.47 -40.20
N ILE B 628 -3.71 39.42 -39.74
CA ILE B 628 -3.98 39.14 -38.34
C ILE B 628 -5.14 38.17 -38.20
N ALA B 629 -4.96 37.20 -37.32
CA ALA B 629 -5.99 36.24 -36.96
C ALA B 629 -6.67 36.74 -35.69
N THR B 630 -8.00 36.74 -35.69
CA THR B 630 -8.79 37.19 -34.55
C THR B 630 -9.60 36.01 -34.05
N LEU B 631 -9.35 35.60 -32.82
CA LEU B 631 -10.19 34.61 -32.15
C LEU B 631 -10.78 35.29 -30.92
N ILE B 632 -12.05 35.05 -30.67
CA ILE B 632 -12.68 35.60 -29.48
C ILE B 632 -13.37 34.51 -28.68
N CYS B 633 -12.67 33.98 -27.68
CA CYS B 633 -13.25 33.06 -26.71
C CYS B 633 -13.78 33.91 -25.57
N SER B 634 -14.90 34.55 -25.81
CA SER B 634 -15.56 35.39 -24.82
C SER B 634 -16.81 34.72 -24.30
N THR B 635 -17.60 35.49 -23.56
CA THR B 635 -18.84 35.01 -23.00
C THR B 635 -20.07 35.80 -23.46
N LYS B 636 -19.86 37.00 -24.00
CA LYS B 636 -20.95 37.83 -24.48
C LYS B 636 -20.74 38.35 -25.89
N LEU B 637 -19.50 38.46 -26.35
CA LEU B 637 -19.25 38.95 -27.70
C LEU B 637 -19.80 37.98 -28.73
N THR B 638 -20.29 38.53 -29.84
CA THR B 638 -21.08 37.78 -30.80
C THR B 638 -20.78 38.27 -32.21
N GLN B 639 -20.65 37.33 -33.15
CA GLN B 639 -20.41 37.64 -34.56
C GLN B 639 -21.45 36.91 -35.40
N ASN B 640 -22.56 37.58 -35.69
CA ASN B 640 -23.53 37.04 -36.65
C ASN B 640 -24.41 38.17 -37.15
N VAL B 641 -24.54 38.25 -38.47
CA VAL B 641 -25.40 39.27 -39.08
C VAL B 641 -26.85 39.00 -38.74
N ASP B 642 -27.30 37.75 -38.91
CA ASP B 642 -28.70 37.43 -38.71
C ASP B 642 -29.11 37.69 -37.28
N LEU B 643 -28.24 37.35 -36.33
CA LEU B 643 -28.58 37.54 -34.93
C LEU B 643 -28.82 39.01 -34.62
N LEU B 644 -27.93 39.90 -35.09
CA LEU B 644 -28.14 41.31 -34.81
C LEU B 644 -29.36 41.85 -35.53
N GLY B 645 -29.61 41.38 -36.76
CA GLY B 645 -30.85 41.74 -37.41
C GLY B 645 -32.04 41.35 -36.57
N LEU B 646 -31.97 40.19 -35.93
CA LEU B 646 -32.97 39.80 -34.95
C LEU B 646 -33.01 40.82 -33.82
N LEU B 647 -31.86 41.38 -33.47
CA LEU B 647 -31.82 42.31 -32.36
C LEU B 647 -32.20 43.72 -32.76
N ASN B 648 -32.32 44.01 -34.05
CA ASN B 648 -32.96 45.24 -34.47
C ASN B 648 -33.87 45.00 -35.64
N TRP B 649 -34.64 43.92 -35.58
CA TRP B 649 -35.78 43.78 -36.46
C TRP B 649 -36.72 44.96 -36.32
N ARG B 650 -36.75 45.57 -35.15
CA ARG B 650 -37.51 46.80 -34.97
C ARG B 650 -37.06 47.88 -35.94
N SER B 651 -35.80 47.82 -36.36
CA SER B 651 -35.31 48.66 -37.44
C SER B 651 -35.11 47.87 -38.72
N ASN B 652 -35.34 46.56 -38.69
CA ASN B 652 -35.25 45.74 -39.87
C ASN B 652 -36.55 44.99 -40.07
N SER B 653 -37.66 45.72 -39.99
CA SER B 653 -38.97 45.12 -40.10
C SER B 653 -39.22 44.47 -41.45
N GLN B 654 -38.23 44.52 -42.35
CA GLN B 654 -38.37 43.96 -43.67
C GLN B 654 -37.73 42.59 -43.79
N ASN B 655 -36.44 42.48 -43.53
CA ASN B 655 -35.68 41.26 -43.75
C ASN B 655 -36.00 40.18 -42.75
N ILE B 656 -37.01 40.40 -41.90
CA ILE B 656 -37.40 39.39 -40.94
C ILE B 656 -37.71 38.09 -41.66
N LYS B 657 -38.44 38.18 -42.77
CA LYS B 657 -38.53 37.05 -43.68
C LYS B 657 -37.15 36.49 -44.01
N HIS B 658 -36.25 37.34 -44.50
CA HIS B 658 -34.90 36.95 -44.86
C HIS B 658 -34.17 36.35 -43.67
N ASN B 659 -34.15 37.07 -42.56
CA ASN B 659 -33.43 36.56 -41.39
C ASN B 659 -33.97 35.21 -41.01
N LEU B 660 -35.27 35.10 -40.78
CA LEU B 660 -35.91 33.83 -40.47
C LEU B 660 -35.37 32.70 -41.31
N LYS B 661 -35.32 32.91 -42.63
CA LYS B 661 -34.72 31.93 -43.51
C LYS B 661 -33.30 31.60 -43.06
N LYS B 662 -32.53 32.63 -42.74
CA LYS B 662 -31.12 32.41 -42.46
C LYS B 662 -30.85 31.91 -41.05
N LEU B 663 -31.87 31.89 -40.20
CA LEU B 663 -31.61 31.70 -38.77
C LEU B 663 -31.24 30.26 -38.46
N MET B 664 -31.98 29.31 -39.02
CA MET B 664 -31.79 27.92 -38.64
C MET B 664 -30.40 27.41 -38.99
N GLU B 665 -29.70 28.13 -39.86
CA GLU B 665 -28.35 27.77 -40.27
C GLU B 665 -27.29 28.60 -39.56
N VAL B 666 -27.65 29.32 -38.52
CA VAL B 666 -26.72 30.11 -37.72
C VAL B 666 -26.06 29.20 -36.69
N ASP B 667 -24.81 29.51 -36.35
CA ASP B 667 -24.08 28.69 -35.39
C ASP B 667 -24.69 28.78 -34.00
N GLY B 668 -25.00 27.61 -33.43
CA GLY B 668 -25.63 27.55 -32.13
C GLY B 668 -24.79 28.09 -31.00
N GLY B 669 -23.47 28.01 -31.10
CA GLY B 669 -22.62 28.59 -30.07
C GLY B 669 -22.83 30.08 -29.95
N GLU B 670 -22.85 30.78 -31.08
CA GLU B 670 -23.21 32.19 -31.08
C GLU B 670 -24.56 32.39 -30.41
N ILE B 671 -25.52 31.54 -30.76
CA ILE B 671 -26.91 31.77 -30.40
C ILE B 671 -27.11 31.62 -28.91
N VAL B 672 -26.57 30.55 -28.34
CA VAL B 672 -26.84 30.25 -26.95
C VAL B 672 -26.31 31.33 -26.03
N LYS B 673 -25.49 32.23 -26.54
CA LYS B 673 -25.06 33.37 -25.74
C LYS B 673 -26.26 34.21 -25.30
N PHE B 674 -27.21 34.42 -26.19
CA PHE B 674 -28.36 35.26 -25.89
C PHE B 674 -29.63 34.62 -26.39
N LEU B 675 -29.67 33.30 -26.27
CA LEU B 675 -30.87 32.53 -26.50
C LEU B 675 -32.12 33.19 -25.94
N GLN B 676 -32.11 33.57 -24.66
CA GLN B 676 -33.34 34.05 -24.04
C GLN B 676 -33.75 35.39 -24.62
N ASP B 677 -32.77 36.25 -24.86
CA ASP B 677 -33.03 37.54 -25.46
C ASP B 677 -33.65 37.36 -26.83
N THR B 678 -33.12 36.41 -27.60
CA THR B 678 -33.67 36.14 -28.91
C THR B 678 -35.05 35.54 -28.82
N LEU B 679 -35.31 34.74 -27.79
CA LEU B 679 -36.63 34.22 -27.54
C LEU B 679 -37.62 35.35 -27.40
N ASP B 680 -37.26 36.31 -26.55
CA ASP B 680 -38.12 37.46 -26.35
C ASP B 680 -38.28 38.25 -27.64
N ALA B 681 -37.18 38.41 -28.39
CA ALA B 681 -37.27 39.08 -29.68
C ALA B 681 -38.29 38.41 -30.56
N LEU B 682 -38.18 37.09 -30.71
CA LEU B 682 -39.12 36.30 -31.48
C LEU B 682 -40.55 36.52 -31.00
N PHE B 683 -40.75 36.49 -29.70
CA PHE B 683 -42.09 36.57 -29.15
C PHE B 683 -42.72 37.92 -29.44
N ASN B 684 -41.95 38.98 -29.25
CA ASN B 684 -42.40 40.30 -29.65
C ASN B 684 -42.70 40.34 -31.13
N ILE B 685 -41.86 39.72 -31.94
CA ILE B 685 -42.08 39.70 -33.37
C ILE B 685 -43.43 39.11 -33.69
N MET B 686 -43.71 37.95 -33.14
CA MET B 686 -44.90 37.20 -33.48
C MET B 686 -46.16 37.76 -32.82
N MET B 687 -46.03 38.39 -31.65
CA MET B 687 -47.09 39.28 -31.19
C MET B 687 -47.37 40.39 -32.20
N GLU B 688 -46.34 41.12 -32.60
CA GLU B 688 -46.49 42.28 -33.47
C GLU B 688 -46.76 41.89 -34.91
N MET B 689 -45.82 41.19 -35.54
CA MET B 689 -46.05 40.73 -36.90
C MET B 689 -46.80 39.40 -36.87
N SER B 690 -47.88 39.41 -36.11
CA SER B 690 -48.84 38.32 -36.13
C SER B 690 -49.62 38.27 -37.43
N ASP B 691 -49.49 39.30 -38.27
CA ASP B 691 -50.31 39.38 -39.47
C ASP B 691 -49.92 38.30 -40.47
N SER B 692 -48.64 38.11 -40.70
CA SER B 692 -48.15 37.06 -41.60
C SER B 692 -47.98 35.79 -40.77
N GLU B 693 -49.04 35.00 -40.71
CA GLU B 693 -48.94 33.67 -40.09
C GLU B 693 -47.96 32.79 -40.85
N THR B 694 -47.61 33.16 -42.08
CA THR B 694 -46.50 32.49 -42.75
C THR B 694 -45.19 32.79 -42.03
N TYR B 695 -45.00 34.05 -41.66
CA TYR B 695 -43.89 34.37 -40.76
C TYR B 695 -44.01 33.58 -39.47
N ASP B 696 -45.24 33.31 -39.01
CA ASP B 696 -45.42 32.46 -37.85
C ASP B 696 -44.90 31.06 -38.12
N PHE B 697 -45.16 30.51 -39.31
CA PHE B 697 -44.54 29.25 -39.67
C PHE B 697 -43.03 29.33 -39.55
N LEU B 698 -42.45 30.38 -40.11
CA LEU B 698 -41.00 30.53 -40.05
C LEU B 698 -40.53 30.58 -38.60
N VAL B 699 -41.25 31.32 -37.77
CA VAL B 699 -41.01 31.35 -36.34
C VAL B 699 -41.02 29.96 -35.76
N PHE B 700 -42.07 29.21 -36.08
CA PHE B 700 -42.23 27.87 -35.54
C PHE B 700 -41.03 27.03 -35.88
N ASP B 701 -40.61 27.09 -37.13
CA ASP B 701 -39.46 26.34 -37.59
C ASP B 701 -38.20 26.77 -36.84
N ALA B 702 -37.98 28.08 -36.73
CA ALA B 702 -36.77 28.57 -36.11
C ALA B 702 -36.69 28.16 -34.65
N LEU B 703 -37.81 28.25 -33.95
CA LEU B 703 -37.79 27.92 -32.52
C LEU B 703 -37.64 26.43 -32.32
N VAL B 704 -38.20 25.63 -33.22
CA VAL B 704 -37.92 24.21 -33.19
C VAL B 704 -36.43 23.97 -33.34
N PHE B 705 -35.83 24.65 -34.32
CA PHE B 705 -34.39 24.59 -34.46
C PHE B 705 -33.70 24.93 -33.16
N ILE B 706 -34.17 25.97 -32.50
CA ILE B 706 -33.56 26.40 -31.25
C ILE B 706 -33.55 25.27 -30.26
N ILE B 707 -34.73 24.78 -29.91
CA ILE B 707 -34.82 23.81 -28.82
C ILE B 707 -34.11 22.51 -29.20
N SER B 708 -34.29 22.07 -30.44
CA SER B 708 -33.57 20.89 -30.90
C SER B 708 -32.07 21.08 -30.71
N LEU B 709 -31.55 22.23 -31.12
CA LEU B 709 -30.16 22.57 -30.87
C LEU B 709 -29.84 22.41 -29.40
N ILE B 710 -30.73 22.89 -28.54
CA ILE B 710 -30.50 22.81 -27.11
C ILE B 710 -30.37 21.37 -26.67
N GLY B 711 -31.08 20.47 -27.34
CA GLY B 711 -31.04 19.06 -26.98
C GLY B 711 -29.65 18.47 -26.99
N ASP B 712 -28.73 19.03 -27.76
CA ASP B 712 -27.38 18.46 -27.81
C ASP B 712 -26.68 18.62 -26.47
N ILE B 713 -25.68 17.76 -26.27
CA ILE B 713 -24.88 17.79 -25.05
C ILE B 713 -24.29 19.18 -24.83
N LYS B 714 -23.71 19.75 -25.89
CA LYS B 714 -23.01 21.03 -25.80
C LYS B 714 -23.80 22.06 -24.99
N PHE B 715 -25.12 21.94 -24.99
CA PHE B 715 -25.99 22.98 -24.49
C PHE B 715 -26.85 22.53 -23.34
N GLN B 716 -26.71 21.29 -22.88
CA GLN B 716 -27.68 20.71 -21.97
C GLN B 716 -27.79 21.50 -20.68
N HIS B 717 -26.65 21.98 -20.16
CA HIS B 717 -26.66 22.70 -18.90
C HIS B 717 -27.50 23.97 -18.97
N PHE B 718 -27.79 24.44 -20.17
CA PHE B 718 -28.56 25.66 -20.34
C PHE B 718 -30.05 25.41 -20.24
N ASN B 719 -30.46 24.16 -20.11
CA ASN B 719 -31.87 23.85 -19.93
C ASN B 719 -32.52 24.64 -18.79
N PRO B 720 -31.92 24.72 -17.59
CA PRO B 720 -32.52 25.57 -16.56
C PRO B 720 -32.72 27.00 -17.01
N VAL B 721 -31.74 27.55 -17.73
CA VAL B 721 -31.87 28.91 -18.22
C VAL B 721 -33.19 29.08 -18.95
N LEU B 722 -33.49 28.12 -19.82
CA LEU B 722 -34.73 28.18 -20.59
C LEU B 722 -35.92 28.32 -19.66
N GLU B 723 -36.04 27.42 -18.69
CA GLU B 723 -37.12 27.53 -17.74
C GLU B 723 -36.91 28.71 -16.81
N THR B 724 -35.65 29.03 -16.54
CA THR B 724 -35.36 30.30 -15.90
C THR B 724 -35.97 31.44 -16.69
N TYR B 725 -35.94 31.33 -18.01
CA TYR B 725 -36.73 32.23 -18.81
C TYR B 725 -38.21 31.99 -18.58
N ILE B 726 -38.66 30.76 -18.81
CA ILE B 726 -40.05 30.44 -19.06
C ILE B 726 -40.94 30.95 -17.93
N TYR B 727 -40.71 30.46 -16.74
CA TYR B 727 -41.58 30.81 -15.64
C TYR B 727 -41.35 32.22 -15.13
N LYS B 728 -40.30 32.88 -15.58
CA LYS B 728 -39.92 34.15 -14.99
C LYS B 728 -39.96 35.30 -15.97
N HIS B 729 -39.78 35.04 -17.26
CA HIS B 729 -39.70 36.14 -18.20
C HIS B 729 -40.50 35.90 -19.47
N PHE B 730 -41.23 34.80 -19.56
CA PHE B 730 -42.06 34.60 -20.73
C PHE B 730 -43.23 35.56 -20.67
N SER B 731 -43.41 36.32 -21.76
CA SER B 731 -44.35 37.43 -21.74
C SER B 731 -45.19 37.48 -23.01
N ALA B 732 -45.70 36.34 -23.46
CA ALA B 732 -46.58 36.28 -24.62
C ALA B 732 -47.91 35.68 -24.20
N THR B 733 -49.00 36.27 -24.68
CA THR B 733 -50.33 35.89 -24.21
C THR B 733 -51.05 34.91 -25.13
N LEU B 734 -51.26 35.26 -26.40
CA LEU B 734 -51.99 34.39 -27.32
C LEU B 734 -51.03 33.62 -28.21
N ALA B 735 -49.74 33.67 -27.90
CA ALA B 735 -48.77 32.90 -28.65
C ALA B 735 -49.21 31.45 -28.77
N TYR B 736 -49.58 30.84 -27.64
CA TYR B 736 -49.98 29.44 -27.64
C TYR B 736 -51.09 29.16 -28.65
N VAL B 737 -51.99 30.11 -28.84
CA VAL B 737 -53.01 29.95 -29.85
C VAL B 737 -52.36 29.73 -31.20
N LYS B 738 -51.44 30.62 -31.56
CA LYS B 738 -50.79 30.52 -32.86
C LYS B 738 -49.93 29.28 -32.93
N LEU B 739 -49.41 28.85 -31.78
CA LEU B 739 -48.56 27.67 -31.74
C LEU B 739 -49.35 26.42 -32.05
N SER B 740 -50.41 26.18 -31.29
CA SER B 740 -51.32 25.09 -31.60
C SER B 740 -51.82 25.18 -33.02
N LYS B 741 -52.09 26.40 -33.49
CA LYS B 741 -52.56 26.60 -34.85
C LYS B 741 -51.57 26.05 -35.85
N VAL B 742 -50.32 26.51 -35.74
CA VAL B 742 -49.29 26.11 -36.68
C VAL B 742 -49.05 24.61 -36.57
N LEU B 743 -49.04 24.11 -35.34
CA LEU B 743 -48.78 22.71 -35.14
C LEU B 743 -49.84 21.84 -35.78
N ASN B 744 -51.10 22.18 -35.58
CA ASN B 744 -52.15 21.38 -36.16
C ASN B 744 -52.16 21.51 -37.66
N PHE B 745 -51.84 22.70 -38.17
CA PHE B 745 -51.59 22.84 -39.59
C PHE B 745 -50.57 21.83 -40.05
N TYR B 746 -49.46 21.76 -39.34
CA TYR B 746 -48.35 20.93 -39.76
C TYR B 746 -48.74 19.46 -39.74
N VAL B 747 -49.29 18.99 -38.63
CA VAL B 747 -49.67 17.59 -38.52
C VAL B 747 -50.71 17.24 -39.55
N ALA B 748 -51.60 18.18 -39.87
CA ALA B 748 -52.53 17.96 -40.96
C ALA B 748 -51.79 17.75 -42.27
N ASN B 749 -50.75 18.54 -42.49
CA ASN B 749 -50.06 18.61 -43.77
C ASN B 749 -48.89 17.64 -43.83
N ALA B 750 -48.98 16.56 -43.06
CA ALA B 750 -47.88 15.62 -42.94
C ALA B 750 -47.52 14.96 -44.26
N ASP B 751 -48.41 14.99 -45.25
CA ASP B 751 -48.14 14.35 -46.52
C ASP B 751 -46.95 14.96 -47.24
N ASP B 752 -46.57 16.19 -46.89
CA ASP B 752 -45.42 16.80 -47.56
C ASP B 752 -44.13 16.19 -47.06
N SER B 753 -43.25 15.84 -48.02
CA SER B 753 -41.90 15.44 -47.65
C SER B 753 -41.13 16.60 -47.02
N SER B 754 -41.29 17.80 -47.57
CA SER B 754 -40.55 18.94 -47.05
C SER B 754 -41.08 19.43 -45.71
N LYS B 755 -42.32 19.09 -45.35
CA LYS B 755 -42.75 19.29 -43.98
C LYS B 755 -42.54 18.05 -43.12
N THR B 756 -42.18 16.92 -43.74
CA THR B 756 -42.05 15.69 -42.97
C THR B 756 -40.96 15.80 -41.92
N GLU B 757 -39.75 16.15 -42.33
CA GLU B 757 -38.66 16.31 -41.38
C GLU B 757 -38.95 17.43 -40.41
N LEU B 758 -39.72 18.43 -40.83
CA LEU B 758 -40.09 19.50 -39.92
C LEU B 758 -40.94 18.95 -38.79
N LEU B 759 -41.95 18.17 -39.15
CA LEU B 759 -42.74 17.46 -38.17
C LEU B 759 -41.88 16.60 -37.29
N PHE B 760 -40.96 15.86 -37.90
CA PHE B 760 -39.99 15.09 -37.12
C PHE B 760 -39.34 15.94 -36.05
N ALA B 761 -38.68 17.01 -36.48
CA ALA B 761 -37.96 17.86 -35.53
C ALA B 761 -38.89 18.39 -34.46
N ALA B 762 -40.12 18.71 -34.85
CA ALA B 762 -41.10 19.16 -33.86
C ALA B 762 -41.36 18.06 -32.83
N LEU B 763 -41.54 16.84 -33.30
CA LEU B 763 -41.66 15.70 -32.40
C LEU B 763 -40.48 15.63 -31.47
N LYS B 764 -39.31 16.01 -31.98
CA LYS B 764 -38.11 16.00 -31.16
C LYS B 764 -38.15 17.04 -30.05
N ALA B 765 -39.15 17.91 -30.03
CA ALA B 765 -39.12 19.08 -29.17
C ALA B 765 -40.37 19.22 -28.32
N LEU B 766 -41.17 18.16 -28.25
CA LEU B 766 -42.54 18.31 -27.79
C LEU B 766 -42.61 18.93 -26.40
N LYS B 767 -41.73 18.50 -25.50
CA LYS B 767 -41.79 18.97 -24.12
C LYS B 767 -41.77 20.50 -24.06
N TYR B 768 -40.75 21.10 -24.66
CA TYR B 768 -40.56 22.54 -24.49
C TYR B 768 -41.57 23.31 -25.32
N LEU B 769 -41.83 22.85 -26.53
CA LEU B 769 -42.90 23.45 -27.32
C LEU B 769 -44.16 23.51 -26.50
N PHE B 770 -44.53 22.38 -25.93
CA PHE B 770 -45.75 22.30 -25.16
C PHE B 770 -45.68 23.22 -23.97
N ARG B 771 -44.53 23.28 -23.32
CA ARG B 771 -44.43 24.09 -22.12
C ARG B 771 -44.60 25.56 -22.43
N PHE B 772 -44.04 26.02 -23.54
CA PHE B 772 -44.29 27.39 -23.96
C PHE B 772 -45.74 27.60 -24.32
N ILE B 773 -46.34 26.61 -24.97
CA ILE B 773 -47.77 26.70 -25.25
C ILE B 773 -48.53 26.90 -23.96
N ILE B 774 -48.24 26.07 -22.96
CA ILE B 774 -48.88 26.19 -21.67
C ILE B 774 -48.65 27.56 -21.08
N GLN B 775 -47.43 28.07 -21.20
CA GLN B 775 -47.15 29.32 -20.52
C GLN B 775 -47.90 30.47 -21.16
N SER B 776 -47.94 30.52 -22.49
CA SER B 776 -48.74 31.55 -23.15
C SER B 776 -50.21 31.39 -22.79
N ARG B 777 -50.70 30.15 -22.78
CA ARG B 777 -52.07 29.89 -22.37
C ARG B 777 -52.34 30.51 -21.01
N VAL B 778 -51.62 30.05 -19.99
CA VAL B 778 -51.91 30.46 -18.63
C VAL B 778 -51.61 31.94 -18.43
N LEU B 779 -50.66 32.48 -19.18
CA LEU B 779 -50.41 33.91 -19.16
C LEU B 779 -51.64 34.67 -19.61
N TYR B 780 -52.19 34.30 -20.76
CA TYR B 780 -53.46 34.85 -21.20
C TYR B 780 -54.50 34.72 -20.09
N LEU B 781 -54.57 33.54 -19.48
CA LEU B 781 -55.60 33.29 -18.49
C LEU B 781 -55.51 34.28 -17.34
N ARG B 782 -54.33 34.37 -16.73
CA ARG B 782 -54.17 35.24 -15.56
C ARG B 782 -54.30 36.71 -15.93
N PHE B 783 -53.65 37.14 -17.01
CA PHE B 783 -53.73 38.53 -17.40
C PHE B 783 -55.13 38.92 -17.86
N TYR B 784 -55.95 37.93 -18.18
CA TYR B 784 -57.38 38.11 -18.32
C TYR B 784 -58.14 37.54 -17.15
N GLY B 785 -57.46 37.20 -16.07
CA GLY B 785 -58.11 36.68 -14.88
C GLY B 785 -58.53 35.24 -15.09
N GLN B 786 -59.25 34.99 -16.19
CA GLN B 786 -59.73 33.66 -16.50
C GLN B 786 -59.75 33.49 -18.00
N SER B 787 -60.31 32.36 -18.45
CA SER B 787 -60.23 31.92 -19.84
C SER B 787 -61.61 32.01 -20.48
N LYS B 788 -61.80 33.02 -21.33
CA LYS B 788 -63.06 33.17 -22.06
C LYS B 788 -63.20 32.15 -23.19
N ASP B 789 -62.12 31.44 -23.53
CA ASP B 789 -62.12 30.49 -24.63
C ASP B 789 -61.34 29.21 -24.32
N GLY B 790 -61.30 28.81 -23.05
CA GLY B 790 -60.60 27.58 -22.70
C GLY B 790 -61.20 26.37 -23.40
N ASP B 791 -62.49 26.43 -23.69
CA ASP B 791 -63.18 25.36 -24.39
C ASP B 791 -62.51 25.07 -25.73
N GLU B 792 -62.48 26.06 -26.63
CA GLU B 792 -61.86 25.86 -27.92
C GLU B 792 -60.40 25.47 -27.77
N PHE B 793 -59.77 25.89 -26.68
CA PHE B 793 -58.37 25.52 -26.45
C PHE B 793 -58.25 24.02 -26.28
N ASN B 794 -59.04 23.48 -25.35
CA ASN B 794 -59.06 22.04 -25.16
C ASN B 794 -59.51 21.34 -26.42
N ASN B 795 -60.38 21.99 -27.19
CA ASN B 795 -60.70 21.47 -28.51
C ASN B 795 -59.44 21.34 -29.34
N SER B 796 -58.78 22.46 -29.61
CA SER B 796 -57.51 22.46 -30.31
C SER B 796 -56.65 21.28 -29.89
N ILE B 797 -56.59 21.03 -28.59
CA ILE B 797 -55.90 19.85 -28.10
C ILE B 797 -56.48 18.61 -28.76
N ARG B 798 -57.81 18.50 -28.73
CA ARG B 798 -58.46 17.29 -29.21
C ARG B 798 -58.23 17.09 -30.70
N GLN B 799 -58.37 18.15 -31.49
CA GLN B 799 -58.25 17.96 -32.93
C GLN B 799 -56.80 17.72 -33.31
N LEU B 800 -55.88 18.39 -32.63
CA LEU B 800 -54.47 18.07 -32.79
C LEU B 800 -54.22 16.59 -32.56
N PHE B 801 -54.73 16.08 -31.45
CA PHE B 801 -54.51 14.70 -31.12
C PHE B 801 -55.18 13.79 -32.13
N LEU B 802 -56.34 14.21 -32.63
CA LEU B 802 -57.04 13.46 -33.66
C LEU B 802 -56.22 13.42 -34.94
N ALA B 803 -55.59 14.52 -35.27
CA ALA B 803 -54.69 14.52 -36.42
C ALA B 803 -53.60 13.50 -36.21
N PHE B 804 -53.07 13.43 -34.99
CA PHE B 804 -52.11 12.37 -34.69
C PHE B 804 -52.71 11.01 -34.96
N ASN B 805 -53.95 10.82 -34.54
CA ASN B 805 -54.62 9.54 -34.72
C ASN B 805 -54.68 9.18 -36.20
N MET B 806 -55.07 10.14 -37.03
CA MET B 806 -55.19 9.85 -38.46
C MET B 806 -53.81 9.69 -39.09
N LEU B 807 -52.78 10.30 -38.50
CA LEU B 807 -51.42 9.94 -38.90
C LEU B 807 -51.21 8.46 -38.67
N MET B 808 -51.52 7.99 -37.47
CA MET B 808 -51.43 6.57 -37.17
C MET B 808 -52.20 5.77 -38.19
N ASP B 809 -53.31 6.30 -38.67
CA ASP B 809 -54.11 5.68 -39.70
C ASP B 809 -53.52 5.86 -41.08
N ARG B 810 -52.59 6.80 -41.25
CA ARG B 810 -51.95 7.00 -42.53
C ARG B 810 -50.97 5.88 -42.81
N PRO B 811 -50.51 5.75 -44.06
CA PRO B 811 -49.44 4.80 -44.36
C PRO B 811 -48.19 5.10 -43.53
N LEU B 812 -47.64 4.03 -42.96
CA LEU B 812 -46.44 4.15 -42.13
C LEU B 812 -45.23 4.58 -42.96
N GLU B 813 -45.18 4.16 -44.22
CA GLU B 813 -44.01 4.41 -45.06
C GLU B 813 -43.67 5.88 -45.15
N GLU B 814 -44.68 6.74 -45.09
CA GLU B 814 -44.43 8.17 -45.09
C GLU B 814 -43.52 8.55 -43.93
N ALA B 815 -43.82 8.03 -42.74
CA ALA B 815 -43.26 8.56 -41.52
C ALA B 815 -42.90 7.46 -40.53
N VAL B 816 -42.61 6.26 -41.02
CA VAL B 816 -42.32 5.14 -40.14
C VAL B 816 -41.34 5.57 -39.06
N LYS B 817 -40.21 6.12 -39.47
CA LYS B 817 -39.35 6.88 -38.58
C LYS B 817 -40.16 7.83 -37.72
N ILE B 818 -40.92 8.71 -38.38
CA ILE B 818 -41.58 9.78 -37.66
C ILE B 818 -42.74 9.26 -36.82
N LYS B 819 -43.42 8.21 -37.27
CA LYS B 819 -44.48 7.65 -36.43
C LYS B 819 -43.89 7.01 -35.17
N GLY B 820 -42.76 6.34 -35.30
CA GLY B 820 -42.04 5.91 -34.12
C GLY B 820 -41.64 7.07 -33.24
N ALA B 821 -41.15 8.14 -33.86
CA ALA B 821 -40.79 9.33 -33.10
C ALA B 821 -41.99 9.86 -32.35
N ALA B 822 -43.16 9.81 -32.97
CA ALA B 822 -44.38 10.20 -32.30
C ALA B 822 -44.56 9.38 -31.05
N LEU B 823 -44.77 8.07 -31.23
CA LEU B 823 -45.01 7.22 -30.06
C LEU B 823 -43.93 7.40 -29.02
N LYS B 824 -42.74 7.83 -29.43
CA LYS B 824 -41.71 8.14 -28.46
C LYS B 824 -42.04 9.40 -27.67
N TYR B 825 -42.15 10.54 -28.34
CA TYR B 825 -42.14 11.82 -27.68
C TYR B 825 -43.51 12.31 -27.24
N LEU B 826 -44.59 11.77 -27.79
CA LEU B 826 -45.91 12.21 -27.37
C LEU B 826 -46.13 12.11 -25.87
N PRO B 827 -45.88 10.96 -25.22
CA PRO B 827 -46.19 10.88 -23.79
C PRO B 827 -45.43 11.88 -22.95
N SER B 828 -44.43 12.55 -23.51
CA SER B 828 -43.69 13.52 -22.73
C SER B 828 -44.61 14.62 -22.23
N ILE B 829 -45.47 15.13 -23.11
CA ILE B 829 -46.29 16.30 -22.81
C ILE B 829 -47.29 16.06 -21.69
N ILE B 830 -47.65 14.80 -21.44
CA ILE B 830 -48.85 14.51 -20.67
C ILE B 830 -48.77 15.12 -19.28
N ASN B 831 -47.57 15.17 -18.71
CA ASN B 831 -47.48 15.65 -17.34
C ASN B 831 -47.76 17.14 -17.26
N ASP B 832 -47.40 17.89 -18.30
CA ASP B 832 -47.79 19.29 -18.34
C ASP B 832 -49.26 19.44 -18.69
N VAL B 833 -49.76 18.54 -19.53
CA VAL B 833 -51.19 18.51 -19.79
C VAL B 833 -51.96 18.46 -18.48
N LYS B 834 -51.43 17.70 -17.53
CA LYS B 834 -52.08 17.57 -16.23
C LYS B 834 -52.38 18.93 -15.64
N LEU B 835 -51.47 19.89 -15.82
CA LEU B 835 -51.63 21.19 -15.21
C LEU B 835 -52.83 21.94 -15.78
N VAL B 836 -53.27 21.58 -16.98
CA VAL B 836 -54.14 22.47 -17.74
C VAL B 836 -55.35 21.73 -18.29
N PHE B 837 -55.59 20.51 -17.83
CA PHE B 837 -56.53 19.68 -18.56
C PHE B 837 -57.11 18.59 -17.68
N ASP B 838 -58.21 18.04 -18.15
CA ASP B 838 -58.81 16.88 -17.51
C ASP B 838 -58.01 15.64 -17.82
N PRO B 839 -57.46 14.97 -16.81
CA PRO B 839 -56.69 13.75 -17.09
C PRO B 839 -57.51 12.66 -17.75
N VAL B 840 -58.80 12.60 -17.43
CA VAL B 840 -59.64 11.54 -17.98
C VAL B 840 -59.76 11.68 -19.48
N GLU B 841 -60.07 12.88 -19.95
CA GLU B 841 -60.18 13.10 -21.38
C GLU B 841 -58.86 12.82 -22.06
N LEU B 842 -57.78 13.33 -21.49
CA LEU B 842 -56.45 13.00 -21.99
C LEU B 842 -56.28 11.50 -22.11
N SER B 843 -56.77 10.77 -21.11
CA SER B 843 -56.58 9.34 -21.03
C SER B 843 -57.29 8.66 -22.19
N VAL B 844 -58.56 8.97 -22.37
CA VAL B 844 -59.32 8.34 -23.45
C VAL B 844 -58.72 8.73 -24.78
N LEU B 845 -58.24 9.97 -24.90
CA LEU B 845 -57.53 10.37 -26.10
C LEU B 845 -56.43 9.38 -26.40
N PHE B 846 -55.47 9.28 -25.48
CA PHE B 846 -54.32 8.42 -25.72
C PHE B 846 -54.73 6.99 -25.98
N CYS B 847 -55.80 6.54 -25.32
CA CYS B 847 -56.30 5.21 -25.61
C CYS B 847 -56.62 5.08 -27.09
N LYS B 848 -57.62 5.84 -27.53
CA LYS B 848 -58.07 5.74 -28.91
C LYS B 848 -56.89 5.90 -29.86
N PHE B 849 -55.94 6.74 -29.46
CA PHE B 849 -54.68 6.82 -30.18
C PHE B 849 -54.04 5.45 -30.31
N ILE B 850 -54.06 4.68 -29.24
CA ILE B 850 -53.45 3.36 -29.32
C ILE B 850 -54.20 2.48 -30.30
N GLN B 851 -55.54 2.48 -30.23
CA GLN B 851 -56.23 1.73 -31.29
C GLN B 851 -55.90 2.26 -32.68
N SER B 852 -55.56 3.54 -32.80
CA SER B 852 -55.30 4.10 -34.12
C SER B 852 -54.16 3.40 -34.85
N ILE B 853 -53.50 2.44 -34.19
CA ILE B 853 -52.35 1.76 -34.75
C ILE B 853 -52.77 0.45 -35.41
N PRO B 854 -52.41 0.21 -36.67
CA PRO B 854 -52.57 -1.12 -37.24
C PRO B 854 -51.65 -2.12 -36.56
N ASP B 855 -52.14 -3.35 -36.43
CA ASP B 855 -51.73 -4.24 -35.36
C ASP B 855 -50.53 -5.10 -35.70
N ASN B 856 -49.68 -4.71 -36.63
CA ASN B 856 -48.50 -5.51 -36.91
C ASN B 856 -47.24 -4.65 -37.00
N GLN B 857 -47.28 -3.43 -36.48
CA GLN B 857 -46.23 -2.45 -36.75
C GLN B 857 -45.59 -2.01 -35.45
N LEU B 858 -44.26 -1.90 -35.48
CA LEU B 858 -43.48 -1.23 -34.44
C LEU B 858 -43.94 -1.64 -33.03
N VAL B 859 -44.02 -2.95 -32.83
CA VAL B 859 -44.54 -3.47 -31.58
C VAL B 859 -43.74 -2.92 -30.40
N ARG B 860 -42.45 -3.23 -30.33
CA ARG B 860 -41.65 -2.78 -29.20
C ARG B 860 -41.70 -1.27 -29.06
N GLN B 861 -41.81 -0.55 -30.16
CA GLN B 861 -41.95 0.90 -30.08
C GLN B 861 -43.17 1.28 -29.27
N LYS B 862 -44.33 0.75 -29.64
CA LYS B 862 -45.54 1.10 -28.90
C LYS B 862 -45.44 0.62 -27.46
N LEU B 863 -44.74 -0.49 -27.25
CA LEU B 863 -44.51 -0.93 -25.88
C LEU B 863 -43.82 0.15 -25.07
N ASN B 864 -42.69 0.61 -25.57
CA ASN B 864 -41.93 1.63 -24.85
C ASN B 864 -42.76 2.89 -24.69
N CYS B 865 -43.62 3.17 -25.67
CA CYS B 865 -44.55 4.28 -25.53
C CYS B 865 -45.38 4.11 -24.27
N MET B 866 -46.15 3.03 -24.19
CA MET B 866 -47.02 2.86 -23.05
C MET B 866 -46.21 2.79 -21.76
N THR B 867 -44.95 2.38 -21.87
CA THR B 867 -44.07 2.47 -20.72
C THR B 867 -43.94 3.91 -20.27
N LYS B 868 -43.62 4.79 -21.21
CA LYS B 868 -43.50 6.21 -20.88
C LYS B 868 -44.81 6.74 -20.31
N ILE B 869 -45.93 6.19 -20.74
CA ILE B 869 -47.17 6.67 -20.14
C ILE B 869 -47.29 6.20 -18.71
N VAL B 870 -47.35 4.89 -18.49
CA VAL B 870 -47.53 4.39 -17.15
C VAL B 870 -46.51 5.00 -16.21
N GLU B 871 -45.35 5.37 -16.75
CA GLU B 871 -44.34 6.13 -16.04
C GLU B 871 -44.96 7.25 -15.22
N SER B 872 -45.68 8.16 -15.87
CA SER B 872 -46.22 9.31 -15.18
C SER B 872 -47.68 9.53 -15.50
N THR B 873 -48.32 10.33 -14.66
CA THR B 873 -49.72 10.75 -14.81
C THR B 873 -50.66 9.57 -14.62
N LEU B 874 -50.12 8.37 -14.54
CA LEU B 874 -50.84 7.29 -13.90
C LEU B 874 -50.99 7.53 -12.42
N PHE B 875 -50.17 8.42 -11.86
CA PHE B 875 -50.28 8.72 -10.43
C PHE B 875 -51.65 9.30 -10.07
N ARG B 876 -52.19 10.21 -10.88
CA ARG B 876 -53.56 10.65 -10.63
C ARG B 876 -54.47 9.49 -11.04
N GLN B 877 -54.51 8.51 -10.17
CA GLN B 877 -54.70 7.13 -10.59
C GLN B 877 -56.16 6.81 -10.88
N SER B 878 -57.01 6.94 -9.87
CA SER B 878 -58.37 6.40 -9.94
C SER B 878 -59.13 6.88 -11.16
N GLU B 879 -58.88 8.11 -11.62
CA GLU B 879 -59.60 8.58 -12.79
C GLU B 879 -58.87 8.29 -14.09
N CYS B 880 -57.65 7.78 -14.03
CA CYS B 880 -56.95 7.40 -15.24
C CYS B 880 -56.51 5.95 -15.25
N ARG B 881 -56.17 5.40 -14.08
CA ARG B 881 -55.71 4.02 -14.04
C ARG B 881 -56.75 3.10 -14.66
N GLU B 882 -58.00 3.23 -14.22
CA GLU B 882 -59.05 2.32 -14.60
C GLU B 882 -59.27 2.31 -16.11
N VAL B 883 -59.03 3.44 -16.76
CA VAL B 883 -59.40 3.60 -18.16
C VAL B 883 -58.20 3.34 -19.07
N LEU B 884 -57.00 3.66 -18.62
CA LEU B 884 -55.83 3.30 -19.39
C LEU B 884 -55.61 1.81 -19.34
N LEU B 885 -55.68 1.24 -18.14
CA LEU B 885 -55.52 -0.19 -17.88
C LEU B 885 -56.07 -1.12 -18.95
N PRO B 886 -57.35 -1.08 -19.32
CA PRO B 886 -57.92 -2.18 -20.09
C PRO B 886 -57.19 -2.35 -21.40
N LEU B 887 -56.93 -1.22 -22.06
CA LEU B 887 -56.22 -1.25 -23.33
C LEU B 887 -54.86 -1.90 -23.17
N LEU B 888 -54.16 -1.53 -22.10
CA LEU B 888 -52.84 -2.10 -21.86
C LEU B 888 -52.94 -3.60 -21.74
N THR B 889 -53.94 -4.06 -21.00
CA THR B 889 -54.14 -5.49 -20.91
C THR B 889 -54.41 -6.10 -22.27
N ASP B 890 -55.27 -5.46 -23.06
CA ASP B 890 -55.68 -6.06 -24.33
C ASP B 890 -54.48 -6.26 -25.22
N GLN B 891 -53.60 -5.28 -25.25
CA GLN B 891 -52.44 -5.40 -26.13
C GLN B 891 -51.41 -6.37 -25.56
N LEU B 892 -51.19 -6.35 -24.24
CA LEU B 892 -50.23 -7.31 -23.70
C LEU B 892 -50.74 -8.74 -23.82
N SER B 893 -52.04 -8.94 -23.67
CA SER B 893 -52.65 -10.23 -23.91
C SER B 893 -52.56 -10.62 -25.36
N GLY B 894 -52.74 -9.68 -26.27
CA GLY B 894 -52.29 -9.92 -27.63
C GLY B 894 -50.80 -10.18 -27.66
N GLN B 895 -50.04 -9.33 -26.98
CA GLN B 895 -48.62 -9.58 -26.82
C GLN B 895 -48.33 -10.84 -26.06
N LEU B 896 -49.30 -11.34 -25.29
CA LEU B 896 -49.12 -12.58 -24.54
C LEU B 896 -48.78 -13.74 -25.46
N ASP B 897 -49.74 -14.12 -26.29
CA ASP B 897 -49.64 -15.31 -27.14
C ASP B 897 -50.02 -14.89 -28.56
N ASP B 898 -49.02 -14.81 -29.43
CA ASP B 898 -49.22 -14.57 -30.84
C ASP B 898 -48.32 -15.45 -31.70
N ASN B 899 -47.45 -16.24 -31.09
CA ASN B 899 -46.44 -17.02 -31.79
C ASN B 899 -45.41 -16.13 -32.48
N SER B 900 -45.57 -14.82 -32.36
CA SER B 900 -44.59 -13.83 -32.78
C SER B 900 -44.24 -12.88 -31.65
N ASN B 901 -44.70 -13.20 -30.43
CA ASN B 901 -44.48 -12.37 -29.25
C ASN B 901 -43.02 -12.28 -28.86
N LYS B 902 -42.20 -13.14 -29.42
CA LYS B 902 -40.83 -13.35 -28.96
C LYS B 902 -40.04 -12.06 -28.70
N PRO B 903 -39.85 -11.15 -29.66
CA PRO B 903 -38.90 -10.06 -29.41
C PRO B 903 -39.39 -9.14 -28.31
N ASP B 904 -40.67 -9.20 -28.02
CA ASP B 904 -41.30 -8.30 -27.06
C ASP B 904 -41.14 -8.77 -25.63
N HIS B 905 -40.65 -9.99 -25.43
CA HIS B 905 -40.71 -10.59 -24.11
C HIS B 905 -40.15 -9.65 -23.06
N GLU B 906 -38.85 -9.38 -23.17
CA GLU B 906 -38.22 -8.42 -22.28
C GLU B 906 -38.97 -7.11 -22.27
N ALA B 907 -39.26 -6.58 -23.46
CA ALA B 907 -39.97 -5.32 -23.55
C ALA B 907 -41.27 -5.40 -22.77
N SER B 908 -42.04 -6.46 -23.00
CA SER B 908 -43.30 -6.62 -22.29
C SER B 908 -43.06 -6.63 -20.79
N SER B 909 -42.07 -7.43 -20.36
CA SER B 909 -41.76 -7.47 -18.95
C SER B 909 -41.53 -6.08 -18.41
N GLN B 910 -40.76 -5.28 -19.16
CA GLN B 910 -40.58 -3.88 -18.81
C GLN B 910 -41.91 -3.25 -18.46
N LEU B 911 -42.80 -3.21 -19.45
CA LEU B 911 -44.16 -2.78 -19.19
C LEU B 911 -44.69 -3.48 -17.96
N LEU B 912 -44.75 -4.80 -18.05
CA LEU B 912 -45.29 -5.59 -16.97
C LEU B 912 -44.68 -5.22 -15.64
N SER B 913 -43.38 -4.94 -15.64
CA SER B 913 -42.77 -4.52 -14.40
C SER B 913 -43.46 -3.28 -13.86
N ASN B 914 -43.31 -2.18 -14.59
CA ASN B 914 -43.55 -0.88 -14.00
C ASN B 914 -44.99 -0.78 -13.51
N ILE B 915 -45.92 -1.23 -14.34
CA ILE B 915 -47.32 -1.17 -13.97
C ILE B 915 -47.52 -1.74 -12.58
N LEU B 916 -47.14 -3.00 -12.39
CA LEU B 916 -47.44 -3.61 -11.10
C LEU B 916 -46.75 -2.86 -9.99
N GLU B 917 -45.51 -2.45 -10.20
CA GLU B 917 -44.82 -1.76 -9.13
C GLU B 917 -45.42 -0.39 -8.88
N VAL B 918 -45.85 0.32 -9.92
CA VAL B 918 -46.53 1.56 -9.61
C VAL B 918 -47.89 1.25 -8.99
N LEU B 919 -48.48 0.11 -9.32
CA LEU B 919 -49.61 -0.34 -8.54
C LEU B 919 -49.22 -0.53 -7.09
N ASP B 920 -48.06 -1.14 -6.85
CA ASP B 920 -47.62 -1.32 -5.47
C ASP B 920 -47.25 0.00 -4.82
N ARG B 921 -46.81 0.99 -5.59
CA ARG B 921 -46.56 2.30 -5.04
C ARG B 921 -47.74 2.76 -4.20
N LYS B 922 -47.46 3.11 -2.95
CA LYS B 922 -48.48 3.08 -1.90
C LYS B 922 -49.61 4.07 -2.12
N ASP B 923 -49.32 5.35 -2.06
CA ASP B 923 -50.38 6.33 -1.89
C ASP B 923 -50.83 6.93 -3.20
N VAL B 924 -50.45 6.33 -4.32
CA VAL B 924 -50.86 6.83 -5.62
C VAL B 924 -52.37 6.68 -5.82
N GLY B 925 -52.95 5.58 -5.36
CA GLY B 925 -54.39 5.43 -5.45
C GLY B 925 -54.82 4.02 -5.14
N ALA B 926 -55.99 3.87 -4.53
CA ALA B 926 -56.49 2.55 -4.15
C ALA B 926 -56.67 1.70 -5.39
N THR B 927 -56.20 0.44 -5.31
CA THR B 927 -56.13 -0.40 -6.49
C THR B 927 -56.53 -1.85 -6.23
N ALA B 928 -57.06 -2.15 -5.05
CA ALA B 928 -57.39 -3.52 -4.72
C ALA B 928 -58.26 -4.14 -5.81
N VAL B 929 -59.32 -3.45 -6.19
CA VAL B 929 -60.14 -3.93 -7.29
C VAL B 929 -59.36 -3.86 -8.59
N HIS B 930 -58.51 -2.85 -8.73
CA HIS B 930 -57.76 -2.69 -9.96
C HIS B 930 -56.74 -3.80 -10.16
N ILE B 931 -55.87 -4.01 -9.17
CA ILE B 931 -54.95 -5.15 -9.23
C ILE B 931 -55.74 -6.44 -9.34
N GLN B 932 -56.85 -6.53 -8.61
CA GLN B 932 -57.77 -7.64 -8.76
C GLN B 932 -58.01 -7.93 -10.23
N LEU B 933 -58.47 -6.93 -10.96
CA LEU B 933 -58.82 -7.12 -12.36
C LEU B 933 -57.61 -7.59 -13.15
N ILE B 934 -56.48 -6.95 -12.90
CA ILE B 934 -55.28 -7.23 -13.69
C ILE B 934 -54.89 -8.69 -13.50
N MET B 935 -54.80 -9.10 -12.25
CA MET B 935 -54.75 -10.50 -11.89
C MET B 935 -55.68 -11.32 -12.76
N GLU B 936 -56.96 -10.98 -12.68
CA GLU B 936 -58.01 -11.82 -13.26
C GLU B 936 -57.68 -12.15 -14.69
N ARG B 937 -57.23 -11.15 -15.43
CA ARG B 937 -57.07 -11.34 -16.85
C ARG B 937 -55.60 -11.40 -17.29
N LEU B 938 -54.66 -11.55 -16.36
CA LEU B 938 -53.27 -11.80 -16.73
C LEU B 938 -52.63 -13.03 -16.11
N LEU B 939 -53.18 -13.62 -15.07
CA LEU B 939 -52.47 -14.69 -14.39
C LEU B 939 -52.17 -15.91 -15.24
N ARG B 940 -53.22 -16.64 -15.61
CA ARG B 940 -53.07 -17.83 -16.43
C ARG B 940 -52.28 -17.50 -17.68
N ARG B 941 -52.50 -16.30 -18.18
CA ARG B 941 -51.79 -15.76 -19.33
C ARG B 941 -50.28 -15.79 -19.14
N ILE B 942 -49.78 -15.06 -18.14
CA ILE B 942 -48.34 -15.01 -17.95
C ILE B 942 -47.80 -16.37 -17.56
N ASN B 943 -48.59 -17.15 -16.83
CA ASN B 943 -48.16 -18.49 -16.49
C ASN B 943 -47.91 -19.30 -17.75
N ARG B 944 -48.85 -19.22 -18.70
CA ARG B 944 -48.65 -19.81 -20.01
C ARG B 944 -47.39 -19.28 -20.68
N THR B 945 -47.17 -17.98 -20.59
CA THR B 945 -45.98 -17.39 -21.19
C THR B 945 -44.74 -18.07 -20.68
N VAL B 946 -44.49 -17.92 -19.39
CA VAL B 946 -43.27 -18.47 -18.80
C VAL B 946 -43.29 -20.00 -18.85
N ILE B 947 -44.44 -20.60 -19.13
CA ILE B 947 -44.45 -21.99 -19.57
C ILE B 947 -43.68 -22.11 -20.88
N GLY B 948 -44.01 -21.25 -21.83
CA GLY B 948 -43.34 -21.27 -23.11
C GLY B 948 -42.07 -20.45 -23.05
N MET B 949 -42.11 -19.35 -22.30
CA MET B 949 -40.92 -18.52 -22.12
C MET B 949 -39.88 -19.25 -21.28
N ASN B 950 -40.17 -20.50 -20.94
CA ASN B 950 -39.47 -21.29 -19.95
C ASN B 950 -38.02 -21.56 -20.32
N ARG B 951 -37.58 -21.14 -21.49
CA ARG B 951 -36.16 -21.24 -21.80
C ARG B 951 -35.35 -20.45 -20.80
N GLN B 952 -34.25 -21.05 -20.34
CA GLN B 952 -33.53 -20.55 -19.17
C GLN B 952 -32.56 -19.43 -19.51
N SER B 953 -31.84 -19.54 -20.61
CA SER B 953 -30.82 -18.54 -20.94
C SER B 953 -31.34 -17.10 -20.99
N PRO B 954 -32.48 -16.80 -21.59
CA PRO B 954 -32.89 -15.40 -21.72
C PRO B 954 -33.34 -14.76 -20.41
N HIS B 955 -33.95 -13.59 -20.54
CA HIS B 955 -34.34 -12.71 -19.45
C HIS B 955 -35.52 -13.23 -18.65
N ILE B 956 -35.80 -14.53 -18.78
CA ILE B 956 -36.85 -15.22 -18.05
C ILE B 956 -36.88 -14.82 -16.58
N GLY B 957 -35.71 -14.67 -15.97
CA GLY B 957 -35.68 -14.33 -14.56
C GLY B 957 -36.53 -13.13 -14.24
N SER B 958 -36.50 -12.12 -15.12
CA SER B 958 -37.31 -10.94 -14.95
C SER B 958 -38.78 -11.31 -14.82
N PHE B 959 -39.30 -12.07 -15.78
CA PHE B 959 -40.68 -12.51 -15.71
C PHE B 959 -40.95 -13.14 -14.37
N VAL B 960 -39.98 -13.91 -13.90
CA VAL B 960 -40.10 -14.56 -12.60
C VAL B 960 -40.53 -13.54 -11.56
N ALA B 961 -39.69 -12.53 -11.37
CA ALA B 961 -40.02 -11.47 -10.43
C ALA B 961 -41.42 -10.96 -10.70
N CYS B 962 -41.68 -10.64 -11.96
CA CYS B 962 -42.98 -10.17 -12.37
C CYS B 962 -44.07 -11.01 -11.72
N MET B 963 -44.06 -12.30 -12.04
CA MET B 963 -45.08 -13.20 -11.51
C MET B 963 -45.23 -12.99 -10.02
N ILE B 964 -44.15 -13.25 -9.30
CA ILE B 964 -44.26 -13.26 -7.86
C ILE B 964 -44.70 -11.88 -7.38
N ALA B 965 -44.13 -10.84 -7.98
CA ALA B 965 -44.48 -9.49 -7.57
C ALA B 965 -45.99 -9.33 -7.57
N LEU B 966 -46.61 -9.70 -8.69
CA LEU B 966 -48.06 -9.67 -8.78
C LEU B 966 -48.68 -10.31 -7.55
N LEU B 967 -48.45 -11.61 -7.42
CA LEU B 967 -49.05 -12.35 -6.33
C LEU B 967 -48.48 -11.91 -5.00
N GLN B 968 -47.27 -11.35 -5.01
CA GLN B 968 -46.78 -10.73 -3.79
C GLN B 968 -47.70 -9.59 -3.38
N GLN B 969 -47.98 -8.68 -4.31
CA GLN B 969 -48.91 -7.61 -4.01
C GLN B 969 -50.30 -8.17 -3.74
N MET B 970 -50.72 -9.11 -4.56
CA MET B 970 -52.10 -9.53 -4.69
C MET B 970 -52.50 -10.46 -3.54
N ASP B 971 -53.69 -10.21 -3.00
CA ASP B 971 -54.13 -10.74 -1.71
C ASP B 971 -55.08 -11.92 -1.88
N ASP B 972 -55.18 -12.72 -0.82
CA ASP B 972 -56.00 -13.93 -0.83
C ASP B 972 -57.41 -13.65 -1.30
N SER B 973 -58.04 -12.61 -0.75
CA SER B 973 -59.37 -12.22 -1.16
C SER B 973 -59.53 -12.26 -2.66
N HIS B 974 -58.44 -12.02 -3.38
CA HIS B 974 -58.43 -12.06 -4.84
C HIS B 974 -58.33 -13.51 -5.33
N TYR B 975 -57.34 -14.25 -4.83
CA TYR B 975 -57.24 -15.67 -5.16
C TYR B 975 -58.59 -16.33 -5.04
N SER B 976 -59.21 -16.17 -3.88
CA SER B 976 -60.53 -16.71 -3.66
C SER B 976 -61.60 -16.01 -4.48
N HIS B 977 -61.30 -14.86 -5.08
CA HIS B 977 -62.36 -14.06 -5.65
C HIS B 977 -62.91 -14.70 -6.93
N TYR B 978 -62.12 -14.72 -7.99
CA TYR B 978 -62.56 -15.40 -9.21
C TYR B 978 -61.57 -16.38 -9.80
N ILE B 979 -60.28 -16.17 -9.63
CA ILE B 979 -59.37 -17.24 -10.02
C ILE B 979 -59.77 -18.53 -9.31
N SER B 980 -60.35 -18.39 -8.12
CA SER B 980 -61.19 -19.44 -7.57
C SER B 980 -62.42 -19.71 -8.42
N THR B 981 -63.10 -18.68 -8.89
CA THR B 981 -64.51 -18.74 -9.27
C THR B 981 -64.64 -18.94 -10.78
N PHE B 982 -63.81 -19.80 -11.36
CA PHE B 982 -63.72 -19.90 -12.80
C PHE B 982 -64.92 -20.62 -13.42
N LYS B 983 -64.77 -20.99 -14.68
CA LYS B 983 -65.73 -21.76 -15.45
C LYS B 983 -65.68 -23.20 -14.99
N THR B 984 -66.18 -24.11 -15.83
CA THR B 984 -66.20 -25.54 -15.53
C THR B 984 -64.95 -25.98 -14.77
N ARG B 985 -65.17 -26.80 -13.74
CA ARG B 985 -64.14 -27.08 -12.76
C ARG B 985 -62.91 -27.69 -13.42
N GLN B 986 -63.12 -28.63 -14.33
CA GLN B 986 -61.98 -29.36 -14.89
C GLN B 986 -60.97 -28.41 -15.52
N ASP B 987 -61.45 -27.32 -16.09
CA ASP B 987 -60.53 -26.29 -16.58
C ASP B 987 -59.65 -25.76 -15.44
N ILE B 988 -60.28 -25.42 -14.32
CA ILE B 988 -59.49 -24.85 -13.23
C ILE B 988 -58.55 -25.91 -12.68
N ILE B 989 -58.97 -27.18 -12.68
CA ILE B 989 -58.07 -28.25 -12.29
C ILE B 989 -56.84 -28.22 -13.18
N ASP B 990 -57.08 -28.18 -14.48
CA ASP B 990 -56.00 -28.16 -15.44
C ASP B 990 -55.04 -27.04 -15.12
N PHE B 991 -55.59 -25.85 -14.93
CA PHE B 991 -54.79 -24.70 -14.53
C PHE B 991 -53.93 -25.02 -13.33
N LEU B 992 -54.51 -25.64 -12.31
CA LEU B 992 -53.74 -25.91 -11.11
C LEU B 992 -52.58 -26.86 -11.38
N MET B 993 -52.84 -27.91 -12.16
CA MET B 993 -51.71 -28.76 -12.54
C MET B 993 -50.62 -27.93 -13.20
N GLU B 994 -51.01 -27.02 -14.09
CA GLU B 994 -50.03 -26.15 -14.72
C GLU B 994 -49.23 -25.40 -13.66
N THR B 995 -49.93 -24.87 -12.67
CA THR B 995 -49.25 -24.14 -11.61
C THR B 995 -48.20 -25.00 -10.94
N PHE B 996 -48.61 -26.18 -10.45
CA PHE B 996 -47.68 -26.99 -9.67
C PHE B 996 -46.53 -27.49 -10.50
N ILE B 997 -46.81 -27.95 -11.71
CA ILE B 997 -45.72 -28.42 -12.55
C ILE B 997 -44.73 -27.30 -12.77
N MET B 998 -45.23 -26.09 -13.04
CA MET B 998 -44.28 -25.00 -13.18
C MET B 998 -43.52 -24.73 -11.91
N PHE B 999 -44.17 -24.81 -10.76
CA PHE B 999 -43.47 -24.53 -9.52
C PHE B 999 -42.33 -25.48 -9.32
N LYS B 1000 -42.57 -26.76 -9.62
CA LYS B 1000 -41.49 -27.73 -9.58
C LYS B 1000 -40.40 -27.34 -10.56
N ASP B 1001 -40.79 -26.85 -11.73
CA ASP B 1001 -39.81 -26.42 -12.71
C ASP B 1001 -39.05 -25.18 -12.27
N LEU B 1002 -39.61 -24.42 -11.34
CA LEU B 1002 -38.92 -23.28 -10.77
C LEU B 1002 -37.91 -23.73 -9.72
N ILE B 1003 -38.39 -24.43 -8.71
CA ILE B 1003 -37.51 -24.84 -7.61
C ILE B 1003 -36.40 -25.72 -8.12
N GLY B 1004 -36.73 -26.70 -8.94
CA GLY B 1004 -35.72 -27.31 -9.77
C GLY B 1004 -35.23 -26.32 -10.80
N LYS B 1005 -33.93 -26.34 -11.05
CA LYS B 1005 -33.29 -25.37 -11.93
C LYS B 1005 -33.75 -23.96 -11.57
N ASN B 1006 -33.35 -23.53 -10.38
CA ASN B 1006 -33.67 -22.19 -9.97
C ASN B 1006 -33.00 -21.20 -10.91
N VAL B 1007 -33.64 -20.06 -11.09
CA VAL B 1007 -33.24 -19.11 -12.12
C VAL B 1007 -32.26 -18.07 -11.58
N TYR B 1008 -31.65 -18.34 -10.45
CA TYR B 1008 -30.69 -17.44 -9.84
C TYR B 1008 -29.41 -18.19 -9.53
N ALA B 1009 -28.33 -17.47 -9.43
CA ALA B 1009 -27.03 -18.06 -9.16
C ALA B 1009 -26.78 -18.28 -7.72
N LYS B 1010 -27.84 -18.28 -6.91
CA LYS B 1010 -27.80 -18.50 -5.47
C LYS B 1010 -27.21 -17.29 -4.75
N ASP B 1011 -26.71 -16.30 -5.47
CA ASP B 1011 -26.18 -15.12 -4.83
C ASP B 1011 -27.23 -14.05 -4.59
N TRP B 1012 -28.39 -14.15 -5.24
CA TRP B 1012 -29.48 -13.25 -4.89
C TRP B 1012 -30.39 -13.89 -3.85
N MET B 1013 -29.78 -14.37 -2.78
CA MET B 1013 -30.51 -15.13 -1.79
C MET B 1013 -31.54 -14.30 -1.07
N VAL B 1014 -31.43 -12.97 -1.13
CA VAL B 1014 -32.41 -12.15 -0.45
C VAL B 1014 -33.75 -12.24 -1.17
N MET B 1015 -33.78 -11.77 -2.40
CA MET B 1015 -34.97 -11.94 -3.22
C MET B 1015 -35.30 -13.41 -3.35
N ASN B 1016 -34.31 -14.28 -3.25
CA ASN B 1016 -34.57 -15.70 -3.20
C ASN B 1016 -35.48 -16.03 -2.03
N MET B 1017 -35.13 -15.59 -0.84
CA MET B 1017 -35.97 -15.85 0.31
C MET B 1017 -37.35 -15.27 0.08
N THR B 1018 -37.41 -14.10 -0.51
CA THR B 1018 -38.70 -13.46 -0.73
C THR B 1018 -39.58 -14.32 -1.63
N GLN B 1019 -39.03 -14.78 -2.75
CA GLN B 1019 -39.83 -15.58 -3.65
C GLN B 1019 -40.19 -16.90 -3.00
N ASN B 1020 -39.31 -17.41 -2.13
CA ASN B 1020 -39.70 -18.53 -1.31
C ASN B 1020 -40.98 -18.20 -0.57
N ARG B 1021 -41.00 -17.05 0.10
CA ARG B 1021 -42.15 -16.71 0.93
C ARG B 1021 -43.40 -16.59 0.08
N VAL B 1022 -43.28 -15.96 -1.07
CA VAL B 1022 -44.46 -15.74 -1.88
C VAL B 1022 -44.96 -17.07 -2.40
N PHE B 1023 -44.06 -17.99 -2.71
CA PHE B 1023 -44.49 -19.31 -3.13
C PHE B 1023 -45.20 -20.01 -2.00
N LEU B 1024 -44.66 -19.90 -0.79
CA LEU B 1024 -45.36 -20.38 0.40
C LEU B 1024 -46.79 -19.91 0.39
N ARG B 1025 -46.96 -18.60 0.35
CA ARG B 1025 -48.28 -18.01 0.41
C ARG B 1025 -49.18 -18.56 -0.69
N ALA B 1026 -48.69 -18.54 -1.92
CA ALA B 1026 -49.51 -18.93 -3.05
C ALA B 1026 -49.95 -20.39 -2.93
N ILE B 1027 -49.00 -21.27 -2.66
CA ILE B 1027 -49.35 -22.67 -2.59
C ILE B 1027 -50.23 -22.92 -1.40
N ASN B 1028 -50.09 -22.10 -0.35
CA ASN B 1028 -51.02 -22.20 0.75
C ASN B 1028 -52.43 -21.96 0.25
N GLN B 1029 -52.64 -20.84 -0.44
CA GLN B 1029 -53.97 -20.51 -0.94
C GLN B 1029 -54.48 -21.64 -1.79
N PHE B 1030 -53.59 -22.23 -2.58
CA PHE B 1030 -53.93 -23.41 -3.34
C PHE B 1030 -54.37 -24.54 -2.42
N ALA B 1031 -53.69 -24.70 -1.30
CA ALA B 1031 -54.07 -25.75 -0.37
C ALA B 1031 -55.49 -25.55 0.12
N GLU B 1032 -55.82 -24.34 0.55
CA GLU B 1032 -57.18 -24.13 1.07
C GLU B 1032 -58.21 -24.36 -0.01
N VAL B 1033 -57.98 -23.84 -1.21
CA VAL B 1033 -58.97 -24.08 -2.26
C VAL B 1033 -59.08 -25.58 -2.56
N LEU B 1034 -57.95 -26.26 -2.69
CA LEU B 1034 -57.95 -27.69 -2.91
C LEU B 1034 -58.66 -28.46 -1.83
N THR B 1035 -58.71 -27.90 -0.62
CA THR B 1035 -59.54 -28.53 0.40
C THR B 1035 -61.00 -28.26 0.11
N ARG B 1036 -61.37 -26.98 0.10
CA ARG B 1036 -62.75 -26.57 -0.02
C ARG B 1036 -63.31 -26.81 -1.41
N PHE B 1037 -62.46 -27.09 -2.38
CA PHE B 1037 -62.84 -27.60 -3.68
C PHE B 1037 -62.31 -28.96 -4.07
N PHE B 1038 -61.43 -29.61 -3.29
CA PHE B 1038 -61.13 -30.96 -3.71
C PHE B 1038 -60.85 -31.93 -2.56
N MET B 1039 -61.53 -31.77 -1.42
CA MET B 1039 -61.53 -32.88 -0.45
C MET B 1039 -62.65 -33.84 -0.78
N ASP B 1040 -62.97 -34.78 0.13
CA ASP B 1040 -64.02 -35.75 -0.17
C ASP B 1040 -65.38 -35.09 -0.40
N GLN B 1041 -65.46 -33.80 -0.15
CA GLN B 1041 -66.51 -32.98 -0.72
C GLN B 1041 -66.42 -32.96 -2.25
N ALA B 1042 -65.21 -32.86 -2.81
CA ALA B 1042 -65.00 -33.22 -4.22
C ALA B 1042 -64.39 -34.60 -4.22
N SER B 1043 -65.13 -35.56 -3.67
CA SER B 1043 -64.62 -36.88 -3.30
C SER B 1043 -63.75 -37.54 -4.34
N PHE B 1044 -64.00 -37.28 -5.62
CA PHE B 1044 -63.28 -38.00 -6.66
C PHE B 1044 -62.22 -37.14 -7.32
N GLU B 1045 -61.53 -37.73 -8.31
CA GLU B 1045 -60.44 -37.11 -9.06
C GLU B 1045 -59.50 -36.36 -8.12
N LEU B 1046 -59.02 -37.09 -7.12
CA LEU B 1046 -58.18 -36.54 -6.07
C LEU B 1046 -56.75 -37.09 -6.12
N GLN B 1047 -56.23 -37.35 -7.30
CA GLN B 1047 -54.84 -37.79 -7.37
C GLN B 1047 -53.88 -36.61 -7.34
N LEU B 1048 -54.31 -35.46 -7.86
CA LEU B 1048 -53.42 -34.38 -8.23
C LEU B 1048 -52.36 -34.08 -7.18
N TRP B 1049 -52.72 -34.24 -5.92
CA TRP B 1049 -51.81 -34.02 -4.80
C TRP B 1049 -50.45 -34.66 -5.00
N ASN B 1050 -50.37 -35.71 -5.83
CA ASN B 1050 -49.09 -36.31 -6.15
C ASN B 1050 -48.12 -35.19 -6.38
N ASN B 1051 -48.38 -34.46 -7.47
CA ASN B 1051 -47.60 -33.27 -7.78
C ASN B 1051 -47.41 -32.44 -6.53
N TYR B 1052 -48.52 -31.95 -5.99
CA TYR B 1052 -48.48 -31.09 -4.82
C TYR B 1052 -47.47 -31.61 -3.83
N PHE B 1053 -47.67 -32.85 -3.39
CA PHE B 1053 -46.88 -33.32 -2.27
C PHE B 1053 -45.41 -33.34 -2.62
N HIS B 1054 -45.09 -33.96 -3.76
CA HIS B 1054 -43.70 -33.95 -4.17
C HIS B 1054 -43.22 -32.52 -4.28
N LEU B 1055 -43.99 -31.70 -5.01
CA LEU B 1055 -43.65 -30.30 -5.11
C LEU B 1055 -43.45 -29.71 -3.74
N ALA B 1056 -44.42 -29.92 -2.84
CA ALA B 1056 -44.27 -29.41 -1.49
C ALA B 1056 -42.97 -29.90 -0.88
N VAL B 1057 -42.76 -31.21 -0.92
CA VAL B 1057 -41.52 -31.78 -0.42
C VAL B 1057 -40.35 -31.22 -1.20
N ALA B 1058 -40.49 -31.18 -2.53
CA ALA B 1058 -39.41 -30.65 -3.35
C ALA B 1058 -39.11 -29.23 -2.97
N PHE B 1059 -40.15 -28.46 -2.63
CA PHE B 1059 -39.90 -27.14 -2.11
C PHE B 1059 -39.08 -27.23 -0.83
N LEU B 1060 -39.57 -28.02 0.12
CA LEU B 1060 -39.03 -28.05 1.46
C LEU B 1060 -37.65 -28.67 1.50
N THR B 1061 -37.07 -28.99 0.36
CA THR B 1061 -35.85 -29.78 0.30
C THR B 1061 -34.67 -28.90 -0.07
N HIS B 1062 -34.62 -27.70 0.50
CA HIS B 1062 -33.42 -26.90 0.44
C HIS B 1062 -33.45 -25.91 1.60
N GLU B 1063 -32.40 -25.10 1.69
CA GLU B 1063 -32.29 -24.06 2.72
C GLU B 1063 -32.39 -24.68 4.12
N SER B 1064 -31.39 -25.49 4.44
CA SER B 1064 -31.45 -26.33 5.63
C SER B 1064 -30.38 -25.93 6.64
N LEU B 1065 -30.42 -26.59 7.79
CA LEU B 1065 -29.73 -26.09 9.00
C LEU B 1065 -28.28 -25.73 8.72
N GLN B 1066 -27.54 -26.63 8.07
CA GLN B 1066 -26.18 -26.33 7.65
C GLN B 1066 -26.11 -25.07 6.78
N LEU B 1067 -27.15 -24.82 5.99
CA LEU B 1067 -27.10 -23.64 5.13
C LEU B 1067 -27.16 -22.37 5.95
N GLU B 1068 -28.09 -22.29 6.89
CA GLU B 1068 -28.08 -21.12 7.75
C GLU B 1068 -26.84 -21.10 8.64
N THR B 1069 -26.15 -22.22 8.74
CA THR B 1069 -24.99 -22.29 9.63
C THR B 1069 -23.88 -21.37 9.17
N PHE B 1070 -23.90 -20.92 7.92
CA PHE B 1070 -22.71 -20.37 7.28
C PHE B 1070 -22.08 -19.28 8.12
N SER B 1071 -22.86 -18.29 8.53
CA SER B 1071 -22.41 -17.40 9.59
C SER B 1071 -23.22 -17.73 10.84
N GLN B 1072 -22.56 -17.61 11.99
CA GLN B 1072 -23.29 -17.77 13.23
C GLN B 1072 -24.46 -16.81 13.28
N ALA B 1073 -24.29 -15.62 12.72
CA ALA B 1073 -25.39 -14.70 12.50
C ALA B 1073 -26.44 -15.25 11.55
N LYS B 1074 -26.03 -15.99 10.52
CA LYS B 1074 -26.89 -16.30 9.39
C LYS B 1074 -28.23 -16.89 9.84
N ARG B 1075 -28.18 -17.91 10.70
CA ARG B 1075 -29.41 -18.49 11.23
C ARG B 1075 -30.33 -17.40 11.75
N ASN B 1076 -29.85 -16.68 12.76
CA ASN B 1076 -30.66 -15.69 13.44
C ASN B 1076 -31.16 -14.65 12.46
N LYS B 1077 -30.30 -14.23 11.54
CA LYS B 1077 -30.66 -13.25 10.53
C LYS B 1077 -31.91 -13.70 9.80
N ILE B 1078 -31.82 -14.87 9.17
CA ILE B 1078 -32.90 -15.35 8.34
C ILE B 1078 -34.12 -15.64 9.18
N VAL B 1079 -33.92 -15.99 10.45
CA VAL B 1079 -35.06 -16.28 11.30
C VAL B 1079 -35.80 -14.99 11.64
N LYS B 1080 -35.06 -13.95 12.03
CA LYS B 1080 -35.70 -12.70 12.37
C LYS B 1080 -36.40 -12.11 11.16
N LYS B 1081 -35.76 -12.19 9.99
CA LYS B 1081 -36.41 -11.69 8.79
C LYS B 1081 -37.60 -12.57 8.39
N TYR B 1082 -37.48 -13.86 8.59
CA TYR B 1082 -38.44 -14.80 8.04
C TYR B 1082 -38.91 -15.88 9.00
N GLY B 1083 -38.16 -16.20 10.04
CA GLY B 1083 -38.51 -17.39 10.79
C GLY B 1083 -38.04 -18.62 10.06
N ASP B 1084 -38.48 -19.78 10.54
CA ASP B 1084 -38.19 -21.05 9.87
C ASP B 1084 -39.39 -21.40 9.02
N MET B 1085 -39.25 -21.14 7.73
CA MET B 1085 -40.27 -21.52 6.75
C MET B 1085 -40.61 -23.00 6.87
N ARG B 1086 -39.61 -23.83 7.09
CA ARG B 1086 -39.82 -25.26 7.06
C ARG B 1086 -40.87 -25.67 8.08
N LYS B 1087 -40.96 -24.94 9.20
CA LYS B 1087 -41.86 -25.31 10.28
C LYS B 1087 -43.29 -25.40 9.78
N GLU B 1088 -43.82 -24.25 9.38
CA GLU B 1088 -45.19 -24.24 8.90
C GLU B 1088 -45.32 -24.94 7.56
N ILE B 1089 -44.27 -24.99 6.75
CA ILE B 1089 -44.35 -25.79 5.53
C ILE B 1089 -44.78 -27.20 5.88
N GLY B 1090 -43.94 -27.87 6.67
CA GLY B 1090 -44.24 -29.23 7.07
C GLY B 1090 -45.55 -29.34 7.81
N PHE B 1091 -45.87 -28.35 8.64
CA PHE B 1091 -47.13 -28.39 9.36
C PHE B 1091 -48.31 -28.41 8.39
N ARG B 1092 -48.25 -27.58 7.36
CA ARG B 1092 -49.32 -27.57 6.38
C ARG B 1092 -49.41 -28.89 5.66
N ILE B 1093 -48.27 -29.45 5.28
CA ILE B 1093 -48.33 -30.75 4.65
C ILE B 1093 -48.96 -31.75 5.60
N ARG B 1094 -48.66 -31.61 6.89
CA ARG B 1094 -49.14 -32.52 7.91
C ARG B 1094 -50.66 -32.44 8.04
N ASP B 1095 -51.17 -31.22 8.19
CA ASP B 1095 -52.59 -31.06 8.34
C ASP B 1095 -53.32 -31.43 7.06
N MET B 1096 -52.68 -31.26 5.90
CA MET B 1096 -53.24 -31.79 4.67
C MET B 1096 -53.37 -33.29 4.74
N TRP B 1097 -52.32 -33.95 5.22
CA TRP B 1097 -52.39 -35.38 5.45
C TRP B 1097 -53.59 -35.75 6.29
N TYR B 1098 -53.71 -35.10 7.43
CA TYR B 1098 -54.84 -35.41 8.32
C TYR B 1098 -56.16 -35.15 7.61
N ASN B 1099 -56.27 -33.98 7.00
CA ASN B 1099 -57.48 -33.57 6.31
C ASN B 1099 -57.86 -34.54 5.20
N LEU B 1100 -56.88 -35.31 4.71
CA LEU B 1100 -57.16 -36.24 3.62
C LEU B 1100 -58.32 -37.14 3.96
N GLY B 1101 -58.30 -37.75 5.14
CA GLY B 1101 -59.32 -38.70 5.52
C GLY B 1101 -59.09 -40.07 4.92
N PRO B 1102 -60.17 -40.85 4.81
CA PRO B 1102 -60.01 -42.29 4.56
C PRO B 1102 -59.25 -42.62 3.29
N HIS B 1103 -59.34 -41.77 2.28
CA HIS B 1103 -58.73 -42.05 0.99
C HIS B 1103 -57.23 -42.17 1.06
N LYS B 1104 -56.66 -41.97 2.25
CA LYS B 1104 -55.23 -42.12 2.43
C LYS B 1104 -54.76 -43.45 1.90
N ILE B 1105 -55.53 -44.51 2.16
CA ILE B 1105 -55.12 -45.86 1.80
C ILE B 1105 -54.91 -45.96 0.30
N LYS B 1106 -55.61 -45.13 -0.47
CA LYS B 1106 -55.34 -45.04 -1.89
C LYS B 1106 -53.94 -44.51 -2.17
N PHE B 1107 -53.27 -43.89 -1.20
CA PHE B 1107 -52.15 -43.04 -1.52
C PHE B 1107 -50.81 -43.46 -0.94
N ILE B 1108 -50.76 -44.24 0.13
CA ILE B 1108 -49.52 -44.44 0.88
C ILE B 1108 -48.32 -44.75 -0.01
N PRO B 1109 -48.34 -45.82 -0.80
CA PRO B 1109 -47.09 -46.28 -1.42
C PRO B 1109 -46.38 -45.17 -2.17
N SER B 1110 -47.15 -44.29 -2.83
CA SER B 1110 -46.58 -43.11 -3.44
C SER B 1110 -45.91 -42.22 -2.39
N MET B 1111 -46.71 -41.68 -1.49
CA MET B 1111 -46.27 -40.70 -0.51
C MET B 1111 -45.27 -41.25 0.50
N VAL B 1112 -44.87 -42.52 0.36
CA VAL B 1112 -43.89 -43.08 1.27
C VAL B 1112 -42.57 -42.32 1.21
N GLY B 1113 -42.07 -42.07 0.01
CA GLY B 1113 -40.85 -41.33 -0.13
C GLY B 1113 -40.88 -39.98 0.55
N PRO B 1114 -41.84 -39.15 0.16
CA PRO B 1114 -41.85 -37.75 0.60
C PRO B 1114 -41.77 -37.56 2.11
N ILE B 1115 -42.43 -38.43 2.84
CA ILE B 1115 -42.54 -38.25 4.28
C ILE B 1115 -41.23 -38.52 5.00
N LEU B 1116 -40.16 -38.88 4.28
CA LEU B 1116 -38.94 -39.21 4.98
C LEU B 1116 -37.99 -38.02 5.04
N GLU B 1117 -37.80 -37.36 3.89
CA GLU B 1117 -36.96 -36.17 3.87
C GLU B 1117 -37.43 -35.19 4.91
N VAL B 1118 -38.73 -34.91 4.91
CA VAL B 1118 -39.30 -34.04 5.92
C VAL B 1118 -39.00 -34.57 7.31
N THR B 1119 -39.10 -35.88 7.49
CA THR B 1119 -38.73 -36.47 8.75
C THR B 1119 -37.21 -36.43 8.92
N LEU B 1120 -36.48 -36.51 7.82
CA LEU B 1120 -35.03 -36.47 7.85
C LEU B 1120 -34.51 -35.09 8.20
N THR B 1121 -35.41 -34.15 8.34
CA THR B 1121 -35.03 -32.75 8.49
C THR B 1121 -34.09 -32.54 9.66
N PRO B 1122 -33.00 -31.81 9.47
CA PRO B 1122 -32.04 -31.63 10.58
C PRO B 1122 -32.66 -31.07 11.85
N GLU B 1123 -33.66 -30.21 11.74
CA GLU B 1123 -34.23 -29.56 12.91
C GLU B 1123 -34.88 -30.60 13.82
N VAL B 1124 -35.38 -30.13 14.97
CA VAL B 1124 -36.00 -31.00 15.96
C VAL B 1124 -37.52 -30.96 15.88
N GLU B 1125 -38.08 -29.76 16.02
CA GLU B 1125 -39.48 -29.64 16.38
C GLU B 1125 -40.41 -30.18 15.30
N LEU B 1126 -40.26 -29.71 14.06
CA LEU B 1126 -41.18 -30.21 13.05
C LEU B 1126 -40.94 -31.68 12.82
N ARG B 1127 -39.69 -32.12 12.88
CA ARG B 1127 -39.41 -33.54 12.84
C ARG B 1127 -40.13 -34.26 13.97
N LYS B 1128 -40.18 -33.63 15.14
CA LYS B 1128 -40.94 -34.17 16.26
C LYS B 1128 -42.41 -34.35 15.90
N ALA B 1129 -43.04 -33.30 15.39
CA ALA B 1129 -44.42 -33.40 14.97
C ALA B 1129 -44.59 -34.25 13.72
N THR B 1130 -43.49 -34.61 13.07
CA THR B 1130 -43.50 -35.26 11.78
C THR B 1130 -43.50 -36.77 11.88
N ILE B 1131 -42.73 -37.31 12.82
CA ILE B 1131 -42.71 -38.76 13.00
C ILE B 1131 -44.11 -39.36 13.18
N PRO B 1132 -45.01 -38.76 13.98
CA PRO B 1132 -46.26 -39.49 14.25
C PRO B 1132 -47.02 -39.84 13.01
N ILE B 1133 -46.85 -39.07 11.93
CA ILE B 1133 -47.44 -39.43 10.65
C ILE B 1133 -47.13 -40.88 10.30
N PHE B 1134 -45.93 -41.33 10.64
CA PHE B 1134 -45.54 -42.70 10.32
C PHE B 1134 -46.45 -43.70 11.00
N PHE B 1135 -46.62 -43.54 12.30
CA PHE B 1135 -47.58 -44.38 13.01
C PHE B 1135 -48.97 -44.21 12.42
N ASP B 1136 -49.28 -42.99 11.98
CA ASP B 1136 -50.60 -42.72 11.40
C ASP B 1136 -50.86 -43.62 10.21
N MET B 1137 -50.01 -43.54 9.19
CA MET B 1137 -50.37 -44.33 8.02
C MET B 1137 -50.09 -45.78 8.22
N MET B 1138 -49.20 -46.15 9.15
CA MET B 1138 -49.11 -47.57 9.44
C MET B 1138 -50.42 -48.07 10.01
N GLN B 1139 -51.05 -47.26 10.86
CA GLN B 1139 -52.39 -47.58 11.33
C GLN B 1139 -53.39 -47.62 10.20
N CYS B 1140 -53.27 -46.70 9.24
CA CYS B 1140 -54.17 -46.72 8.10
C CYS B 1140 -54.02 -48.02 7.32
N GLU B 1141 -52.77 -48.39 7.07
CA GLU B 1141 -52.46 -49.68 6.50
C GLU B 1141 -52.98 -50.81 7.35
N PHE B 1142 -53.16 -50.57 8.65
CA PHE B 1142 -53.77 -51.59 9.50
C PHE B 1142 -55.28 -51.66 9.27
N ASN B 1143 -55.90 -50.49 9.09
CA ASN B 1143 -57.30 -50.46 8.67
C ASN B 1143 -57.49 -51.22 7.37
N PHE B 1144 -56.48 -51.20 6.53
CA PHE B 1144 -56.42 -52.14 5.41
C PHE B 1144 -56.04 -53.54 5.84
N SER B 1145 -55.11 -53.68 6.79
CA SER B 1145 -54.51 -54.95 7.15
C SER B 1145 -55.51 -55.89 7.77
N GLY B 1146 -56.65 -55.35 8.21
CA GLY B 1146 -57.83 -56.18 8.37
C GLY B 1146 -57.97 -57.12 7.19
N ASN B 1147 -57.60 -56.66 6.00
CA ASN B 1147 -57.32 -57.50 4.85
C ASN B 1147 -55.89 -57.19 4.40
N GLY B 1148 -54.91 -57.86 5.02
CA GLY B 1148 -53.52 -57.75 4.62
C GLY B 1148 -52.62 -57.37 5.77
N ASN B 1149 -51.58 -56.61 5.47
CA ASN B 1149 -50.60 -56.17 6.45
C ASN B 1149 -50.13 -54.78 6.04
N PHE B 1150 -49.05 -54.32 6.66
CA PHE B 1150 -48.31 -53.16 6.17
C PHE B 1150 -46.89 -53.52 5.76
N HIS B 1151 -46.63 -54.81 5.50
CA HIS B 1151 -45.29 -55.19 5.06
C HIS B 1151 -44.92 -54.46 3.79
N MET B 1152 -45.86 -54.38 2.84
CA MET B 1152 -45.59 -53.63 1.63
C MET B 1152 -45.07 -52.24 1.97
N PHE B 1153 -45.78 -51.56 2.86
CA PHE B 1153 -45.34 -50.26 3.37
C PHE B 1153 -43.91 -50.30 3.86
N GLU B 1154 -43.66 -51.10 4.89
CA GLU B 1154 -42.38 -51.04 5.55
C GLU B 1154 -41.25 -51.40 4.62
N ASN B 1155 -41.55 -52.12 3.55
CA ASN B 1155 -40.48 -52.50 2.64
C ASN B 1155 -39.82 -51.28 2.02
N GLU B 1156 -40.58 -50.52 1.24
CA GLU B 1156 -40.01 -49.31 0.67
C GLU B 1156 -39.64 -48.32 1.75
N LEU B 1157 -40.37 -48.32 2.87
CA LEU B 1157 -39.94 -47.56 4.02
C LEU B 1157 -38.47 -47.81 4.31
N ILE B 1158 -38.16 -49.07 4.57
CA ILE B 1158 -36.79 -49.48 4.85
C ILE B 1158 -35.88 -49.12 3.70
N THR B 1159 -36.35 -49.35 2.50
CA THR B 1159 -35.55 -49.17 1.30
C THR B 1159 -35.03 -47.75 1.26
N LYS B 1160 -35.97 -46.84 1.09
CA LYS B 1160 -35.61 -45.43 1.02
C LYS B 1160 -34.85 -45.03 2.25
N LEU B 1161 -35.42 -45.31 3.41
CA LEU B 1161 -34.74 -45.11 4.68
C LEU B 1161 -33.25 -45.37 4.54
N ASP B 1162 -32.91 -46.53 4.00
CA ASP B 1162 -31.51 -46.82 3.70
C ASP B 1162 -30.93 -45.75 2.79
N GLN B 1163 -31.42 -45.66 1.55
CA GLN B 1163 -30.61 -44.92 0.56
C GLN B 1163 -30.37 -43.49 0.99
N GLU B 1164 -31.34 -42.89 1.67
CA GLU B 1164 -31.06 -41.57 2.21
C GLU B 1164 -30.21 -41.58 3.47
N VAL B 1165 -30.35 -42.57 4.36
CA VAL B 1165 -29.52 -42.56 5.56
C VAL B 1165 -28.06 -42.72 5.18
N GLU B 1166 -27.77 -43.74 4.37
CA GLU B 1166 -26.44 -43.83 3.78
C GLU B 1166 -26.12 -42.60 2.95
N GLY B 1167 -27.12 -41.99 2.32
CA GLY B 1167 -26.92 -40.71 1.69
C GLY B 1167 -26.44 -39.67 2.67
N GLY B 1168 -26.68 -39.89 3.96
CA GLY B 1168 -26.05 -39.06 4.96
C GLY B 1168 -26.83 -37.81 5.32
N ARG B 1169 -28.06 -37.98 5.79
CA ARG B 1169 -28.86 -36.83 6.21
C ARG B 1169 -29.16 -36.86 7.70
N GLY B 1170 -29.74 -37.93 8.22
CA GLY B 1170 -30.11 -37.98 9.62
C GLY B 1170 -28.90 -38.13 10.54
N ASP B 1171 -29.19 -38.17 11.83
CA ASP B 1171 -28.16 -38.33 12.85
C ASP B 1171 -28.64 -39.32 13.91
N GLU B 1172 -27.76 -39.61 14.86
CA GLU B 1172 -28.11 -40.59 15.87
C GLU B 1172 -29.32 -40.15 16.68
N GLN B 1173 -29.34 -38.90 17.10
CA GLN B 1173 -30.49 -38.41 17.84
C GLN B 1173 -31.74 -38.51 16.98
N TYR B 1174 -31.57 -38.42 15.67
CA TYR B 1174 -32.70 -38.60 14.78
C TYR B 1174 -33.34 -39.96 15.02
N LYS B 1175 -32.54 -41.01 14.94
CA LYS B 1175 -33.09 -42.34 15.20
C LYS B 1175 -33.56 -42.45 16.63
N VAL B 1176 -32.87 -41.80 17.55
CA VAL B 1176 -33.25 -41.90 18.95
C VAL B 1176 -34.66 -41.40 19.12
N LEU B 1177 -34.94 -40.21 18.59
CA LEU B 1177 -36.25 -39.61 18.76
C LEU B 1177 -37.27 -40.38 17.95
N LEU B 1178 -36.83 -40.97 16.84
CA LEU B 1178 -37.72 -41.85 16.11
C LEU B 1178 -38.20 -42.91 17.07
N GLU B 1179 -37.26 -43.74 17.50
CA GLU B 1179 -37.53 -44.80 18.47
C GLU B 1179 -38.47 -44.32 19.55
N LYS B 1180 -38.11 -43.21 20.19
CA LYS B 1180 -38.90 -42.68 21.29
C LYS B 1180 -40.35 -42.47 20.88
N LEU B 1181 -40.57 -41.61 19.89
CA LEU B 1181 -41.91 -41.20 19.54
C LEU B 1181 -42.73 -42.37 19.00
N LEU B 1182 -42.14 -43.16 18.12
CA LEU B 1182 -42.85 -44.32 17.62
C LEU B 1182 -43.26 -45.22 18.77
N LEU B 1183 -42.39 -45.36 19.76
CA LEU B 1183 -42.75 -46.14 20.94
C LEU B 1183 -43.93 -45.52 21.65
N GLU B 1184 -43.90 -44.21 21.81
CA GLU B 1184 -45.01 -43.49 22.42
C GLU B 1184 -46.30 -43.89 21.73
N HIS B 1185 -46.32 -43.69 20.43
CA HIS B 1185 -47.50 -44.00 19.63
C HIS B 1185 -47.92 -45.44 19.83
N CYS B 1186 -46.92 -46.32 19.95
CA CYS B 1186 -47.21 -47.72 20.17
C CYS B 1186 -47.80 -47.95 21.56
N ARG B 1187 -47.48 -47.08 22.52
CA ARG B 1187 -48.17 -47.16 23.79
C ARG B 1187 -49.60 -46.71 23.65
N LYS B 1188 -49.85 -45.75 22.74
CA LYS B 1188 -51.21 -45.31 22.51
C LYS B 1188 -52.08 -46.43 21.95
N HIS B 1189 -51.53 -47.35 21.19
CA HIS B 1189 -52.32 -48.42 20.58
C HIS B 1189 -51.90 -49.77 21.16
N LYS B 1190 -52.66 -50.79 20.83
CA LYS B 1190 -52.52 -52.15 21.34
C LYS B 1190 -51.59 -52.96 20.43
N TYR B 1191 -51.70 -54.28 20.53
CA TYR B 1191 -50.84 -55.32 19.97
C TYR B 1191 -50.09 -54.98 18.70
N LEU B 1192 -50.79 -54.48 17.67
CA LEU B 1192 -50.11 -54.18 16.44
C LEU B 1192 -49.06 -53.11 16.67
N SER B 1193 -49.28 -52.27 17.67
CA SER B 1193 -48.23 -51.37 18.09
C SER B 1193 -47.01 -52.13 18.58
N SER B 1194 -47.19 -53.21 19.34
CA SER B 1194 -46.05 -54.01 19.75
C SER B 1194 -45.33 -54.62 18.55
N SER B 1195 -46.11 -55.11 17.58
CA SER B 1195 -45.51 -55.62 16.36
C SER B 1195 -44.66 -54.54 15.69
N GLY B 1196 -45.27 -53.37 15.47
CA GLY B 1196 -44.53 -52.26 14.88
C GLY B 1196 -43.33 -51.87 15.72
N GLU B 1197 -43.43 -52.06 17.03
CA GLU B 1197 -42.27 -51.80 17.88
C GLU B 1197 -41.12 -52.70 17.53
N VAL B 1198 -41.37 -54.01 17.41
CA VAL B 1198 -40.23 -54.88 17.12
C VAL B 1198 -39.71 -54.57 15.73
N PHE B 1199 -40.61 -54.23 14.80
CA PHE B 1199 -40.17 -53.86 13.47
C PHE B 1199 -39.32 -52.59 13.51
N ALA B 1200 -39.74 -51.62 14.31
CA ALA B 1200 -38.98 -50.40 14.46
C ALA B 1200 -37.68 -50.65 15.18
N LEU B 1201 -37.63 -51.67 16.03
CA LEU B 1201 -36.37 -52.06 16.61
C LEU B 1201 -35.42 -52.53 15.53
N LEU B 1202 -35.93 -53.35 14.63
CA LEU B 1202 -35.14 -53.72 13.46
C LEU B 1202 -34.65 -52.48 12.75
N VAL B 1203 -35.58 -51.56 12.52
CA VAL B 1203 -35.24 -50.30 11.85
C VAL B 1203 -34.09 -49.63 12.57
N SER B 1204 -34.32 -49.26 13.83
CA SER B 1204 -33.34 -48.58 14.64
C SER B 1204 -32.00 -49.27 14.58
N SER B 1205 -31.99 -50.58 14.75
CA SER B 1205 -30.77 -51.36 14.58
C SER B 1205 -30.07 -50.96 13.32
N LEU B 1206 -30.78 -51.09 12.20
CA LEU B 1206 -30.22 -50.80 10.90
C LEU B 1206 -29.70 -49.37 10.91
N LEU B 1207 -30.36 -48.52 11.68
CA LEU B 1207 -29.95 -47.13 11.71
C LEU B 1207 -28.58 -46.97 12.33
N GLU B 1208 -28.34 -47.57 13.50
CA GLU B 1208 -27.00 -47.39 14.05
C GLU B 1208 -26.00 -48.10 13.18
N ASN B 1209 -26.40 -49.20 12.57
CA ASN B 1209 -25.52 -49.85 11.61
C ASN B 1209 -25.06 -48.85 10.58
N LEU B 1210 -26.00 -48.12 9.99
CA LEU B 1210 -25.66 -47.20 8.92
C LEU B 1210 -24.84 -46.02 9.42
N LEU B 1211 -25.21 -45.47 10.58
CA LEU B 1211 -24.47 -44.32 11.07
C LEU B 1211 -23.04 -44.69 11.39
N ASP B 1212 -22.87 -45.85 12.02
CA ASP B 1212 -21.53 -46.35 12.28
C ASP B 1212 -20.80 -46.57 10.98
N TYR B 1213 -21.48 -47.16 10.00
CA TYR B 1213 -20.89 -47.34 8.67
C TYR B 1213 -20.38 -46.01 8.15
N ARG B 1214 -21.21 -44.99 8.23
CA ARG B 1214 -20.87 -43.68 7.66
C ARG B 1214 -19.66 -43.10 8.36
N THR B 1215 -19.72 -43.05 9.69
CA THR B 1215 -18.64 -42.44 10.44
C THR B 1215 -17.35 -43.20 10.24
N ILE B 1216 -17.43 -44.53 10.13
CA ILE B 1216 -16.22 -45.33 9.97
C ILE B 1216 -15.64 -45.15 8.57
N ILE B 1217 -16.50 -45.19 7.55
CA ILE B 1217 -16.03 -45.05 6.17
C ILE B 1217 -15.35 -43.69 5.97
N MET B 1218 -15.96 -42.63 6.50
CA MET B 1218 -15.36 -41.32 6.36
C MET B 1218 -14.04 -41.22 7.13
N GLN B 1219 -13.60 -42.29 7.80
CA GLN B 1219 -12.38 -42.25 8.57
C GLN B 1219 -11.52 -43.52 8.53
N ASP B 1220 -11.92 -44.60 7.85
CA ASP B 1220 -11.14 -45.84 7.92
C ASP B 1220 -10.63 -46.36 6.58
N GLU B 1221 -11.48 -46.41 5.56
CA GLU B 1221 -11.31 -47.33 4.44
C GLU B 1221 -11.32 -48.77 4.95
N MET C 8 63.36 -5.14 -31.07
CA MET C 8 62.07 -4.61 -30.61
C MET C 8 62.28 -3.39 -29.72
N GLN C 9 61.17 -2.77 -29.32
CA GLN C 9 61.21 -1.63 -28.43
C GLN C 9 59.84 -1.47 -27.79
N SER C 10 59.80 -1.54 -26.47
CA SER C 10 58.59 -1.27 -25.71
C SER C 10 58.86 -0.11 -24.76
N ILE C 11 57.93 0.83 -24.73
CA ILE C 11 58.09 2.08 -23.99
C ILE C 11 57.38 1.91 -22.66
N LYS C 12 58.05 2.25 -21.56
CA LYS C 12 57.42 2.21 -20.26
C LYS C 12 56.43 3.36 -20.17
N CYS C 13 55.15 3.05 -20.35
CA CYS C 13 54.09 4.05 -20.45
C CYS C 13 53.05 3.79 -19.38
N VAL C 14 53.06 4.59 -18.33
CA VAL C 14 52.08 4.46 -17.26
C VAL C 14 50.95 5.44 -17.52
N VAL C 15 49.72 4.95 -17.51
CA VAL C 15 48.54 5.75 -17.78
C VAL C 15 47.80 5.97 -16.48
N VAL C 16 47.64 7.23 -16.09
CA VAL C 16 47.01 7.59 -14.83
C VAL C 16 45.80 8.47 -15.10
N GLY C 17 45.15 8.92 -14.04
CA GLY C 17 43.92 9.66 -14.17
C GLY C 17 42.97 9.28 -13.06
N ASP C 18 41.90 10.06 -12.86
CA ASP C 18 41.01 9.84 -11.72
C ASP C 18 40.34 8.48 -11.82
N GLY C 19 39.80 8.03 -10.70
CA GLY C 19 39.17 6.73 -10.64
C GLY C 19 38.00 6.59 -11.61
N ALA C 20 37.95 5.47 -12.32
CA ALA C 20 36.83 5.13 -13.19
C ALA C 20 36.61 6.15 -14.30
N VAL C 21 37.67 6.83 -14.75
CA VAL C 21 37.54 7.82 -15.82
C VAL C 21 37.99 7.29 -17.17
N GLY C 22 38.18 5.98 -17.31
CA GLY C 22 38.50 5.49 -18.63
C GLY C 22 39.92 5.03 -18.84
N LYS C 23 40.77 5.10 -17.82
CA LYS C 23 42.10 4.52 -17.93
C LYS C 23 42.00 3.05 -18.34
N THR C 24 41.32 2.25 -17.51
CA THR C 24 41.01 0.88 -17.89
C THR C 24 40.29 0.85 -19.23
N CYS C 25 39.30 1.71 -19.42
CA CYS C 25 38.49 1.67 -20.64
C CYS C 25 39.34 1.96 -21.87
N LEU C 26 40.07 3.08 -21.87
CA LEU C 26 40.84 3.47 -23.04
C LEU C 26 41.96 2.47 -23.31
N LEU C 27 42.63 2.00 -22.25
CA LEU C 27 43.72 1.05 -22.43
C LEU C 27 43.23 -0.30 -22.92
N ILE C 28 42.04 -0.72 -22.49
CA ILE C 28 41.50 -1.99 -22.95
C ILE C 28 40.88 -1.82 -24.33
N CYS C 29 40.59 -0.58 -24.71
CA CYS C 29 40.26 -0.28 -26.11
C CYS C 29 41.48 -0.29 -27.00
N TYR C 30 42.66 0.01 -26.44
CA TYR C 30 43.85 0.05 -27.28
C TYR C 30 44.55 -1.30 -27.36
N THR C 31 44.71 -1.96 -26.21
CA THR C 31 45.47 -3.22 -26.15
C THR C 31 44.63 -4.40 -26.63
N THR C 32 43.40 -4.50 -26.15
CA THR C 32 42.52 -5.61 -26.51
C THR C 32 41.41 -5.21 -27.46
N ASN C 33 41.25 -3.92 -27.72
CA ASN C 33 40.26 -3.38 -28.65
C ASN C 33 38.83 -3.74 -28.26
N ALA C 34 38.54 -3.81 -26.96
CA ALA C 34 37.18 -3.94 -26.46
C ALA C 34 36.93 -2.89 -25.39
N PHE C 35 35.78 -2.23 -25.47
CA PHE C 35 35.42 -1.21 -24.47
C PHE C 35 34.92 -1.89 -23.21
N PRO C 36 35.58 -1.71 -22.05
CA PRO C 36 35.00 -2.18 -20.80
C PRO C 36 33.61 -1.60 -20.59
N LYS C 37 32.61 -2.48 -20.64
CA LYS C 37 31.22 -2.09 -20.41
C LYS C 37 30.97 -1.72 -18.95
N GLU C 38 31.55 -2.47 -18.02
CA GLU C 38 31.48 -2.17 -16.60
C GLU C 38 32.79 -1.57 -16.14
N TYR C 39 32.75 -0.83 -15.03
CA TYR C 39 33.98 -0.27 -14.48
C TYR C 39 34.87 -1.35 -13.92
N ILE C 40 35.98 -1.62 -14.58
CA ILE C 40 36.97 -2.55 -14.03
C ILE C 40 37.76 -1.81 -12.95
N PRO C 41 37.72 -2.28 -11.72
CA PRO C 41 38.50 -1.62 -10.68
C PRO C 41 39.99 -1.86 -10.86
N THR C 42 40.69 -0.84 -11.35
CA THR C 42 42.11 -0.99 -11.61
C THR C 42 42.89 -1.03 -10.31
N VAL C 43 43.79 -2.00 -10.21
CA VAL C 43 44.82 -1.97 -9.16
C VAL C 43 46.08 -1.48 -9.85
N PHE C 44 46.63 -2.30 -10.77
CA PHE C 44 47.12 -1.84 -12.06
C PHE C 44 47.61 -3.03 -12.89
N ASP C 45 47.46 -2.93 -14.21
CA ASP C 45 47.71 -4.02 -15.14
C ASP C 45 48.77 -3.61 -16.14
N ASN C 46 49.77 -4.46 -16.33
CA ASN C 46 50.89 -4.18 -17.22
C ASN C 46 50.70 -4.98 -18.50
N TYR C 47 50.42 -4.27 -19.58
CA TYR C 47 50.18 -4.88 -20.88
C TYR C 47 51.40 -4.74 -21.77
N SER C 48 51.36 -5.42 -22.91
CA SER C 48 52.25 -5.15 -24.02
C SER C 48 51.47 -5.38 -25.31
N ALA C 49 51.65 -4.46 -26.25
CA ALA C 49 50.96 -4.50 -27.53
C ALA C 49 51.94 -4.16 -28.63
N GLN C 50 51.46 -4.19 -29.88
CA GLN C 50 52.28 -3.89 -31.05
C GLN C 50 51.50 -2.98 -31.99
N SER C 51 52.14 -1.91 -32.44
CA SER C 51 51.49 -0.98 -33.34
C SER C 51 52.53 -0.20 -34.14
N ALA C 52 52.10 0.38 -35.25
CA ALA C 52 52.98 1.15 -36.13
C ALA C 52 52.71 2.63 -35.89
N VAL C 53 53.78 3.39 -35.63
CA VAL C 53 53.70 4.83 -35.42
C VAL C 53 54.45 5.51 -36.56
N ASP C 54 53.69 6.19 -37.43
CA ASP C 54 54.24 6.99 -38.53
C ASP C 54 55.34 6.24 -39.30
N GLY C 55 55.14 4.95 -39.54
CA GLY C 55 56.07 4.16 -40.31
C GLY C 55 57.07 3.36 -39.52
N ARG C 56 56.93 3.26 -38.21
CA ARG C 56 57.86 2.49 -37.38
C ARG C 56 57.07 1.58 -36.46
N THR C 57 57.19 0.27 -36.65
CA THR C 57 56.51 -0.67 -35.78
C THR C 57 57.21 -0.71 -34.43
N VAL C 58 56.42 -0.87 -33.37
CA VAL C 58 56.92 -0.70 -32.02
C VAL C 58 56.04 -1.51 -31.08
N ASN C 59 56.67 -2.02 -30.02
CA ASN C 59 55.97 -2.63 -28.91
C ASN C 59 55.63 -1.56 -27.87
N LEU C 60 54.59 -1.80 -27.10
CA LEU C 60 54.18 -0.89 -26.03
C LEU C 60 54.04 -1.69 -24.74
N ASN C 61 54.85 -1.35 -23.74
CA ASN C 61 54.68 -1.87 -22.39
C ASN C 61 53.86 -0.83 -21.62
N LEU C 62 52.59 -1.16 -21.43
CA LEU C 62 51.60 -0.19 -20.97
C LEU C 62 51.14 -0.51 -19.56
N TRP C 63 50.44 0.46 -18.96
CA TRP C 63 49.90 0.34 -17.61
C TRP C 63 48.51 0.94 -17.52
N ASP C 64 47.53 0.09 -17.25
CA ASP C 64 46.30 0.55 -16.62
C ASP C 64 46.57 0.74 -15.14
N THR C 65 46.81 1.99 -14.72
CA THR C 65 47.14 2.25 -13.33
C THR C 65 45.96 2.89 -12.61
N ALA C 66 45.97 2.72 -11.28
CA ALA C 66 44.81 3.00 -10.43
C ALA C 66 44.50 4.49 -10.40
N GLY C 67 43.23 4.80 -10.65
CA GLY C 67 42.71 6.10 -10.25
C GLY C 67 42.61 6.24 -8.75
N LEU C 68 42.69 5.13 -8.03
CA LEU C 68 42.59 5.13 -6.58
C LEU C 68 43.79 5.80 -5.93
N GLU C 69 43.52 6.65 -4.94
CA GLU C 69 44.60 7.12 -4.08
C GLU C 69 45.15 5.99 -3.25
N GLU C 70 44.31 5.00 -2.91
CA GLU C 70 44.73 3.90 -2.04
C GLU C 70 45.89 3.11 -2.64
N TYR C 71 45.74 2.66 -3.88
CA TYR C 71 46.83 2.03 -4.60
C TYR C 71 47.68 3.04 -5.36
N ASP C 72 47.51 4.33 -5.03
CA ASP C 72 48.43 5.36 -5.45
C ASP C 72 49.87 4.87 -5.32
N ARG C 73 50.22 4.42 -4.11
CA ARG C 73 51.55 3.87 -3.84
C ARG C 73 51.91 2.79 -4.85
N LEU C 74 51.00 1.84 -5.06
CA LEU C 74 51.24 0.79 -6.03
C LEU C 74 51.42 1.40 -7.41
N ARG C 75 50.56 2.37 -7.72
CA ARG C 75 50.75 3.14 -8.95
C ARG C 75 52.04 3.94 -8.90
N THR C 76 52.37 4.54 -7.74
CA THR C 76 53.69 5.13 -7.64
C THR C 76 54.79 4.09 -7.71
N LEU C 77 54.49 2.83 -7.43
CA LEU C 77 55.43 1.76 -7.68
C LEU C 77 55.71 1.62 -9.17
N SER C 78 54.72 1.90 -10.01
CA SER C 78 54.94 2.00 -11.44
C SER C 78 55.62 3.31 -11.81
N TYR C 79 55.68 4.27 -10.89
CA TYR C 79 56.31 5.55 -11.18
C TYR C 79 57.78 5.44 -11.55
N PRO C 80 58.62 4.71 -10.82
CA PRO C 80 60.03 4.61 -11.22
C PRO C 80 60.14 3.89 -12.55
N GLN C 81 61.20 4.21 -13.30
CA GLN C 81 61.56 3.62 -14.58
C GLN C 81 60.60 4.06 -15.68
N THR C 82 59.53 4.79 -15.36
CA THR C 82 58.51 5.06 -16.37
C THR C 82 59.02 6.10 -17.35
N ASN C 83 58.78 5.85 -18.64
CA ASN C 83 59.32 6.73 -19.66
C ASN C 83 58.28 7.72 -20.16
N VAL C 84 57.00 7.45 -19.98
CA VAL C 84 55.97 8.42 -20.38
C VAL C 84 54.74 8.26 -19.50
N PHE C 85 54.07 9.38 -19.26
CA PHE C 85 52.95 9.49 -18.34
C PHE C 85 51.74 9.88 -19.16
N VAL C 86 50.93 8.90 -19.54
CA VAL C 86 49.72 9.22 -20.28
C VAL C 86 48.62 9.45 -19.25
N ILE C 87 48.22 10.69 -19.06
CA ILE C 87 47.25 11.05 -18.04
C ILE C 87 45.94 11.29 -18.76
N CYS C 88 44.96 10.44 -18.50
CA CYS C 88 43.67 10.50 -19.15
C CYS C 88 42.62 10.98 -18.16
N PHE C 89 42.14 12.21 -18.35
CA PHE C 89 41.17 12.82 -17.47
C PHE C 89 39.80 12.78 -18.15
N SER C 90 38.76 12.61 -17.34
CA SER C 90 37.41 12.56 -17.86
C SER C 90 36.98 13.93 -18.36
N ILE C 91 36.65 14.00 -19.66
CA ILE C 91 35.88 15.14 -20.15
C ILE C 91 34.54 15.23 -19.45
N ALA C 92 33.93 14.09 -19.13
CA ALA C 92 32.69 14.03 -18.38
C ALA C 92 32.86 14.40 -16.91
N SER C 93 34.08 14.36 -16.39
CA SER C 93 34.36 14.76 -15.00
C SER C 93 35.51 15.76 -15.01
N PRO C 94 35.21 17.03 -15.22
CA PRO C 94 36.25 18.07 -15.10
C PRO C 94 36.85 18.14 -13.71
N PRO C 95 36.18 17.59 -12.68
CA PRO C 95 36.94 17.28 -11.46
C PRO C 95 38.18 16.44 -11.71
N SER C 96 38.15 15.52 -12.68
CA SER C 96 39.37 14.83 -13.06
C SER C 96 40.39 15.79 -13.65
N TYR C 97 39.93 16.73 -14.46
CA TYR C 97 40.78 17.82 -14.93
C TYR C 97 41.47 18.51 -13.75
N GLU C 98 40.70 18.77 -12.70
CA GLU C 98 41.26 19.46 -11.53
C GLU C 98 42.29 18.59 -10.81
N ASN C 99 41.97 17.32 -10.59
CA ASN C 99 42.92 16.46 -9.88
C ASN C 99 44.17 16.21 -10.71
N VAL C 100 44.04 16.26 -12.04
CA VAL C 100 45.21 16.21 -12.91
C VAL C 100 46.07 17.44 -12.69
N ARG C 101 45.44 18.61 -12.67
CA ARG C 101 46.20 19.84 -12.53
C ARG C 101 46.54 20.11 -11.07
N HIS C 102 46.18 19.20 -10.17
CA HIS C 102 46.46 19.32 -8.75
C HIS C 102 47.17 18.13 -8.15
N LYS C 103 46.81 16.90 -8.55
CA LYS C 103 47.48 15.71 -8.04
C LYS C 103 48.22 14.95 -9.12
N TRP C 104 47.52 14.53 -10.18
CA TRP C 104 48.09 13.56 -11.11
C TRP C 104 49.39 14.06 -11.71
N HIS C 105 49.33 15.12 -12.51
CA HIS C 105 50.56 15.71 -13.04
C HIS C 105 51.51 16.15 -11.93
N PRO C 106 51.06 16.83 -10.86
CA PRO C 106 51.99 17.12 -9.77
C PRO C 106 52.66 15.88 -9.21
N GLU C 107 51.88 14.89 -8.80
CA GLU C 107 52.45 13.71 -8.16
C GLU C 107 53.44 12.99 -9.09
N VAL C 108 53.08 12.84 -10.36
CA VAL C 108 53.96 12.15 -11.28
C VAL C 108 55.23 12.96 -11.56
N CYS C 109 55.12 14.28 -11.71
CA CYS C 109 56.33 15.07 -11.90
C CYS C 109 57.13 15.22 -10.62
N HIS C 110 56.56 14.84 -9.47
CA HIS C 110 57.35 14.87 -8.25
C HIS C 110 58.11 13.57 -8.06
N HIS C 111 57.47 12.44 -8.36
CA HIS C 111 58.24 11.20 -8.38
C HIS C 111 59.15 11.09 -9.60
N CYS C 112 58.79 11.76 -10.70
CA CYS C 112 59.57 11.66 -11.94
C CYS C 112 59.33 12.93 -12.77
N PRO C 113 60.19 13.94 -12.61
CA PRO C 113 60.07 15.14 -13.44
C PRO C 113 60.58 14.91 -14.86
N ASP C 114 60.23 15.83 -15.76
CA ASP C 114 60.77 15.93 -17.12
C ASP C 114 60.36 14.75 -17.99
N VAL C 115 59.67 13.78 -17.43
CA VAL C 115 59.15 12.66 -18.23
C VAL C 115 58.06 13.18 -19.16
N PRO C 116 58.04 12.74 -20.42
CA PRO C 116 56.96 13.16 -21.31
C PRO C 116 55.61 12.81 -20.73
N ILE C 117 54.66 13.74 -20.88
CA ILE C 117 53.31 13.59 -20.35
C ILE C 117 52.32 13.88 -21.46
N LEU C 118 51.41 12.94 -21.69
CA LEU C 118 50.41 13.05 -22.74
C LEU C 118 49.04 13.25 -22.11
N LEU C 119 48.43 14.41 -22.33
CA LEU C 119 47.13 14.69 -21.75
C LEU C 119 46.05 14.14 -22.66
N VAL C 120 45.06 13.48 -22.07
CA VAL C 120 44.00 12.84 -22.86
C VAL C 120 42.65 13.20 -22.26
N GLY C 121 41.72 13.57 -23.11
CA GLY C 121 40.33 13.75 -22.73
C GLY C 121 39.54 12.50 -23.02
N THR C 122 39.34 11.66 -22.00
CA THR C 122 38.51 10.48 -22.19
C THR C 122 37.06 10.88 -22.34
N LYS C 123 36.26 9.95 -22.88
CA LYS C 123 34.83 10.18 -23.08
C LYS C 123 34.60 11.39 -23.98
N LYS C 124 35.45 11.52 -25.00
CA LYS C 124 35.33 12.65 -25.92
C LYS C 124 33.99 12.67 -26.65
N ASP C 125 33.38 11.51 -26.87
CA ASP C 125 32.14 11.42 -27.63
C ASP C 125 30.99 12.15 -26.95
N LEU C 126 31.22 12.67 -25.75
CA LEU C 126 30.16 13.19 -24.91
C LEU C 126 30.06 14.70 -24.92
N ARG C 127 30.94 15.39 -25.65
CA ARG C 127 31.01 16.84 -25.58
C ARG C 127 29.79 17.49 -26.22
N ALA C 128 29.43 17.06 -27.42
CA ALA C 128 28.20 17.50 -28.07
C ALA C 128 27.03 16.59 -27.75
N GLN C 129 27.28 15.43 -27.14
CA GLN C 129 26.23 14.50 -26.79
C GLN C 129 25.33 15.10 -25.72
N PRO C 130 24.00 15.07 -25.91
CA PRO C 130 23.11 15.73 -24.94
C PRO C 130 23.27 15.23 -23.52
N ASP C 131 23.49 13.93 -23.36
CA ASP C 131 23.43 13.31 -22.04
C ASP C 131 24.46 13.90 -21.09
N THR C 132 25.72 13.89 -21.50
CA THR C 132 26.77 14.38 -20.60
C THR C 132 26.68 15.88 -20.43
N LEU C 133 26.32 16.61 -21.49
CA LEU C 133 26.09 18.04 -21.36
C LEU C 133 25.10 18.32 -20.23
N ARG C 134 23.88 17.80 -20.36
CA ARG C 134 22.85 18.06 -19.36
C ARG C 134 23.24 17.54 -17.99
N ARG C 135 23.93 16.40 -17.92
CA ARG C 135 24.40 15.90 -16.63
C ARG C 135 25.29 16.91 -15.95
N LEU C 136 26.35 17.36 -16.63
CA LEU C 136 27.26 18.29 -15.99
C LEU C 136 26.61 19.64 -15.76
N LYS C 137 25.57 19.97 -16.53
CA LYS C 137 24.84 21.22 -16.28
C LYS C 137 24.04 21.15 -14.99
N GLU C 138 23.29 20.07 -14.78
CA GLU C 138 22.65 19.89 -13.49
C GLU C 138 23.70 19.63 -12.41
N GLN C 139 24.92 19.30 -12.82
CA GLN C 139 26.06 19.31 -11.94
C GLN C 139 26.82 20.63 -11.96
N GLY C 140 26.32 21.63 -12.71
CA GLY C 140 26.92 22.95 -12.71
C GLY C 140 28.30 23.02 -13.32
N GLN C 141 28.69 22.03 -14.10
CA GLN C 141 30.01 21.95 -14.70
C GLN C 141 29.84 21.75 -16.21
N ALA C 142 30.91 21.96 -16.96
CA ALA C 142 30.84 21.81 -18.41
C ALA C 142 31.83 20.75 -18.87
N PRO C 143 31.40 19.87 -19.78
CA PRO C 143 32.34 18.88 -20.34
C PRO C 143 33.53 19.57 -20.97
N ILE C 144 34.70 18.96 -20.83
CA ILE C 144 35.95 19.64 -21.11
C ILE C 144 35.98 20.04 -22.59
N THR C 145 35.92 21.34 -22.84
CA THR C 145 36.08 21.84 -24.18
C THR C 145 37.52 21.64 -24.63
N PRO C 146 37.74 21.45 -25.93
CA PRO C 146 39.11 21.15 -26.41
C PRO C 146 40.12 22.21 -26.02
N GLN C 147 39.76 23.48 -26.02
CA GLN C 147 40.70 24.51 -25.63
C GLN C 147 41.01 24.44 -24.13
N GLN C 148 40.03 24.00 -23.33
CA GLN C 148 40.31 23.78 -21.91
C GLN C 148 41.32 22.66 -21.72
N GLY C 149 41.19 21.58 -22.48
CA GLY C 149 42.19 20.53 -22.42
C GLY C 149 43.54 20.98 -22.95
N GLN C 150 43.54 21.86 -23.95
CA GLN C 150 44.78 22.46 -24.40
C GLN C 150 45.43 23.27 -23.30
N ALA C 151 44.61 24.01 -22.54
CA ALA C 151 45.10 24.77 -21.41
C ALA C 151 45.69 23.86 -20.35
N LEU C 152 45.03 22.74 -20.07
CA LEU C 152 45.59 21.77 -19.13
C LEU C 152 46.90 21.19 -19.64
N ALA C 153 46.98 20.91 -20.93
CA ALA C 153 48.19 20.34 -21.51
C ALA C 153 49.37 21.30 -21.38
N LYS C 154 49.16 22.56 -21.78
CA LYS C 154 50.22 23.55 -21.64
C LYS C 154 50.54 23.82 -20.18
N GLN C 155 49.53 23.79 -19.31
CA GLN C 155 49.74 23.87 -17.87
C GLN C 155 50.75 22.83 -17.39
N ILE C 156 50.52 21.58 -17.74
CA ILE C 156 51.34 20.47 -17.29
C ILE C 156 52.48 20.32 -18.29
N HIS C 157 52.58 21.27 -19.22
CA HIS C 157 53.54 21.22 -20.31
C HIS C 157 53.45 19.89 -21.05
N ALA C 158 52.24 19.42 -21.28
CA ALA C 158 52.05 18.12 -21.90
C ALA C 158 52.55 18.14 -23.35
N VAL C 159 52.89 16.96 -23.85
CA VAL C 159 53.24 16.83 -25.26
C VAL C 159 52.09 17.23 -26.16
N ARG C 160 50.86 16.91 -25.76
CA ARG C 160 49.67 17.26 -26.51
C ARG C 160 48.45 16.86 -25.70
N TYR C 161 47.34 17.55 -25.95
CA TYR C 161 46.05 17.13 -25.44
C TYR C 161 45.30 16.43 -26.56
N LEU C 162 44.96 15.17 -26.33
CA LEU C 162 44.30 14.34 -27.33
C LEU C 162 43.03 13.77 -26.74
N GLU C 163 41.93 13.85 -27.48
CA GLU C 163 40.62 13.45 -27.00
C GLU C 163 40.27 12.06 -27.53
N CYS C 164 39.75 11.21 -26.64
CA CYS C 164 39.42 9.84 -26.99
C CYS C 164 38.03 9.51 -26.49
N SER C 165 37.35 8.63 -27.23
CA SER C 165 36.07 8.07 -26.83
C SER C 165 36.21 6.56 -26.81
N ALA C 166 36.41 6.00 -25.60
CA ALA C 166 36.55 4.56 -25.48
C ALA C 166 35.26 3.85 -25.86
N LEU C 167 34.10 4.51 -25.67
CA LEU C 167 32.84 3.92 -26.09
C LEU C 167 32.82 3.69 -27.59
N GLN C 168 33.35 4.64 -28.36
CA GLN C 168 33.34 4.58 -29.80
C GLN C 168 34.67 4.11 -30.39
N GLN C 169 35.58 3.61 -29.56
CA GLN C 169 36.95 3.28 -29.96
C GLN C 169 37.68 4.50 -30.51
N ASP C 170 37.16 5.69 -30.21
CA ASP C 170 37.62 6.93 -30.84
C ASP C 170 38.90 7.43 -30.18
N GLY C 171 39.81 7.94 -31.01
CA GLY C 171 41.02 8.60 -30.54
C GLY C 171 42.06 7.66 -29.96
N VAL C 172 41.66 6.41 -29.72
CA VAL C 172 42.47 5.50 -28.91
C VAL C 172 43.84 5.27 -29.54
N LYS C 173 43.84 4.70 -30.75
CA LYS C 173 45.10 4.30 -31.38
C LYS C 173 45.97 5.51 -31.66
N GLU C 174 45.36 6.63 -32.06
CA GLU C 174 46.12 7.86 -32.27
C GLU C 174 46.75 8.35 -30.97
N VAL C 175 45.97 8.31 -29.88
CA VAL C 175 46.50 8.74 -28.58
C VAL C 175 47.74 7.93 -28.24
N PHE C 176 47.70 6.64 -28.47
CA PHE C 176 48.84 5.83 -28.02
C PHE C 176 50.00 5.84 -29.00
N ALA C 177 49.73 6.07 -30.29
CA ALA C 177 50.82 6.38 -31.22
C ALA C 177 51.52 7.67 -30.81
N GLU C 178 50.75 8.66 -30.34
CA GLU C 178 51.34 9.87 -29.78
C GLU C 178 52.17 9.57 -28.55
N ALA C 179 51.65 8.72 -27.67
CA ALA C 179 52.40 8.31 -26.50
C ALA C 179 53.72 7.67 -26.87
N VAL C 180 53.73 6.90 -27.97
CA VAL C 180 54.98 6.32 -28.44
C VAL C 180 55.90 7.40 -28.98
N ARG C 181 55.37 8.28 -29.84
CA ARG C 181 56.27 9.18 -30.56
C ARG C 181 56.86 10.22 -29.63
N ALA C 182 56.14 10.54 -28.55
CA ALA C 182 56.63 11.54 -27.61
C ALA C 182 57.98 11.14 -27.01
N VAL C 183 58.15 9.87 -26.66
CA VAL C 183 59.44 9.32 -26.27
C VAL C 183 60.33 9.13 -27.49
N LEU C 184 59.76 8.68 -28.60
CA LEU C 184 60.54 8.50 -29.82
C LEU C 184 61.20 9.79 -30.25
N ASN C 185 60.44 10.87 -30.36
CA ASN C 185 60.98 12.13 -30.85
C ASN C 185 60.57 13.25 -29.91
N PRO C 186 61.42 13.60 -28.94
CA PRO C 186 61.05 14.66 -28.00
C PRO C 186 60.84 15.99 -28.70
N THR C 187 59.82 16.75 -28.19
CA THR C 187 59.31 18.05 -28.60
C THR C 187 59.87 19.15 -27.70
N PRO C 188 60.03 20.38 -28.22
CA PRO C 188 60.64 21.44 -27.41
C PRO C 188 59.70 22.01 -26.35
MG MG D . 42.18 2.95 -13.64
PG GTP E . 40.21 3.19 -12.23
O1G GTP E . 39.29 3.43 -11.05
O2G GTP E . 41.63 3.37 -11.76
O3G GTP E . 40.00 1.81 -12.80
O3B GTP E . 39.84 4.29 -13.34
PB GTP E . 39.73 3.89 -14.89
O1B GTP E . 40.78 2.85 -15.21
O2B GTP E . 39.91 5.13 -15.71
O3A GTP E . 38.27 3.25 -15.13
PA GTP E . 37.62 3.45 -16.59
O1A GTP E . 38.44 2.68 -17.58
O2A GTP E . 37.53 4.91 -16.98
O5' GTP E . 36.18 2.73 -16.52
C5' GTP E . 35.16 3.29 -15.74
C4' GTP E . 34.08 3.91 -16.63
O4' GTP E . 34.62 4.79 -17.58
C3' GTP E . 33.28 2.90 -17.43
O3' GTP E . 32.16 2.46 -16.71
C2' GTP E . 32.85 3.68 -18.66
O2' GTP E . 31.48 3.96 -18.62
C1' GTP E . 33.65 4.99 -18.58
N9 GTP E . 34.26 5.37 -19.86
C8 GTP E . 35.59 5.47 -20.14
N7 GTP E . 35.75 5.88 -21.41
C5 GTP E . 34.52 6.06 -21.95
C6 GTP E . 34.10 6.49 -23.20
O6 GTP E . 34.92 6.78 -24.08
N1 GTP E . 32.76 6.59 -23.46
C2 GTP E . 31.84 6.27 -22.50
N2 GTP E . 30.54 6.36 -22.76
N3 GTP E . 32.26 5.86 -21.25
C4 GTP E . 33.58 5.76 -20.98
#